data_8C0Z
#
_entry.id   8C0Z
#
_cell.length_a   1.00
_cell.length_b   1.00
_cell.length_c   1.00
_cell.angle_alpha   90.00
_cell.angle_beta   90.00
_cell.angle_gamma   90.00
#
_symmetry.space_group_name_H-M   'P 1'
#
loop_
_entity.id
_entity.type
_entity.pdbx_description
1 polymer 'Aldehyde:ferredoxin oxidoreductase,tungsten-containing'
2 polymer 'Iron-sulfur cluster-binding protein potential subunit of aldehyde oxidoreductase'
3 polymer 'Similar to ferredoxin:NADH oxidoreductases or NADH oxidases,potential subunit of aldehyde oxidoreductase'
4 non-polymer 'IRON/SULFUR CLUSTER'
5 non-polymer 'tungsten cofactor'
6 non-polymer 'MAGNESIUM ION'
7 non-polymer 'BENZOIC ACID'
8 non-polymer 'FLAVIN-ADENINE DINUCLEOTIDE'
#
loop_
_entity_poly.entity_id
_entity_poly.type
_entity_poly.pdbx_seq_one_letter_code
_entity_poly.pdbx_strand_id
1 'polypeptide(L)'
;MGWNRKVLRVNLAEGTCTPEPLNMQWADEYLGSRGLATKYLVSETDPKVDPLSPDNKMIMATGPLTGTMASTGGRYTVVT
KGPLTGAIACSNSGGFFGAEMKFAGWDMVIFEGRSPTPVYLFIENERAELRDASYLWGRSCWETEESIRAQHQDPLIRVS
SIGRAGENQVMFACIVNDLHRAAGRSGVGAVMGSKNLKAVAIRGTKGVSGIRDFPGFVRATSEAKKVLAGNPVTSEGLPK
FGTQVLMNVINEMGALPTRNHRDVQFEDASKISAEAMHEKRPSDGKPQLVTNAACFGCTIACGRISAIDKTHFTVKNNPK
YWGASGGLEYEAAWALGAANGVGDLEALQYANLLCNEQGMDPISFGATVGAAMELYETGVLTKERIGLDAPFGSADALAK
LAEMTATGEGFGKEIGLGSKRLCEKYGHPELSMSVKGQEFPAYDSRGIQGMGLAYATSNRGACHLRGYTVASEVLGVPVK
TDPHVIEGKAELVKAFQDATAVFDSAGICVFTSFAWTLADVQPQIAAACDGDWSMDKLATVGERIWNMERQFNNAAGLGA
QDDNLPPRLTSEPAKSGPAKGMVNRLAEMLPEYYGVRGWTPEGTPTPETLSRLGLS
;
A,B
2 'polypeptide(L)'
;MASAWSHPQFEKGGGSGGGSGGSAWSHPQFEKSGMWKSLHIDPAKCTGCLQCEMACSYEHTGVINPSKSRIKVFSFEHEG
RKVPYTCTQCTEAWCLHSCPVDAIRLDLTTGAKMVFEDTCVGCKVCTIACPFGTINYNQDTGKVQKCDLCEGDPACAKAC
PTAAITYIDADWTGLARMQAWAAKANTPASAA
;
C,F
3 'polypeptide(L)'
;MKHVILGNGPAGVIAAETLRRAAPTDDILLFGSEDAPPYSRMAIPYLLEGNIDESGTWLRKSPGHFDRLRIHEMRGRAVS
LDSERRRILFDDGHFESWDRLLIATGSHPVRPPIPGIDLPEVQTCWTLEDARAIARFATPGARVLQLGAGFIGCIIMEAL
AARGVELTVVEMGDRMVPRMMTPTAGGMIRKWVEDQGVRVVTNAGVSRIDCRASNDAPLDVTLSTGEVVVADLVIVAAGV
APNIAFLEATPVHVAKGVLVDDRLQTSVPGIFAAGDVAEAPDLFTGAHLVAAIQPNAADQARVAALNMAGHEARLKGVLA
INVLDTLGLISSSFGQWWGEERERGGAGVEHVDEAAYRYLSLQFKDDVLIGATSIGLTEHVGALRGLIHGRVRLGEWKER
LLHSPLQFVDAYIARSQQPMALVR
;
E
#
loop_
_chem_comp.id
_chem_comp.type
_chem_comp.name
_chem_comp.formula
BEZ non-polymer 'BENZOIC ACID' 'C7 H6 O2'
FAD non-polymer 'FLAVIN-ADENINE DINUCLEOTIDE' 'C27 H33 N9 O15 P2'
MG non-polymer 'MAGNESIUM ION' 'Mg 2'
SF4 non-polymer 'IRON/SULFUR CLUSTER' 'Fe4 S4'
T7R non-polymer 'tungsten cofactor' 'C20 H24 N10 O14 P2 S4 W'
#
# COMPACT_ATOMS: atom_id res chain seq x y z
N MET A 1 -39.57 1.74 -7.74
CA MET A 1 -39.72 1.06 -9.02
C MET A 1 -38.35 0.78 -9.63
N GLY A 2 -38.28 -0.23 -10.51
CA GLY A 2 -37.01 -0.70 -11.02
C GLY A 2 -36.18 0.35 -11.73
N TRP A 3 -36.79 1.43 -12.18
CA TRP A 3 -36.07 2.51 -12.83
C TRP A 3 -35.42 3.43 -11.81
N ASN A 4 -34.36 4.10 -12.23
CA ASN A 4 -33.67 5.08 -11.40
C ASN A 4 -33.89 6.51 -11.85
N ARG A 5 -34.53 6.72 -13.01
CA ARG A 5 -34.96 8.02 -13.51
C ARG A 5 -33.77 8.97 -13.74
N LYS A 6 -32.87 8.56 -14.63
CA LYS A 6 -31.69 9.37 -14.95
C LYS A 6 -31.08 8.90 -16.25
N VAL A 7 -30.73 9.84 -17.13
CA VAL A 7 -30.03 9.54 -18.38
C VAL A 7 -28.84 10.49 -18.51
N LEU A 8 -27.80 10.01 -19.18
CA LEU A 8 -26.49 10.68 -19.18
C LEU A 8 -26.37 11.76 -20.25
N ARG A 9 -26.56 11.39 -21.53
CA ARG A 9 -26.51 12.34 -22.65
C ARG A 9 -25.16 13.05 -22.73
N VAL A 10 -24.14 12.26 -23.09
CA VAL A 10 -22.80 12.80 -23.30
C VAL A 10 -22.66 13.28 -24.73
N ASN A 11 -21.82 14.31 -24.92
CA ASN A 11 -21.56 14.92 -26.23
C ASN A 11 -20.09 14.66 -26.57
N LEU A 12 -19.85 13.72 -27.49
CA LEU A 12 -18.47 13.32 -27.79
C LEU A 12 -17.67 14.43 -28.47
N ALA A 13 -18.33 15.44 -29.05
CA ALA A 13 -17.61 16.48 -29.78
C ALA A 13 -16.93 17.49 -28.87
N GLU A 14 -17.52 17.79 -27.71
CA GLU A 14 -16.95 18.82 -26.84
C GLU A 14 -17.06 18.45 -25.35
N GLY A 15 -17.10 17.16 -25.02
CA GLY A 15 -17.29 16.78 -23.64
C GLY A 15 -18.70 17.09 -23.18
N THR A 16 -18.82 17.74 -22.02
CA THR A 16 -20.08 18.27 -21.50
C THR A 16 -21.12 17.14 -21.34
N CYS A 17 -20.82 16.25 -20.40
CA CYS A 17 -21.75 15.19 -20.01
C CYS A 17 -22.61 15.71 -18.86
N THR A 18 -23.89 15.98 -19.16
CA THR A 18 -24.78 16.64 -18.21
C THR A 18 -26.01 15.79 -17.98
N PRO A 19 -26.42 15.56 -16.72
CA PRO A 19 -27.55 14.65 -16.44
C PRO A 19 -28.90 15.19 -16.91
N GLU A 20 -29.93 14.35 -16.89
CA GLU A 20 -31.24 14.69 -17.39
C GLU A 20 -32.28 13.70 -16.88
N PRO A 21 -33.47 14.16 -16.47
CA PRO A 21 -34.49 13.23 -15.94
C PRO A 21 -35.03 12.30 -17.02
N LEU A 22 -35.46 11.11 -16.57
CA LEU A 22 -36.07 10.14 -17.45
C LEU A 22 -37.50 10.56 -17.80
N ASN A 23 -37.94 10.16 -18.98
CA ASN A 23 -39.27 10.53 -19.48
C ASN A 23 -40.25 9.44 -19.06
N MET A 24 -40.99 9.69 -17.98
CA MET A 24 -42.13 8.84 -17.67
C MET A 24 -43.26 9.11 -18.67
N GLN A 25 -44.30 8.27 -18.61
CA GLN A 25 -45.39 8.12 -19.57
C GLN A 25 -44.91 7.41 -20.83
N TRP A 26 -43.60 7.19 -20.98
CA TRP A 26 -43.06 6.26 -21.96
C TRP A 26 -42.58 4.97 -21.34
N ALA A 27 -42.18 4.99 -20.07
CA ALA A 27 -41.73 3.78 -19.40
C ALA A 27 -42.90 2.85 -19.11
N ASP A 28 -44.07 3.40 -18.82
CA ASP A 28 -45.26 2.58 -18.57
C ASP A 28 -45.99 2.20 -19.85
N GLU A 29 -45.40 2.49 -21.02
CA GLU A 29 -45.94 2.02 -22.29
C GLU A 29 -44.96 1.15 -23.07
N TYR A 30 -43.70 1.07 -22.65
CA TYR A 30 -42.70 0.28 -23.35
C TYR A 30 -41.83 -0.58 -22.46
N LEU A 31 -41.82 -0.37 -21.14
CA LEU A 31 -41.22 -1.18 -20.10
C LEU A 31 -39.68 -1.09 -20.10
N GLY A 32 -39.06 -0.47 -21.09
CA GLY A 32 -37.63 -0.26 -21.08
C GLY A 32 -36.84 -1.41 -21.69
N SER A 33 -35.59 -1.08 -22.06
CA SER A 33 -34.53 -2.01 -22.43
C SER A 33 -34.70 -2.69 -23.77
N ARG A 34 -35.88 -2.59 -24.38
CA ARG A 34 -35.99 -2.83 -25.81
C ARG A 34 -36.98 -1.89 -26.49
N GLY A 35 -37.83 -1.20 -25.76
CA GLY A 35 -38.79 -0.29 -26.34
C GLY A 35 -38.45 1.14 -26.03
N LEU A 36 -37.95 1.40 -24.83
CA LEU A 36 -37.60 2.77 -24.43
C LEU A 36 -36.42 3.29 -25.24
N ALA A 37 -35.38 2.47 -25.40
CA ALA A 37 -34.20 2.88 -26.16
C ALA A 37 -34.55 3.15 -27.61
N THR A 38 -35.31 2.24 -28.23
CA THR A 38 -35.68 2.45 -29.61
C THR A 38 -36.72 3.55 -29.77
N LYS A 39 -37.54 3.80 -28.74
CA LYS A 39 -38.44 4.95 -28.80
C LYS A 39 -37.65 6.25 -28.79
N TYR A 40 -36.62 6.33 -27.95
CA TYR A 40 -35.73 7.49 -27.95
C TYR A 40 -35.09 7.67 -29.32
N LEU A 41 -34.52 6.58 -29.86
CA LEU A 41 -33.83 6.65 -31.14
C LEU A 41 -34.76 7.09 -32.26
N VAL A 42 -35.92 6.43 -32.38
CA VAL A 42 -36.89 6.76 -33.42
C VAL A 42 -37.39 8.19 -33.27
N SER A 43 -37.58 8.65 -32.03
CA SER A 43 -38.14 9.97 -31.81
C SER A 43 -37.14 11.11 -31.99
N GLU A 44 -35.83 10.85 -31.95
CA GLU A 44 -34.88 11.95 -32.12
C GLU A 44 -33.85 11.77 -33.23
N THR A 45 -34.03 10.82 -34.15
CA THR A 45 -33.15 10.73 -35.33
C THR A 45 -34.01 10.66 -36.59
N ASP A 46 -33.34 10.69 -37.74
CA ASP A 46 -34.01 10.52 -39.02
C ASP A 46 -33.55 9.21 -39.65
N PRO A 47 -34.46 8.42 -40.23
CA PRO A 47 -34.08 7.09 -40.71
C PRO A 47 -33.23 7.10 -41.97
N LYS A 48 -33.17 8.21 -42.70
CA LYS A 48 -32.47 8.25 -43.98
C LYS A 48 -30.96 8.44 -43.81
N VAL A 49 -30.47 8.62 -42.58
CA VAL A 49 -29.05 8.84 -42.36
C VAL A 49 -28.26 7.59 -42.74
N ASP A 50 -27.02 7.80 -43.17
CA ASP A 50 -26.12 6.69 -43.43
C ASP A 50 -25.70 6.04 -42.12
N PRO A 51 -25.31 4.74 -42.15
CA PRO A 51 -25.01 4.03 -40.90
C PRO A 51 -23.90 4.64 -40.06
N LEU A 52 -22.70 4.81 -40.62
CA LEU A 52 -21.57 5.34 -39.87
C LEU A 52 -21.30 6.77 -40.33
N SER A 53 -21.45 7.72 -39.40
CA SER A 53 -21.29 9.15 -39.57
C SER A 53 -21.46 9.80 -38.21
N PRO A 54 -21.02 11.05 -38.02
CA PRO A 54 -21.29 11.73 -36.73
C PRO A 54 -22.76 11.90 -36.42
N ASP A 55 -23.63 11.95 -37.44
CA ASP A 55 -25.05 12.20 -37.21
C ASP A 55 -25.76 11.02 -36.56
N ASN A 56 -25.12 9.85 -36.50
CA ASN A 56 -25.74 8.68 -35.88
C ASN A 56 -25.75 8.83 -34.36
N LYS A 57 -26.33 7.84 -33.68
CA LYS A 57 -26.44 7.85 -32.24
C LYS A 57 -26.36 6.42 -31.73
N MET A 58 -25.93 6.26 -30.48
CA MET A 58 -25.80 4.95 -29.88
C MET A 58 -26.38 4.97 -28.47
N ILE A 59 -27.10 3.93 -28.09
CA ILE A 59 -27.80 3.92 -26.80
C ILE A 59 -27.49 2.62 -26.06
N MET A 60 -27.09 2.74 -24.80
CA MET A 60 -26.91 1.60 -23.91
C MET A 60 -27.99 1.64 -22.85
N ALA A 61 -28.70 0.53 -22.67
CA ALA A 61 -29.87 0.52 -21.79
C ALA A 61 -29.94 -0.75 -20.97
N THR A 62 -30.68 -0.67 -19.87
CA THR A 62 -30.96 -1.79 -18.96
C THR A 62 -32.46 -1.86 -18.70
N GLY A 63 -32.89 -2.89 -17.99
CA GLY A 63 -34.29 -3.11 -17.73
C GLY A 63 -34.70 -2.85 -16.29
N PRO A 64 -35.99 -2.89 -16.01
CA PRO A 64 -36.46 -2.69 -14.63
C PRO A 64 -35.97 -3.76 -13.64
N LEU A 65 -35.84 -5.00 -14.08
CA LEU A 65 -35.41 -6.10 -13.21
C LEU A 65 -33.91 -6.38 -13.34
N THR A 66 -33.13 -5.39 -13.76
CA THR A 66 -31.69 -5.55 -13.91
C THR A 66 -31.01 -5.27 -12.58
N GLY A 67 -30.22 -6.23 -12.10
CA GLY A 67 -29.52 -6.05 -10.85
C GLY A 67 -30.37 -6.21 -9.60
N THR A 68 -31.45 -6.99 -9.66
CA THR A 68 -32.29 -7.28 -8.52
C THR A 68 -32.15 -8.75 -8.14
N MET A 69 -32.97 -9.17 -7.17
CA MET A 69 -32.90 -10.53 -6.64
C MET A 69 -33.53 -11.56 -7.56
N ALA A 70 -34.23 -11.14 -8.61
CA ALA A 70 -34.88 -12.08 -9.51
C ALA A 70 -33.83 -12.90 -10.25
N SER A 71 -34.25 -14.10 -10.68
CA SER A 71 -33.33 -15.02 -11.33
C SER A 71 -32.94 -14.49 -12.70
N THR A 72 -31.65 -14.60 -13.04
CA THR A 72 -31.08 -14.23 -14.32
C THR A 72 -31.25 -12.74 -14.65
N GLY A 73 -31.38 -11.88 -13.65
CA GLY A 73 -31.60 -10.47 -13.90
C GLY A 73 -30.34 -9.63 -13.98
N GLY A 74 -29.54 -9.82 -15.03
CA GLY A 74 -28.31 -9.05 -15.17
C GLY A 74 -27.94 -8.66 -16.58
N ARG A 75 -28.93 -8.43 -17.45
CA ARG A 75 -28.69 -8.27 -18.87
C ARG A 75 -28.95 -6.85 -19.33
N TYR A 76 -28.20 -6.42 -20.35
CA TYR A 76 -28.32 -5.07 -20.90
C TYR A 76 -28.29 -5.14 -22.42
N THR A 77 -28.54 -3.99 -23.06
CA THR A 77 -28.66 -3.95 -24.51
C THR A 77 -27.98 -2.72 -25.07
N VAL A 78 -27.63 -2.83 -26.36
CA VAL A 78 -27.07 -1.74 -27.16
C VAL A 78 -27.94 -1.58 -28.39
N VAL A 79 -28.45 -0.37 -28.62
CA VAL A 79 -29.38 -0.08 -29.71
C VAL A 79 -28.77 1.02 -30.58
N THR A 80 -28.77 0.78 -31.89
CA THR A 80 -28.28 1.76 -32.86
C THR A 80 -28.85 1.41 -34.23
N LYS A 81 -28.32 2.05 -35.27
CA LYS A 81 -28.65 1.71 -36.65
C LYS A 81 -27.47 0.96 -37.25
N GLY A 82 -27.66 -0.33 -37.51
CA GLY A 82 -26.58 -1.21 -37.89
C GLY A 82 -25.99 -0.90 -39.25
N PRO A 83 -24.66 -1.02 -39.36
CA PRO A 83 -23.99 -0.77 -40.64
C PRO A 83 -23.93 -1.96 -41.59
N LEU A 84 -24.19 -3.18 -41.11
CA LEU A 84 -24.14 -4.35 -41.97
C LEU A 84 -25.45 -4.56 -42.74
N THR A 85 -26.57 -4.05 -42.23
CA THR A 85 -27.87 -4.29 -42.83
C THR A 85 -28.54 -3.04 -43.36
N GLY A 86 -28.50 -1.94 -42.62
CA GLY A 86 -29.26 -0.74 -42.94
C GLY A 86 -30.54 -0.60 -42.15
N ALA A 87 -30.92 -1.60 -41.38
CA ALA A 87 -32.08 -1.54 -40.51
C ALA A 87 -31.66 -1.26 -39.08
N ILE A 88 -32.62 -1.29 -38.16
CA ILE A 88 -32.34 -1.00 -36.77
C ILE A 88 -31.68 -2.23 -36.12
N ALA A 89 -30.64 -1.98 -35.31
CA ALA A 89 -29.88 -3.04 -34.68
C ALA A 89 -30.02 -2.97 -33.17
N CYS A 90 -30.31 -4.12 -32.56
CA CYS A 90 -30.43 -4.27 -31.12
C CYS A 90 -29.66 -5.51 -30.70
N SER A 91 -28.64 -5.32 -29.85
CA SER A 91 -27.81 -6.42 -29.39
C SER A 91 -27.94 -6.57 -27.89
N ASN A 92 -27.98 -7.81 -27.42
CA ASN A 92 -28.23 -8.12 -26.01
C ASN A 92 -27.01 -8.82 -25.44
N SER A 93 -26.56 -8.36 -24.27
CA SER A 93 -25.37 -8.92 -23.64
C SER A 93 -25.62 -9.13 -22.15
N GLY A 94 -24.91 -10.12 -21.60
CA GLY A 94 -25.05 -10.47 -20.20
C GLY A 94 -23.89 -10.01 -19.34
N GLY A 95 -23.19 -10.96 -18.71
CA GLY A 95 -22.03 -10.61 -17.92
C GLY A 95 -22.39 -9.88 -16.63
N PHE A 96 -21.50 -8.99 -16.19
CA PHE A 96 -21.66 -8.26 -14.95
C PHE A 96 -21.70 -6.74 -15.13
N PHE A 97 -21.87 -6.26 -16.36
CA PHE A 97 -21.75 -4.82 -16.62
C PHE A 97 -23.06 -4.08 -16.40
N GLY A 98 -24.18 -4.67 -16.83
CA GLY A 98 -25.47 -4.00 -16.66
C GLY A 98 -25.85 -3.83 -15.21
N ALA A 99 -25.55 -4.83 -14.38
CA ALA A 99 -25.83 -4.73 -12.95
C ALA A 99 -25.00 -3.62 -12.31
N GLU A 100 -23.73 -3.49 -12.71
CA GLU A 100 -22.88 -2.43 -12.16
C GLU A 100 -23.37 -1.05 -12.60
N MET A 101 -23.82 -0.92 -13.85
CA MET A 101 -24.41 0.34 -14.27
C MET A 101 -25.68 0.65 -13.47
N LYS A 102 -26.46 -0.37 -13.15
CA LYS A 102 -27.64 -0.17 -12.31
C LYS A 102 -27.26 0.27 -10.90
N PHE A 103 -26.20 -0.32 -10.34
CA PHE A 103 -25.78 0.05 -8.98
C PHE A 103 -25.16 1.44 -8.94
N ALA A 104 -24.60 1.91 -10.06
CA ALA A 104 -23.99 3.23 -10.08
C ALA A 104 -25.03 4.34 -9.85
N GLY A 105 -26.20 4.20 -10.45
CA GLY A 105 -27.25 5.18 -10.26
C GLY A 105 -27.99 5.54 -11.53
N TRP A 106 -27.40 5.22 -12.68
CA TRP A 106 -27.98 5.52 -13.98
C TRP A 106 -28.67 4.27 -14.53
N ASP A 107 -29.48 4.46 -15.58
CA ASP A 107 -30.00 3.30 -16.29
C ASP A 107 -30.06 3.49 -17.82
N MET A 108 -29.40 4.51 -18.36
CA MET A 108 -29.34 4.70 -19.80
C MET A 108 -28.20 5.66 -20.13
N VAL A 109 -27.45 5.36 -21.19
CA VAL A 109 -26.34 6.18 -21.65
C VAL A 109 -26.52 6.42 -23.15
N ILE A 110 -26.41 7.68 -23.56
CA ILE A 110 -26.61 8.07 -24.96
C ILE A 110 -25.32 8.72 -25.47
N PHE A 111 -24.80 8.19 -26.57
CA PHE A 111 -23.62 8.73 -27.24
C PHE A 111 -24.01 9.38 -28.55
N GLU A 112 -23.62 10.64 -28.73
CA GLU A 112 -23.89 11.36 -29.97
C GLU A 112 -22.65 12.17 -30.36
N GLY A 113 -22.36 12.20 -31.65
CA GLY A 113 -21.22 12.95 -32.16
C GLY A 113 -19.98 12.09 -32.32
N ARG A 114 -18.90 12.76 -32.74
CA ARG A 114 -17.60 12.12 -32.92
C ARG A 114 -16.52 12.98 -32.28
N SER A 115 -15.63 12.31 -31.53
CA SER A 115 -14.56 12.98 -30.79
C SER A 115 -13.33 13.17 -31.66
N PRO A 116 -12.70 14.34 -31.63
CA PRO A 116 -11.48 14.55 -32.42
C PRO A 116 -10.31 13.67 -32.01
N THR A 117 -10.22 13.29 -30.74
CA THR A 117 -9.10 12.52 -30.21
C THR A 117 -9.61 11.29 -29.47
N PRO A 118 -8.82 10.22 -29.41
CA PRO A 118 -9.26 9.02 -28.70
C PRO A 118 -9.47 9.26 -27.21
N VAL A 119 -10.63 8.84 -26.73
CA VAL A 119 -11.01 9.01 -25.32
C VAL A 119 -11.64 7.73 -24.80
N TYR A 120 -11.95 7.71 -23.50
CA TYR A 120 -12.76 6.66 -22.90
C TYR A 120 -13.48 7.25 -21.71
N LEU A 121 -14.55 6.59 -21.28
CA LEU A 121 -15.43 7.15 -20.26
C LEU A 121 -15.19 6.48 -18.91
N PHE A 122 -15.27 7.27 -17.84
CA PHE A 122 -15.10 6.77 -16.48
C PHE A 122 -16.21 7.32 -15.61
N ILE A 123 -16.92 6.45 -14.90
CA ILE A 123 -18.09 6.83 -14.10
C ILE A 123 -17.95 6.33 -12.66
N GLU A 124 -18.15 7.24 -11.68
CA GLU A 124 -18.31 6.89 -10.26
C GLU A 124 -19.48 7.69 -9.66
N ASN A 125 -20.68 7.13 -9.78
CA ASN A 125 -21.87 7.37 -8.97
C ASN A 125 -22.48 8.77 -9.09
N GLU A 126 -21.68 9.77 -9.45
CA GLU A 126 -22.18 11.08 -9.79
C GLU A 126 -21.26 11.70 -10.83
N ARG A 127 -20.05 11.14 -10.94
CA ARG A 127 -18.96 11.77 -11.67
C ARG A 127 -18.67 10.96 -12.91
N ALA A 128 -19.09 11.46 -14.07
CA ALA A 128 -18.71 10.91 -15.35
C ALA A 128 -17.72 11.85 -16.00
N GLU A 129 -16.63 11.32 -16.53
CA GLU A 129 -15.66 12.16 -17.22
C GLU A 129 -14.94 11.38 -18.30
N LEU A 130 -14.50 12.10 -19.32
CA LEU A 130 -13.79 11.55 -20.47
C LEU A 130 -12.30 11.74 -20.28
N ARG A 131 -11.54 10.67 -20.51
CA ARG A 131 -10.10 10.67 -20.30
C ARG A 131 -9.39 10.20 -21.55
N ASP A 132 -8.18 10.73 -21.75
CA ASP A 132 -7.40 10.38 -22.93
C ASP A 132 -7.01 8.92 -22.92
N ALA A 133 -7.00 8.31 -24.11
CA ALA A 133 -6.66 6.91 -24.25
C ALA A 133 -5.73 6.67 -25.43
N SER A 134 -4.87 7.64 -25.74
CA SER A 134 -3.98 7.51 -26.89
C SER A 134 -2.91 6.45 -26.68
N TYR A 135 -2.65 6.05 -25.44
CA TYR A 135 -1.74 4.96 -25.14
C TYR A 135 -2.46 3.61 -25.14
N LEU A 136 -3.78 3.59 -25.38
CA LEU A 136 -4.55 2.36 -25.42
C LEU A 136 -5.03 1.98 -26.82
N TRP A 137 -4.92 2.89 -27.78
CA TRP A 137 -5.37 2.59 -29.14
C TRP A 137 -4.46 1.56 -29.79
N GLY A 138 -5.07 0.49 -30.30
CA GLY A 138 -4.31 -0.58 -30.94
C GLY A 138 -3.95 -1.71 -30.00
N ARG A 139 -4.82 -2.00 -29.03
CA ARG A 139 -4.60 -3.09 -28.09
C ARG A 139 -5.85 -3.95 -28.03
N SER A 140 -5.67 -5.18 -27.57
CA SER A 140 -6.78 -6.12 -27.46
C SER A 140 -7.65 -5.82 -26.25
N CYS A 141 -8.80 -6.49 -26.17
CA CYS A 141 -9.76 -6.23 -25.09
C CYS A 141 -9.20 -6.63 -23.73
N TRP A 142 -8.52 -7.77 -23.67
CA TRP A 142 -7.95 -8.23 -22.41
C TRP A 142 -6.90 -7.24 -21.91
N GLU A 143 -6.05 -6.76 -22.80
CA GLU A 143 -4.98 -5.85 -22.41
C GLU A 143 -5.52 -4.51 -21.93
N THR A 144 -6.53 -3.96 -22.62
CA THR A 144 -7.05 -2.66 -22.19
C THR A 144 -7.82 -2.79 -20.87
N GLU A 145 -8.51 -3.92 -20.66
CA GLU A 145 -9.17 -4.14 -19.38
C GLU A 145 -8.16 -4.19 -18.25
N GLU A 146 -7.11 -5.00 -18.40
CA GLU A 146 -6.09 -5.11 -17.37
C GLU A 146 -5.36 -3.78 -17.15
N SER A 147 -5.11 -3.04 -18.23
CA SER A 147 -4.40 -1.77 -18.12
C SER A 147 -5.22 -0.75 -17.33
N ILE A 148 -6.52 -0.64 -17.63
CA ILE A 148 -7.36 0.30 -16.90
C ILE A 148 -7.44 -0.10 -15.42
N ARG A 149 -7.64 -1.40 -15.16
CA ARG A 149 -7.79 -1.85 -13.78
C ARG A 149 -6.51 -1.66 -12.99
N ALA A 150 -5.35 -1.84 -13.62
CA ALA A 150 -4.08 -1.66 -12.92
C ALA A 150 -3.77 -0.18 -12.70
N GLN A 151 -4.08 0.67 -13.68
CA GLN A 151 -3.78 2.08 -13.53
C GLN A 151 -4.67 2.74 -12.49
N HIS A 152 -5.93 2.32 -12.37
CA HIS A 152 -6.83 2.96 -11.42
C HIS A 152 -6.73 2.39 -10.01
N GLN A 153 -5.94 1.33 -9.80
CA GLN A 153 -5.71 0.73 -8.48
C GLN A 153 -7.02 0.32 -7.81
N ASP A 154 -7.85 -0.41 -8.56
CA ASP A 154 -9.15 -0.84 -8.06
C ASP A 154 -9.57 -2.14 -8.74
N PRO A 155 -9.63 -3.25 -8.01
CA PRO A 155 -10.05 -4.52 -8.60
C PRO A 155 -11.56 -4.74 -8.67
N LEU A 156 -12.37 -3.70 -8.49
CA LEU A 156 -13.82 -3.82 -8.53
C LEU A 156 -14.45 -2.95 -9.60
N ILE A 157 -13.70 -2.63 -10.66
CA ILE A 157 -14.16 -1.80 -11.76
C ILE A 157 -14.58 -2.70 -12.92
N ARG A 158 -15.72 -2.39 -13.54
CA ARG A 158 -16.20 -3.15 -14.69
C ARG A 158 -15.94 -2.37 -15.97
N VAL A 159 -15.39 -3.05 -16.97
CA VAL A 159 -14.92 -2.44 -18.20
C VAL A 159 -15.59 -3.09 -19.40
N SER A 160 -15.96 -2.27 -20.38
CA SER A 160 -16.46 -2.74 -21.67
C SER A 160 -15.68 -2.05 -22.78
N SER A 161 -15.14 -2.82 -23.72
CA SER A 161 -14.21 -2.29 -24.71
C SER A 161 -14.38 -3.03 -26.03
N ILE A 162 -13.53 -2.68 -26.99
CA ILE A 162 -13.51 -3.28 -28.32
C ILE A 162 -12.08 -3.71 -28.65
N GLY A 163 -11.96 -4.52 -29.69
CA GLY A 163 -10.69 -5.01 -30.16
C GLY A 163 -10.14 -4.23 -31.33
N ARG A 164 -9.29 -4.89 -32.13
CA ARG A 164 -8.71 -4.24 -33.30
C ARG A 164 -9.69 -4.15 -34.46
N ALA A 165 -10.63 -5.11 -34.55
CA ALA A 165 -11.59 -5.08 -35.65
C ALA A 165 -12.54 -3.90 -35.54
N GLY A 166 -12.81 -3.43 -34.33
CA GLY A 166 -13.60 -2.22 -34.17
C GLY A 166 -12.88 -0.99 -34.68
N GLU A 167 -11.58 -0.89 -34.42
CA GLU A 167 -10.80 0.25 -34.92
C GLU A 167 -10.65 0.19 -36.42
N ASN A 168 -10.46 -1.01 -36.98
CA ASN A 168 -10.34 -1.17 -38.43
C ASN A 168 -11.68 -1.05 -39.15
N GLN A 169 -12.78 -0.93 -38.40
CA GLN A 169 -14.13 -0.80 -38.96
C GLN A 169 -14.52 -2.02 -39.80
N VAL A 170 -14.16 -3.21 -39.32
CA VAL A 170 -14.68 -4.44 -39.91
C VAL A 170 -16.17 -4.49 -39.68
N MET A 171 -16.91 -4.91 -40.71
CA MET A 171 -18.37 -4.75 -40.72
C MET A 171 -19.06 -5.61 -39.67
N PHE A 172 -18.43 -6.67 -39.18
CA PHE A 172 -19.03 -7.54 -38.18
C PHE A 172 -18.24 -7.55 -36.88
N ALA A 173 -17.78 -6.37 -36.45
CA ALA A 173 -17.13 -6.25 -35.15
C ALA A 173 -18.18 -6.29 -34.04
N CYS A 174 -17.72 -6.27 -32.79
CA CYS A 174 -18.62 -6.42 -31.65
C CYS A 174 -18.03 -5.70 -30.45
N ILE A 175 -18.71 -5.84 -29.31
CA ILE A 175 -18.34 -5.22 -28.05
C ILE A 175 -18.25 -6.32 -27.00
N VAL A 176 -17.10 -6.41 -26.32
CA VAL A 176 -16.82 -7.51 -25.40
C VAL A 176 -16.66 -6.94 -23.99
N ASN A 177 -17.29 -7.60 -23.02
CA ASN A 177 -17.12 -7.27 -21.61
C ASN A 177 -16.93 -8.54 -20.81
N ASP A 178 -15.92 -8.56 -19.94
CA ASP A 178 -15.51 -9.69 -19.10
C ASP A 178 -14.95 -10.85 -19.91
N LEU A 179 -14.10 -10.53 -20.89
CA LEU A 179 -13.19 -11.45 -21.59
C LEU A 179 -13.89 -12.44 -22.52
N HIS A 180 -15.21 -12.50 -22.44
CA HIS A 180 -16.10 -13.24 -23.33
C HIS A 180 -17.50 -12.72 -23.01
N ARG A 181 -18.55 -13.39 -23.51
CA ARG A 181 -19.93 -12.90 -23.37
C ARG A 181 -20.08 -11.52 -24.03
N ALA A 182 -19.96 -11.50 -25.35
CA ALA A 182 -20.00 -10.26 -26.11
C ALA A 182 -21.33 -10.07 -26.82
N ALA A 183 -21.51 -8.89 -27.40
CA ALA A 183 -22.59 -8.61 -28.33
C ALA A 183 -22.17 -9.12 -29.71
N GLY A 184 -22.89 -8.73 -30.77
CA GLY A 184 -22.46 -9.12 -32.10
C GLY A 184 -23.54 -8.87 -33.13
N ARG A 185 -23.49 -9.71 -34.18
CA ARG A 185 -24.43 -9.75 -35.30
C ARG A 185 -24.29 -8.54 -36.21
N SER A 186 -25.02 -7.47 -35.93
CA SER A 186 -25.14 -6.36 -36.87
C SER A 186 -23.94 -5.42 -36.89
N GLY A 187 -22.86 -5.76 -36.20
CA GLY A 187 -21.65 -4.95 -36.25
C GLY A 187 -21.76 -3.63 -35.51
N VAL A 188 -21.97 -3.68 -34.20
CA VAL A 188 -22.04 -2.47 -33.40
C VAL A 188 -20.66 -1.93 -33.07
N GLY A 189 -19.63 -2.77 -33.14
CA GLY A 189 -18.27 -2.31 -32.89
C GLY A 189 -17.79 -1.30 -33.90
N ALA A 190 -18.20 -1.44 -35.16
CA ALA A 190 -17.83 -0.47 -36.17
C ALA A 190 -18.42 0.90 -35.87
N VAL A 191 -19.67 0.94 -35.41
CA VAL A 191 -20.30 2.21 -35.03
C VAL A 191 -19.59 2.80 -33.81
N MET A 192 -19.24 1.96 -32.84
CA MET A 192 -18.55 2.47 -31.65
C MET A 192 -17.17 3.03 -32.01
N GLY A 193 -16.44 2.35 -32.89
CA GLY A 193 -15.11 2.81 -33.27
C GLY A 193 -15.12 3.98 -34.23
N SER A 194 -16.22 4.17 -34.97
CA SER A 194 -16.32 5.34 -35.83
C SER A 194 -16.55 6.61 -35.03
N LYS A 195 -17.07 6.46 -33.81
CA LYS A 195 -17.25 7.60 -32.92
C LYS A 195 -15.99 7.94 -32.14
N ASN A 196 -14.91 7.19 -32.37
CA ASN A 196 -13.60 7.42 -31.77
C ASN A 196 -13.68 7.30 -30.25
N LEU A 197 -14.34 6.25 -29.79
CA LEU A 197 -14.46 5.93 -28.37
C LEU A 197 -13.91 4.53 -28.13
N LYS A 198 -13.10 4.38 -27.08
CA LYS A 198 -12.38 3.13 -26.86
C LYS A 198 -13.05 2.23 -25.82
N ALA A 199 -13.41 2.74 -24.65
CA ALA A 199 -13.92 1.87 -23.60
C ALA A 199 -14.76 2.68 -22.61
N VAL A 200 -15.57 1.94 -21.84
CA VAL A 200 -16.36 2.48 -20.75
C VAL A 200 -15.98 1.74 -19.47
N ALA A 201 -15.67 2.50 -18.42
CA ALA A 201 -15.31 1.94 -17.12
C ALA A 201 -16.26 2.49 -16.07
N ILE A 202 -16.81 1.59 -15.27
CA ILE A 202 -17.87 1.95 -14.33
C ILE A 202 -17.62 1.27 -12.99
N ARG A 203 -18.01 1.95 -11.92
CA ARG A 203 -17.79 1.50 -10.55
C ARG A 203 -18.86 2.15 -9.68
N GLY A 204 -19.74 1.34 -9.10
CA GLY A 204 -20.91 1.86 -8.41
C GLY A 204 -21.06 1.33 -7.01
N THR A 205 -21.35 2.24 -6.08
CA THR A 205 -21.55 1.90 -4.66
C THR A 205 -22.73 2.66 -4.08
N LYS A 206 -23.84 2.74 -4.83
CA LYS A 206 -25.03 3.43 -4.35
C LYS A 206 -26.20 2.50 -4.06
N GLY A 207 -26.30 1.37 -4.74
CA GLY A 207 -27.32 0.39 -4.43
C GLY A 207 -28.62 0.63 -5.17
N VAL A 208 -29.34 -0.46 -5.44
CA VAL A 208 -30.64 -0.39 -6.11
C VAL A 208 -31.68 -0.25 -5.01
N SER A 209 -32.11 0.97 -4.77
CA SER A 209 -33.22 1.24 -3.87
C SER A 209 -34.47 1.51 -4.70
N GLY A 210 -35.58 1.77 -4.02
CA GLY A 210 -36.79 2.15 -4.72
C GLY A 210 -37.46 1.01 -5.45
N ILE A 211 -37.98 0.03 -4.71
CA ILE A 211 -38.90 -0.95 -5.24
C ILE A 211 -40.21 -0.78 -4.46
N ARG A 212 -41.33 -0.69 -5.19
CA ARG A 212 -42.59 -0.28 -4.58
C ARG A 212 -43.10 -1.26 -3.52
N ASP A 213 -42.58 -2.48 -3.49
CA ASP A 213 -42.99 -3.46 -2.50
C ASP A 213 -41.84 -4.44 -2.28
N PHE A 214 -41.14 -4.30 -1.16
CA PHE A 214 -40.02 -5.20 -0.84
C PHE A 214 -40.49 -6.61 -0.46
N PRO A 215 -41.37 -6.80 0.54
CA PRO A 215 -41.73 -8.18 0.90
C PRO A 215 -42.46 -8.92 -0.20
N GLY A 216 -43.32 -8.22 -0.96
CA GLY A 216 -44.00 -8.86 -2.07
C GLY A 216 -43.05 -9.31 -3.15
N PHE A 217 -42.05 -8.48 -3.47
CA PHE A 217 -41.05 -8.86 -4.46
C PHE A 217 -40.22 -10.04 -3.99
N VAL A 218 -39.84 -10.05 -2.71
CA VAL A 218 -39.04 -11.15 -2.18
C VAL A 218 -39.84 -12.46 -2.25
N ARG A 219 -41.10 -12.42 -1.84
CA ARG A 219 -41.95 -13.61 -1.91
C ARG A 219 -42.15 -14.07 -3.35
N ALA A 220 -42.35 -13.12 -4.27
CA ALA A 220 -42.58 -13.48 -5.67
C ALA A 220 -41.36 -14.17 -6.26
N THR A 221 -40.16 -13.63 -6.00
CA THR A 221 -38.95 -14.26 -6.51
C THR A 221 -38.70 -15.63 -5.87
N SER A 222 -39.00 -15.76 -4.57
CA SER A 222 -38.83 -17.04 -3.90
C SER A 222 -39.76 -18.10 -4.49
N GLU A 223 -41.01 -17.73 -4.78
CA GLU A 223 -41.91 -18.67 -5.43
C GLU A 223 -41.49 -18.97 -6.86
N ALA A 224 -40.97 -17.98 -7.57
CA ALA A 224 -40.62 -18.17 -8.99
C ALA A 224 -39.41 -19.07 -9.15
N LYS A 225 -38.46 -19.01 -8.20
CA LYS A 225 -37.27 -19.85 -8.33
C LYS A 225 -37.59 -21.33 -8.13
N LYS A 226 -38.70 -21.65 -7.45
CA LYS A 226 -39.03 -23.05 -7.21
C LYS A 226 -39.45 -23.75 -8.50
N VAL A 227 -40.15 -23.05 -9.38
CA VAL A 227 -40.53 -23.62 -10.67
C VAL A 227 -39.31 -23.94 -11.50
N LEU A 228 -38.31 -23.05 -11.47
CA LEU A 228 -37.12 -23.21 -12.30
C LEU A 228 -36.24 -24.35 -11.82
N ALA A 229 -36.34 -24.72 -10.54
CA ALA A 229 -35.47 -25.73 -9.96
C ALA A 229 -36.04 -27.15 -10.05
N GLY A 230 -37.25 -27.32 -10.59
CA GLY A 230 -37.83 -28.64 -10.71
C GLY A 230 -37.94 -29.13 -12.13
N ASN A 231 -37.70 -28.25 -13.10
CA ASN A 231 -37.76 -28.62 -14.51
C ASN A 231 -36.51 -29.41 -14.90
N PRO A 232 -36.66 -30.55 -15.56
CA PRO A 232 -35.47 -31.35 -15.94
C PRO A 232 -34.53 -30.62 -16.88
N VAL A 233 -35.04 -29.72 -17.73
CA VAL A 233 -34.18 -29.02 -18.67
C VAL A 233 -33.29 -28.01 -17.94
N THR A 234 -33.87 -27.26 -17.00
CA THR A 234 -33.16 -26.18 -16.34
C THR A 234 -32.63 -26.58 -14.96
N SER A 235 -32.47 -27.88 -14.70
CA SER A 235 -31.87 -28.32 -13.45
C SER A 235 -30.74 -29.31 -13.70
N GLU A 236 -30.84 -30.08 -14.77
CA GLU A 236 -29.80 -31.06 -15.08
C GLU A 236 -29.27 -30.95 -16.50
N GLY A 237 -30.10 -30.58 -17.47
CA GLY A 237 -29.66 -30.54 -18.85
C GLY A 237 -28.74 -29.39 -19.18
N LEU A 238 -29.25 -28.16 -19.04
CA LEU A 238 -28.45 -26.98 -19.33
C LEU A 238 -27.20 -26.84 -18.45
N PRO A 239 -27.26 -27.00 -17.11
CA PRO A 239 -26.02 -26.84 -16.32
C PRO A 239 -24.94 -27.85 -16.65
N LYS A 240 -25.30 -29.06 -17.08
CA LYS A 240 -24.32 -30.11 -17.32
C LYS A 240 -23.82 -30.15 -18.76
N PHE A 241 -24.67 -29.88 -19.73
CA PHE A 241 -24.30 -30.00 -21.14
C PHE A 241 -24.18 -28.67 -21.88
N GLY A 242 -24.95 -27.67 -21.50
CA GLY A 242 -24.93 -26.40 -22.21
C GLY A 242 -25.73 -26.44 -23.49
N THR A 243 -25.58 -25.37 -24.28
CA THR A 243 -26.34 -25.26 -25.52
C THR A 243 -25.83 -26.18 -26.63
N GLN A 244 -24.67 -26.82 -26.44
CA GLN A 244 -24.10 -27.69 -27.46
C GLN A 244 -24.88 -28.99 -27.63
N VAL A 245 -25.62 -29.41 -26.60
CA VAL A 245 -26.31 -30.70 -26.60
C VAL A 245 -27.26 -30.85 -27.79
N LEU A 246 -27.71 -29.74 -28.38
CA LEU A 246 -28.61 -29.77 -29.52
C LEU A 246 -27.99 -30.38 -30.77
N MET A 247 -26.66 -30.33 -30.91
CA MET A 247 -26.01 -30.64 -32.19
C MET A 247 -26.46 -31.99 -32.75
N ASN A 248 -26.15 -33.07 -32.01
CA ASN A 248 -26.54 -34.41 -32.46
C ASN A 248 -28.04 -34.48 -32.73
N VAL A 249 -28.85 -33.86 -31.87
CA VAL A 249 -30.30 -33.87 -32.05
C VAL A 249 -30.67 -33.34 -33.42
N ILE A 250 -30.12 -32.18 -33.78
CA ILE A 250 -30.43 -31.60 -35.09
C ILE A 250 -29.95 -32.51 -36.20
N ASN A 251 -28.78 -33.14 -35.99
CA ASN A 251 -28.23 -34.02 -37.02
C ASN A 251 -29.12 -35.25 -37.23
N GLU A 252 -29.87 -35.64 -36.20
CA GLU A 252 -30.74 -36.81 -36.36
C GLU A 252 -31.97 -36.47 -37.17
N MET A 253 -32.28 -35.18 -37.32
CA MET A 253 -33.45 -34.79 -38.08
C MET A 253 -33.12 -34.43 -39.53
N GLY A 254 -31.85 -34.35 -39.88
CA GLY A 254 -31.46 -33.97 -41.22
C GLY A 254 -31.80 -32.52 -41.54
N ALA A 255 -31.53 -31.62 -40.61
CA ALA A 255 -31.79 -30.20 -40.76
C ALA A 255 -30.59 -29.37 -40.34
N LEU A 256 -29.39 -29.86 -40.64
CA LEU A 256 -28.15 -29.16 -40.30
C LEU A 256 -27.39 -28.81 -41.56
N PRO A 257 -27.26 -27.53 -41.89
CA PRO A 257 -26.54 -27.15 -43.12
C PRO A 257 -25.06 -27.52 -43.04
N THR A 258 -24.50 -27.81 -44.21
CA THR A 258 -23.09 -28.21 -44.30
C THR A 258 -22.54 -27.76 -45.65
N ARG A 259 -21.34 -27.19 -45.61
CA ARG A 259 -20.58 -26.79 -46.80
C ARG A 259 -21.38 -25.79 -47.65
N ASN A 260 -21.64 -24.63 -47.05
CA ASN A 260 -22.37 -23.53 -47.69
C ASN A 260 -23.75 -23.99 -48.16
N HIS A 261 -24.48 -24.63 -47.25
CA HIS A 261 -25.87 -25.07 -47.48
C HIS A 261 -26.00 -26.04 -48.65
N ARG A 262 -24.93 -26.78 -48.95
CA ARG A 262 -24.98 -27.78 -50.01
C ARG A 262 -25.52 -29.13 -49.53
N ASP A 263 -25.35 -29.45 -48.25
CA ASP A 263 -25.81 -30.70 -47.67
C ASP A 263 -26.76 -30.39 -46.53
N VAL A 264 -27.36 -31.44 -45.95
CA VAL A 264 -28.29 -31.29 -44.85
C VAL A 264 -27.89 -32.19 -43.70
N GLN A 265 -26.74 -32.85 -43.81
CA GLN A 265 -26.25 -33.71 -42.75
C GLN A 265 -24.73 -33.72 -42.77
N PHE A 266 -24.13 -33.70 -41.59
CA PHE A 266 -22.67 -33.73 -41.45
C PHE A 266 -22.25 -35.08 -40.91
N GLU A 267 -21.28 -35.71 -41.58
CA GLU A 267 -20.88 -37.06 -41.21
C GLU A 267 -20.04 -37.06 -39.93
N ASP A 268 -19.33 -35.96 -39.65
CA ASP A 268 -18.47 -35.86 -38.48
C ASP A 268 -19.09 -35.02 -37.37
N ALA A 269 -20.43 -34.97 -37.31
CA ALA A 269 -21.09 -34.18 -36.28
C ALA A 269 -20.93 -34.78 -34.89
N SER A 270 -20.54 -36.05 -34.80
CA SER A 270 -20.30 -36.70 -33.52
C SER A 270 -18.90 -36.45 -32.98
N LYS A 271 -18.06 -35.74 -33.72
CA LYS A 271 -16.70 -35.44 -33.29
C LYS A 271 -16.56 -34.02 -32.75
N ILE A 272 -17.63 -33.22 -32.78
CA ILE A 272 -17.58 -31.85 -32.28
C ILE A 272 -18.75 -31.59 -31.35
N SER A 273 -19.43 -32.66 -30.92
CA SER A 273 -20.58 -32.53 -30.04
C SER A 273 -20.13 -32.43 -28.58
N ALA A 274 -21.11 -32.43 -27.67
CA ALA A 274 -20.80 -32.27 -26.25
C ALA A 274 -20.08 -33.48 -25.68
N GLU A 275 -20.45 -34.68 -26.15
CA GLU A 275 -19.76 -35.88 -25.68
C GLU A 275 -18.30 -35.87 -26.08
N ALA A 276 -17.98 -35.33 -27.25
CA ALA A 276 -16.58 -35.18 -27.66
C ALA A 276 -15.84 -34.22 -26.74
N MET A 277 -16.54 -33.23 -26.17
CA MET A 277 -15.93 -32.39 -25.15
C MET A 277 -15.77 -33.12 -23.82
N HIS A 278 -16.62 -34.10 -23.53
CA HIS A 278 -16.56 -34.80 -22.25
C HIS A 278 -15.58 -35.96 -22.25
N GLU A 279 -14.92 -36.26 -23.37
CA GLU A 279 -13.99 -37.37 -23.45
C GLU A 279 -12.57 -36.94 -23.07
N LYS A 280 -11.72 -37.93 -22.83
CA LYS A 280 -10.33 -37.70 -22.48
C LYS A 280 -9.45 -37.76 -23.71
N ARG A 281 -8.52 -36.81 -23.82
CA ARG A 281 -7.60 -36.79 -24.95
C ARG A 281 -6.48 -37.80 -24.73
N PRO A 282 -6.10 -38.56 -25.75
CA PRO A 282 -5.00 -39.54 -25.57
C PRO A 282 -3.67 -38.91 -25.22
N SER A 283 -3.43 -37.67 -25.64
CA SER A 283 -2.14 -37.03 -25.38
C SER A 283 -1.92 -36.79 -23.88
N ASP A 284 -2.96 -36.36 -23.17
CA ASP A 284 -2.83 -36.00 -21.76
C ASP A 284 -3.74 -36.79 -20.84
N GLY A 285 -4.79 -37.42 -21.34
CA GLY A 285 -5.73 -38.11 -20.48
C GLY A 285 -6.56 -37.20 -19.59
N LYS A 286 -7.00 -36.06 -20.13
CA LYS A 286 -7.82 -35.13 -19.37
C LYS A 286 -8.78 -34.42 -20.31
N PRO A 287 -10.04 -34.24 -19.91
CA PRO A 287 -11.02 -33.67 -20.83
C PRO A 287 -10.81 -32.20 -21.08
N GLN A 288 -11.47 -31.69 -22.13
CA GLN A 288 -11.34 -30.30 -22.52
C GLN A 288 -12.20 -29.37 -21.66
N LEU A 289 -13.15 -29.90 -20.91
CA LEU A 289 -14.04 -29.10 -20.09
C LEU A 289 -13.57 -29.11 -18.65
N VAL A 290 -13.70 -27.97 -17.97
CA VAL A 290 -13.27 -27.85 -16.59
C VAL A 290 -14.46 -27.77 -15.66
N THR A 291 -15.28 -26.72 -15.81
CA THR A 291 -16.36 -26.39 -14.89
C THR A 291 -17.31 -25.47 -15.65
N ASN A 292 -18.50 -25.21 -15.12
CA ASN A 292 -19.43 -24.25 -15.69
C ASN A 292 -19.48 -23.00 -14.81
N ALA A 293 -19.94 -21.90 -15.40
CA ALA A 293 -20.01 -20.61 -14.73
C ALA A 293 -21.38 -19.99 -14.99
N ALA A 294 -21.69 -18.93 -14.24
CA ALA A 294 -23.00 -18.30 -14.32
C ALA A 294 -22.86 -16.79 -14.45
N CYS A 295 -23.85 -16.18 -15.10
CA CYS A 295 -23.94 -14.73 -15.20
C CYS A 295 -24.39 -14.15 -13.86
N PHE A 296 -24.67 -12.85 -13.84
CA PHE A 296 -25.06 -12.20 -12.60
C PHE A 296 -26.47 -12.63 -12.19
N GLY A 297 -26.57 -13.26 -11.02
CA GLY A 297 -27.86 -13.62 -10.46
C GLY A 297 -28.49 -14.87 -11.04
N CYS A 298 -27.89 -15.49 -12.04
CA CYS A 298 -28.49 -16.66 -12.68
C CYS A 298 -28.28 -17.90 -11.85
N THR A 299 -29.34 -18.70 -11.71
CA THR A 299 -29.30 -19.95 -10.97
C THR A 299 -29.26 -21.18 -11.86
N ILE A 300 -29.04 -21.00 -13.16
CA ILE A 300 -28.97 -22.11 -14.11
C ILE A 300 -27.52 -22.47 -14.43
N ALA A 301 -26.69 -21.47 -14.71
CA ALA A 301 -25.25 -21.64 -14.93
C ALA A 301 -24.97 -22.58 -16.12
N CYS A 302 -25.33 -22.09 -17.30
CA CYS A 302 -25.12 -22.82 -18.54
C CYS A 302 -23.82 -22.45 -19.25
N GLY A 303 -22.93 -21.71 -18.58
CA GLY A 303 -21.69 -21.29 -19.21
C GLY A 303 -20.68 -22.41 -19.41
N ARG A 304 -19.52 -22.09 -19.95
CA ARG A 304 -18.49 -23.08 -20.23
C ARG A 304 -17.13 -22.55 -19.81
N ILE A 305 -16.25 -23.48 -19.42
CA ILE A 305 -14.85 -23.19 -19.17
C ILE A 305 -14.03 -24.30 -19.83
N SER A 306 -13.06 -23.92 -20.67
CA SER A 306 -12.30 -24.90 -21.43
C SER A 306 -10.82 -24.52 -21.46
N ALA A 307 -9.98 -25.54 -21.64
CA ALA A 307 -8.54 -25.37 -21.76
C ALA A 307 -8.05 -26.06 -23.02
N ILE A 308 -7.26 -25.36 -23.82
CA ILE A 308 -6.80 -25.88 -25.09
C ILE A 308 -5.62 -26.83 -24.87
N ASP A 309 -5.46 -27.78 -25.78
CA ASP A 309 -4.34 -28.71 -25.75
C ASP A 309 -3.02 -27.97 -25.94
N LYS A 310 -1.98 -28.50 -25.31
CA LYS A 310 -0.64 -27.89 -25.38
C LYS A 310 0.24 -28.50 -26.46
N THR A 311 -0.27 -29.47 -27.23
CA THR A 311 0.53 -30.11 -28.28
C THR A 311 -0.11 -29.96 -29.65
N HIS A 312 -1.09 -29.07 -29.80
CA HIS A 312 -1.68 -28.82 -31.10
C HIS A 312 -0.79 -27.88 -31.91
N PHE A 313 -0.79 -28.07 -33.23
CA PHE A 313 0.09 -27.30 -34.10
C PHE A 313 -0.25 -25.82 -34.14
N THR A 314 -1.49 -25.46 -33.80
CA THR A 314 -1.88 -24.06 -33.84
C THR A 314 -1.27 -23.26 -32.68
N VAL A 315 -1.07 -23.90 -31.53
CA VAL A 315 -0.72 -23.18 -30.31
C VAL A 315 0.52 -23.81 -29.67
N LYS A 316 1.24 -24.61 -30.46
CA LYS A 316 2.42 -25.29 -29.93
C LYS A 316 3.54 -24.33 -29.54
N ASN A 317 3.69 -23.22 -30.26
CA ASN A 317 4.79 -22.29 -30.02
C ASN A 317 4.34 -20.95 -29.45
N ASN A 318 3.08 -20.83 -29.04
CA ASN A 318 2.54 -19.58 -28.47
C ASN A 318 2.06 -19.87 -27.05
N PRO A 319 2.91 -19.65 -26.04
CA PRO A 319 2.48 -19.89 -24.65
C PRO A 319 1.52 -18.84 -24.11
N LYS A 320 1.10 -17.86 -24.92
CA LYS A 320 0.16 -16.85 -24.48
C LYS A 320 -1.28 -17.37 -24.37
N TYR A 321 -1.59 -18.46 -25.07
CA TYR A 321 -2.96 -19.00 -25.12
C TYR A 321 -3.09 -20.30 -24.33
N TRP A 322 -2.31 -20.46 -23.27
CA TRP A 322 -2.29 -21.71 -22.52
C TRP A 322 -3.15 -21.68 -21.26
N GLY A 323 -3.87 -20.60 -21.00
CA GLY A 323 -4.66 -20.49 -19.79
C GLY A 323 -5.98 -21.24 -19.85
N ALA A 324 -7.01 -20.68 -19.20
CA ALA A 324 -8.36 -21.22 -19.24
C ALA A 324 -9.33 -20.10 -19.56
N SER A 325 -10.16 -20.29 -20.58
CA SER A 325 -11.06 -19.25 -21.05
C SER A 325 -12.42 -19.90 -21.36
N GLY A 326 -13.30 -19.13 -21.98
CA GLY A 326 -14.63 -19.62 -22.27
C GLY A 326 -14.63 -20.70 -23.34
N GLY A 327 -15.64 -21.56 -23.26
CA GLY A 327 -15.76 -22.70 -24.15
C GLY A 327 -16.56 -22.38 -25.40
N LEU A 328 -17.00 -23.44 -26.06
CA LEU A 328 -17.71 -23.32 -27.33
C LEU A 328 -19.21 -23.26 -27.11
N GLU A 329 -19.85 -22.29 -27.76
CA GLU A 329 -21.30 -22.28 -27.84
C GLU A 329 -21.74 -23.17 -29.00
N TYR A 330 -23.05 -23.27 -29.23
CA TYR A 330 -23.54 -24.08 -30.33
C TYR A 330 -23.26 -23.42 -31.68
N GLU A 331 -23.55 -22.12 -31.78
CA GLU A 331 -23.44 -21.44 -33.07
C GLU A 331 -21.99 -21.25 -33.49
N ALA A 332 -21.10 -20.98 -32.53
CA ALA A 332 -19.68 -20.89 -32.86
C ALA A 332 -19.16 -22.23 -33.37
N ALA A 333 -19.57 -23.33 -32.73
CA ALA A 333 -19.14 -24.66 -33.16
C ALA A 333 -19.70 -24.99 -34.54
N TRP A 334 -20.93 -24.55 -34.83
CA TRP A 334 -21.50 -24.81 -36.14
C TRP A 334 -20.79 -23.99 -37.22
N ALA A 335 -20.61 -22.69 -36.98
CA ALA A 335 -20.05 -21.82 -38.00
C ALA A 335 -18.60 -22.14 -38.28
N LEU A 336 -17.79 -22.34 -37.23
CA LEU A 336 -16.41 -22.73 -37.45
C LEU A 336 -16.27 -24.18 -37.88
N GLY A 337 -17.32 -24.98 -37.72
CA GLY A 337 -17.27 -26.41 -37.97
C GLY A 337 -18.02 -26.84 -39.22
N ALA A 338 -19.27 -27.27 -39.02
CA ALA A 338 -20.05 -27.88 -40.10
C ALA A 338 -20.24 -26.98 -41.30
N ALA A 339 -20.16 -25.66 -41.11
CA ALA A 339 -20.26 -24.75 -42.25
C ALA A 339 -19.06 -24.83 -43.18
N ASN A 340 -17.95 -25.44 -42.75
CA ASN A 340 -16.77 -25.59 -43.58
C ASN A 340 -16.30 -27.04 -43.67
N GLY A 341 -17.02 -27.98 -43.06
CA GLY A 341 -16.62 -29.38 -43.09
C GLY A 341 -15.34 -29.68 -42.35
N VAL A 342 -15.15 -29.08 -41.18
CA VAL A 342 -13.95 -29.25 -40.37
C VAL A 342 -14.32 -30.03 -39.11
N GLY A 343 -13.59 -31.12 -38.85
CA GLY A 343 -13.88 -31.95 -37.70
C GLY A 343 -12.75 -32.03 -36.69
N ASP A 344 -12.08 -30.91 -36.45
CA ASP A 344 -11.00 -30.82 -35.46
C ASP A 344 -11.45 -29.86 -34.36
N LEU A 345 -11.52 -30.35 -33.13
CA LEU A 345 -12.06 -29.56 -32.04
C LEU A 345 -11.07 -28.49 -31.58
N GLU A 346 -9.77 -28.80 -31.58
CA GLU A 346 -8.78 -27.85 -31.11
C GLU A 346 -8.69 -26.63 -32.03
N ALA A 347 -8.82 -26.85 -33.35
CA ALA A 347 -8.84 -25.73 -34.27
C ALA A 347 -10.03 -24.81 -34.02
N LEU A 348 -11.19 -25.40 -33.73
CA LEU A 348 -12.37 -24.60 -33.39
C LEU A 348 -12.14 -23.80 -32.11
N GLN A 349 -11.51 -24.43 -31.11
CA GLN A 349 -11.22 -23.71 -29.88
C GLN A 349 -10.26 -22.55 -30.11
N TYR A 350 -9.23 -22.77 -30.93
CA TYR A 350 -8.27 -21.69 -31.22
C TYR A 350 -8.94 -20.54 -31.97
N ALA A 351 -9.79 -20.87 -32.95
CA ALA A 351 -10.50 -19.83 -33.69
C ALA A 351 -11.43 -19.04 -32.77
N ASN A 352 -12.12 -19.73 -31.86
CA ASN A 352 -12.99 -19.03 -30.93
C ASN A 352 -12.20 -18.15 -29.97
N LEU A 353 -11.02 -18.61 -29.53
CA LEU A 353 -10.17 -17.79 -28.68
C LEU A 353 -9.73 -16.52 -29.40
N LEU A 354 -9.34 -16.64 -30.67
CA LEU A 354 -8.96 -15.46 -31.45
C LEU A 354 -10.13 -14.51 -31.62
N CYS A 355 -11.33 -15.05 -31.91
CA CYS A 355 -12.50 -14.21 -32.10
C CYS A 355 -12.87 -13.47 -30.81
N ASN A 356 -12.75 -14.15 -29.66
CA ASN A 356 -13.02 -13.48 -28.40
C ASN A 356 -11.99 -12.42 -28.08
N GLU A 357 -10.71 -12.69 -28.39
CA GLU A 357 -9.66 -11.73 -28.05
C GLU A 357 -9.75 -10.47 -28.89
N GLN A 358 -9.89 -10.62 -30.22
CA GLN A 358 -9.87 -9.46 -31.10
C GLN A 358 -11.24 -8.85 -31.33
N GLY A 359 -12.30 -9.44 -30.78
CA GLY A 359 -13.62 -8.86 -30.90
C GLY A 359 -14.22 -8.96 -32.29
N MET A 360 -14.55 -10.17 -32.73
CA MET A 360 -15.24 -10.41 -33.98
C MET A 360 -16.52 -11.21 -33.72
N ASP A 361 -17.19 -11.61 -34.80
CA ASP A 361 -18.42 -12.40 -34.72
C ASP A 361 -18.18 -13.76 -35.38
N PRO A 362 -18.24 -14.86 -34.63
CA PRO A 362 -17.92 -16.17 -35.23
C PRO A 362 -18.85 -16.61 -36.35
N ILE A 363 -20.14 -16.28 -36.27
CA ILE A 363 -21.10 -16.78 -37.26
C ILE A 363 -20.86 -16.14 -38.62
N SER A 364 -20.75 -14.80 -38.64
CA SER A 364 -20.52 -14.11 -39.91
C SER A 364 -19.16 -14.46 -40.49
N PHE A 365 -18.15 -14.57 -39.64
CA PHE A 365 -16.82 -14.94 -40.10
C PHE A 365 -16.81 -16.34 -40.71
N GLY A 366 -17.47 -17.30 -40.06
CA GLY A 366 -17.52 -18.65 -40.59
C GLY A 366 -18.29 -18.74 -41.89
N ALA A 367 -19.41 -18.02 -41.99
CA ALA A 367 -20.18 -18.03 -43.23
C ALA A 367 -19.40 -17.38 -44.37
N THR A 368 -18.71 -16.28 -44.09
CA THR A 368 -17.90 -15.63 -45.13
C THR A 368 -16.75 -16.52 -45.58
N VAL A 369 -16.12 -17.22 -44.62
CA VAL A 369 -15.05 -18.15 -44.98
C VAL A 369 -15.57 -19.27 -45.85
N GLY A 370 -16.75 -19.81 -45.52
CA GLY A 370 -17.34 -20.85 -46.35
C GLY A 370 -17.67 -20.37 -47.75
N ALA A 371 -18.18 -19.14 -47.86
CA ALA A 371 -18.44 -18.57 -49.18
C ALA A 371 -17.15 -18.42 -49.97
N ALA A 372 -16.07 -17.99 -49.31
CA ALA A 372 -14.78 -17.88 -49.99
C ALA A 372 -14.26 -19.24 -50.45
N MET A 373 -14.44 -20.28 -49.62
CA MET A 373 -14.04 -21.62 -50.01
C MET A 373 -14.80 -22.09 -51.24
N GLU A 374 -16.12 -21.86 -51.28
CA GLU A 374 -16.89 -22.27 -52.45
C GLU A 374 -16.49 -21.47 -53.70
N LEU A 375 -16.21 -20.18 -53.53
CA LEU A 375 -15.77 -19.36 -54.66
C LEU A 375 -14.43 -19.84 -55.20
N TYR A 376 -13.51 -20.24 -54.30
CA TYR A 376 -12.24 -20.80 -54.75
C TYR A 376 -12.44 -22.13 -55.45
N GLU A 377 -13.33 -22.98 -54.92
CA GLU A 377 -13.53 -24.30 -55.50
C GLU A 377 -14.18 -24.22 -56.87
N THR A 378 -15.00 -23.18 -57.10
CA THR A 378 -15.57 -22.97 -58.43
C THR A 378 -14.46 -22.65 -59.44
N GLY A 379 -13.56 -21.74 -59.09
CA GLY A 379 -12.46 -21.38 -59.96
C GLY A 379 -12.29 -19.89 -60.15
N VAL A 380 -13.20 -19.10 -59.59
CA VAL A 380 -13.10 -17.64 -59.73
C VAL A 380 -11.90 -17.10 -58.97
N LEU A 381 -11.68 -17.59 -57.75
CA LEU A 381 -10.56 -17.14 -56.92
C LEU A 381 -9.36 -18.05 -57.13
N THR A 382 -8.21 -17.45 -57.41
CA THR A 382 -6.98 -18.17 -57.67
C THR A 382 -6.09 -18.12 -56.43
N LYS A 383 -5.18 -19.10 -56.33
CA LYS A 383 -4.28 -19.19 -55.18
C LYS A 383 -3.41 -17.94 -55.03
N GLU A 384 -3.10 -17.27 -56.14
CA GLU A 384 -2.29 -16.05 -56.08
C GLU A 384 -2.99 -14.94 -55.32
N ARG A 385 -4.31 -14.83 -55.47
CA ARG A 385 -5.05 -13.76 -54.81
C ARG A 385 -5.17 -14.00 -53.31
N ILE A 386 -5.67 -15.17 -52.91
CA ILE A 386 -5.85 -15.47 -51.49
C ILE A 386 -4.49 -15.62 -50.81
N GLY A 387 -3.56 -16.30 -51.46
CA GLY A 387 -2.27 -16.60 -50.86
C GLY A 387 -2.17 -17.97 -50.24
N LEU A 388 -3.20 -18.81 -50.39
CA LEU A 388 -3.21 -20.16 -49.84
C LEU A 388 -4.31 -20.95 -50.54
N ASP A 389 -4.10 -22.26 -50.66
CA ASP A 389 -5.17 -23.15 -51.06
C ASP A 389 -6.28 -23.12 -50.02
N ALA A 390 -7.53 -23.08 -50.49
CA ALA A 390 -8.70 -23.04 -49.61
C ALA A 390 -9.72 -24.09 -50.03
N PRO A 391 -9.43 -25.37 -49.80
CA PRO A 391 -10.45 -26.40 -50.01
C PRO A 391 -11.23 -26.67 -48.73
N PHE A 392 -12.35 -27.36 -48.89
CA PHE A 392 -13.20 -27.71 -47.76
C PHE A 392 -12.47 -28.68 -46.83
N GLY A 393 -12.58 -28.44 -45.53
CA GLY A 393 -11.96 -29.31 -44.56
C GLY A 393 -10.50 -29.04 -44.28
N SER A 394 -10.05 -27.80 -44.42
CA SER A 394 -8.67 -27.43 -44.14
C SER A 394 -8.65 -26.60 -42.85
N ALA A 395 -8.19 -27.22 -41.76
CA ALA A 395 -8.09 -26.51 -40.49
C ALA A 395 -7.00 -25.43 -40.53
N ASP A 396 -5.88 -25.74 -41.19
CA ASP A 396 -4.78 -24.78 -41.30
C ASP A 396 -5.21 -23.53 -42.06
N ALA A 397 -5.98 -23.71 -43.15
CA ALA A 397 -6.50 -22.57 -43.88
C ALA A 397 -7.41 -21.73 -43.01
N LEU A 398 -8.25 -22.38 -42.20
CA LEU A 398 -9.14 -21.65 -41.30
C LEU A 398 -8.35 -20.84 -40.28
N ALA A 399 -7.30 -21.43 -39.71
CA ALA A 399 -6.49 -20.71 -38.73
C ALA A 399 -5.79 -19.51 -39.35
N LYS A 400 -5.17 -19.70 -40.52
CA LYS A 400 -4.50 -18.58 -41.17
C LYS A 400 -5.49 -17.48 -41.56
N LEU A 401 -6.66 -17.86 -42.07
CA LEU A 401 -7.66 -16.85 -42.42
C LEU A 401 -8.16 -16.10 -41.20
N ALA A 402 -8.29 -16.80 -40.06
CA ALA A 402 -8.69 -16.13 -38.83
C ALA A 402 -7.65 -15.10 -38.40
N GLU A 403 -6.37 -15.48 -38.44
CA GLU A 403 -5.32 -14.52 -38.07
C GLU A 403 -5.28 -13.32 -39.03
N MET A 404 -5.41 -13.59 -40.33
CA MET A 404 -5.39 -12.51 -41.32
C MET A 404 -6.58 -11.57 -41.14
N THR A 405 -7.76 -12.12 -40.88
CA THR A 405 -8.94 -11.27 -40.69
C THR A 405 -8.83 -10.46 -39.41
N ALA A 406 -8.31 -11.07 -38.34
CA ALA A 406 -8.17 -10.35 -37.08
C ALA A 406 -7.17 -9.20 -37.20
N THR A 407 -6.02 -9.46 -37.83
CA THR A 407 -5.02 -8.41 -37.98
C THR A 407 -5.25 -7.51 -39.18
N GLY A 408 -6.12 -7.89 -40.11
CA GLY A 408 -6.42 -7.07 -41.26
C GLY A 408 -5.28 -6.86 -42.23
N GLU A 409 -4.56 -7.91 -42.58
CA GLU A 409 -3.47 -7.83 -43.54
C GLU A 409 -3.75 -8.78 -44.70
N GLY A 410 -3.60 -8.29 -45.92
CA GLY A 410 -3.78 -9.12 -47.11
C GLY A 410 -5.24 -9.40 -47.39
N PHE A 411 -5.54 -10.65 -47.80
CA PHE A 411 -6.89 -11.06 -48.18
C PHE A 411 -7.90 -10.85 -47.06
N GLY A 412 -7.46 -10.80 -45.81
CA GLY A 412 -8.37 -10.50 -44.72
C GLY A 412 -9.16 -9.23 -44.93
N LYS A 413 -8.55 -8.22 -45.57
CA LYS A 413 -9.29 -7.01 -45.92
C LYS A 413 -10.56 -7.33 -46.67
N GLU A 414 -10.46 -8.13 -47.73
CA GLU A 414 -11.66 -8.54 -48.46
C GLU A 414 -12.60 -9.34 -47.58
N ILE A 415 -12.05 -10.21 -46.73
CA ILE A 415 -12.89 -10.98 -45.82
C ILE A 415 -13.60 -10.06 -44.82
N GLY A 416 -13.04 -8.87 -44.58
CA GLY A 416 -13.73 -7.93 -43.72
C GLY A 416 -14.96 -7.28 -44.30
N LEU A 417 -15.32 -7.61 -45.55
CA LEU A 417 -16.47 -6.97 -46.18
C LEU A 417 -17.78 -7.74 -46.03
N GLY A 418 -17.76 -8.93 -45.44
CA GLY A 418 -18.95 -9.75 -45.32
C GLY A 418 -19.20 -10.60 -46.55
N SER A 419 -20.17 -11.51 -46.43
CA SER A 419 -20.41 -12.48 -47.48
C SER A 419 -21.11 -11.86 -48.69
N LYS A 420 -22.12 -11.02 -48.45
CA LYS A 420 -22.93 -10.49 -49.55
C LYS A 420 -22.10 -9.60 -50.47
N ARG A 421 -21.36 -8.64 -49.89
CA ARG A 421 -20.56 -7.74 -50.70
C ARG A 421 -19.43 -8.47 -51.40
N LEU A 422 -18.82 -9.45 -50.73
CA LEU A 422 -17.77 -10.25 -51.36
C LEU A 422 -18.29 -11.03 -52.55
N CYS A 423 -19.48 -11.61 -52.42
CA CYS A 423 -20.07 -12.35 -53.53
C CYS A 423 -20.48 -11.41 -54.66
N GLU A 424 -20.97 -10.21 -54.31
CA GLU A 424 -21.37 -9.25 -55.33
C GLU A 424 -20.17 -8.69 -56.08
N LYS A 425 -19.02 -8.59 -55.43
CA LYS A 425 -17.84 -8.01 -56.06
C LYS A 425 -17.36 -8.85 -57.23
N TYR A 426 -17.51 -10.17 -57.14
CA TYR A 426 -17.03 -11.08 -58.17
C TYR A 426 -18.15 -11.57 -59.09
N GLY A 427 -19.33 -10.97 -59.01
CA GLY A 427 -20.38 -11.28 -59.96
C GLY A 427 -21.14 -12.56 -59.72
N HIS A 428 -21.21 -13.04 -58.48
CA HIS A 428 -22.00 -14.21 -58.13
C HIS A 428 -22.85 -13.91 -56.90
N PRO A 429 -23.90 -13.09 -57.05
CA PRO A 429 -24.75 -12.78 -55.89
C PRO A 429 -25.56 -13.97 -55.39
N GLU A 430 -25.72 -15.02 -56.21
CA GLU A 430 -26.54 -16.16 -55.83
C GLU A 430 -25.87 -17.05 -54.79
N LEU A 431 -24.58 -16.86 -54.52
CA LEU A 431 -23.86 -17.72 -53.59
C LEU A 431 -23.84 -17.17 -52.16
N SER A 432 -24.46 -16.01 -51.92
CA SER A 432 -24.49 -15.41 -50.60
C SER A 432 -25.76 -15.85 -49.89
N MET A 433 -25.60 -16.61 -48.80
CA MET A 433 -26.74 -17.10 -48.02
C MET A 433 -27.04 -16.07 -46.94
N SER A 434 -27.82 -15.06 -47.29
CA SER A 434 -28.12 -14.00 -46.35
C SER A 434 -29.43 -13.33 -46.75
N VAL A 435 -30.15 -12.85 -45.74
CA VAL A 435 -31.35 -12.05 -45.92
C VAL A 435 -31.11 -10.69 -45.27
N LYS A 436 -31.26 -9.63 -46.05
CA LYS A 436 -31.02 -8.25 -45.60
C LYS A 436 -29.59 -8.05 -45.10
N GLY A 437 -28.64 -8.81 -45.64
CA GLY A 437 -27.24 -8.65 -45.31
C GLY A 437 -26.73 -9.52 -44.18
N GLN A 438 -27.59 -10.22 -43.44
CA GLN A 438 -27.18 -11.09 -42.35
C GLN A 438 -27.29 -12.55 -42.74
N GLU A 439 -26.26 -13.31 -42.40
CA GLU A 439 -26.20 -14.73 -42.76
C GLU A 439 -27.15 -15.54 -41.88
N PHE A 440 -27.31 -16.81 -42.21
CA PHE A 440 -28.25 -17.76 -41.64
C PHE A 440 -27.68 -18.44 -40.40
N PRO A 441 -28.49 -18.60 -39.36
CA PRO A 441 -28.06 -19.40 -38.20
C PRO A 441 -28.07 -20.89 -38.50
N ALA A 442 -27.88 -21.71 -37.46
CA ALA A 442 -27.58 -23.13 -37.64
C ALA A 442 -28.82 -24.01 -37.82
N TYR A 443 -29.94 -23.42 -38.22
CA TYR A 443 -31.17 -24.18 -38.45
C TYR A 443 -31.52 -24.12 -39.94
N ASP A 444 -31.64 -25.28 -40.57
CA ASP A 444 -32.00 -25.35 -41.97
C ASP A 444 -33.49 -25.12 -42.15
N SER A 445 -33.86 -24.55 -43.29
CA SER A 445 -35.25 -24.20 -43.57
C SER A 445 -35.90 -25.11 -44.60
N ARG A 446 -35.26 -26.22 -44.96
CA ARG A 446 -35.87 -27.18 -45.86
C ARG A 446 -36.58 -28.30 -45.11
N GLY A 447 -35.94 -28.84 -44.07
CA GLY A 447 -36.57 -29.79 -43.18
C GLY A 447 -37.40 -29.16 -42.10
N ILE A 448 -37.43 -27.83 -42.02
CA ILE A 448 -38.22 -27.08 -41.06
C ILE A 448 -38.92 -25.95 -41.81
N GLN A 449 -40.23 -25.83 -41.63
CA GLN A 449 -41.02 -24.86 -42.38
C GLN A 449 -41.27 -23.56 -41.62
N GLY A 450 -41.36 -23.61 -40.29
CA GLY A 450 -41.58 -22.39 -39.53
C GLY A 450 -40.39 -21.44 -39.58
N MET A 451 -39.18 -21.99 -39.58
CA MET A 451 -38.00 -21.14 -39.56
C MET A 451 -37.74 -20.45 -40.90
N GLY A 452 -38.26 -20.98 -42.00
CA GLY A 452 -38.18 -20.23 -43.25
C GLY A 452 -38.95 -18.91 -43.16
N LEU A 453 -40.17 -18.97 -42.65
CA LEU A 453 -40.95 -17.76 -42.45
C LEU A 453 -40.34 -16.87 -41.37
N ALA A 454 -39.78 -17.48 -40.32
CA ALA A 454 -39.14 -16.70 -39.26
C ALA A 454 -37.93 -15.94 -39.78
N TYR A 455 -37.13 -16.57 -40.63
CA TYR A 455 -36.00 -15.88 -41.24
C TYR A 455 -36.47 -14.81 -42.21
N ALA A 456 -37.58 -15.06 -42.91
CA ALA A 456 -38.01 -14.15 -43.97
C ALA A 456 -38.51 -12.81 -43.43
N THR A 457 -39.16 -12.78 -42.27
CA THR A 457 -39.88 -11.60 -41.80
C THR A 457 -39.39 -11.15 -40.43
N SER A 458 -38.08 -11.06 -40.25
CA SER A 458 -37.50 -10.52 -39.03
C SER A 458 -37.03 -9.09 -39.28
N ASN A 459 -37.05 -8.28 -38.22
CA ASN A 459 -36.87 -6.84 -38.38
C ASN A 459 -35.41 -6.42 -38.51
N ARG A 460 -34.45 -7.27 -38.15
CA ARG A 460 -33.05 -6.88 -38.20
C ARG A 460 -32.24 -7.76 -39.15
N GLY A 461 -32.88 -8.68 -39.84
CA GLY A 461 -32.21 -9.60 -40.74
C GLY A 461 -32.46 -11.04 -40.38
N ALA A 462 -31.60 -11.91 -40.89
CA ALA A 462 -31.73 -13.35 -40.62
C ALA A 462 -31.34 -13.61 -39.18
N CYS A 463 -32.33 -13.78 -38.31
CA CYS A 463 -32.10 -14.07 -36.91
C CYS A 463 -33.08 -15.15 -36.45
N HIS A 464 -32.62 -15.97 -35.52
CA HIS A 464 -33.42 -17.07 -34.98
C HIS A 464 -33.93 -16.81 -33.58
N LEU A 465 -33.57 -15.68 -32.97
CA LEU A 465 -33.96 -15.40 -31.60
C LEU A 465 -35.23 -14.56 -31.50
N ARG A 466 -35.56 -13.80 -32.55
CA ARG A 466 -36.79 -13.02 -32.53
C ARG A 466 -38.01 -13.92 -32.51
N GLY A 467 -38.06 -14.90 -33.41
CA GLY A 467 -39.09 -15.92 -33.39
C GLY A 467 -38.50 -17.31 -33.40
N TYR A 468 -38.67 -18.04 -32.30
CA TYR A 468 -38.03 -19.34 -32.10
C TYR A 468 -39.12 -20.41 -32.05
N THR A 469 -39.43 -20.99 -33.21
CA THR A 469 -40.46 -22.01 -33.32
C THR A 469 -39.91 -23.43 -33.28
N VAL A 470 -38.59 -23.60 -33.27
CA VAL A 470 -37.99 -24.92 -33.03
C VAL A 470 -38.36 -25.44 -31.65
N ALA A 471 -38.65 -24.55 -30.71
CA ALA A 471 -39.07 -24.97 -29.37
C ALA A 471 -40.39 -25.73 -29.40
N SER A 472 -41.15 -25.66 -30.49
CA SER A 472 -42.38 -26.43 -30.62
C SER A 472 -42.32 -27.54 -31.66
N GLU A 473 -41.50 -27.42 -32.70
CA GLU A 473 -41.42 -28.44 -33.74
C GLU A 473 -40.35 -29.49 -33.48
N VAL A 474 -39.50 -29.31 -32.47
CA VAL A 474 -38.43 -30.26 -32.18
C VAL A 474 -38.58 -30.75 -30.74
N LEU A 475 -38.46 -29.82 -29.79
CA LEU A 475 -38.60 -30.18 -28.38
C LEU A 475 -40.05 -30.15 -27.96
N GLY A 476 -40.84 -29.22 -28.50
CA GLY A 476 -42.26 -29.18 -28.27
C GLY A 476 -42.68 -28.89 -26.84
N VAL A 477 -42.13 -27.84 -26.24
CA VAL A 477 -42.46 -27.54 -24.85
C VAL A 477 -43.86 -26.92 -24.70
N PRO A 478 -44.36 -25.97 -25.55
CA PRO A 478 -45.76 -25.58 -25.38
C PRO A 478 -46.72 -26.69 -25.82
N VAL A 479 -46.57 -27.11 -27.08
CA VAL A 479 -47.38 -28.14 -27.72
C VAL A 479 -46.54 -28.75 -28.83
N LYS A 480 -46.53 -30.08 -28.92
CA LYS A 480 -45.77 -30.78 -29.93
C LYS A 480 -46.49 -30.66 -31.27
N THR A 481 -45.81 -30.08 -32.26
CA THR A 481 -46.37 -29.91 -33.60
C THR A 481 -45.62 -30.79 -34.59
N ASP A 482 -45.95 -30.65 -35.88
CA ASP A 482 -45.34 -31.41 -36.95
C ASP A 482 -44.53 -30.47 -37.83
N PRO A 483 -43.22 -30.71 -38.01
CA PRO A 483 -42.41 -29.78 -38.81
C PRO A 483 -42.52 -30.01 -40.32
N HIS A 484 -43.54 -30.75 -40.76
CA HIS A 484 -43.70 -31.06 -42.18
C HIS A 484 -45.03 -30.55 -42.75
N VAL A 485 -45.67 -29.60 -42.07
CA VAL A 485 -46.89 -28.97 -42.55
C VAL A 485 -46.73 -27.46 -42.40
N ILE A 486 -47.60 -26.72 -43.07
CA ILE A 486 -47.56 -25.26 -43.01
C ILE A 486 -48.89 -24.71 -42.51
N GLU A 487 -49.67 -25.54 -41.83
CA GLU A 487 -50.97 -25.14 -41.34
C GLU A 487 -50.87 -24.65 -39.91
N GLY A 488 -51.42 -23.46 -39.65
CA GLY A 488 -51.31 -22.87 -38.33
C GLY A 488 -49.92 -22.43 -37.94
N LYS A 489 -49.18 -21.84 -38.88
CA LYS A 489 -47.82 -21.37 -38.59
C LYS A 489 -47.76 -19.88 -38.30
N ALA A 490 -48.64 -19.09 -38.93
CA ALA A 490 -48.61 -17.64 -38.72
C ALA A 490 -48.95 -17.28 -37.29
N GLU A 491 -49.92 -17.97 -36.69
CA GLU A 491 -50.26 -17.73 -35.29
C GLU A 491 -49.10 -18.09 -34.37
N LEU A 492 -48.41 -19.20 -34.67
CA LEU A 492 -47.23 -19.57 -33.91
C LEU A 492 -46.17 -18.48 -33.96
N VAL A 493 -45.88 -17.98 -35.17
CA VAL A 493 -44.84 -16.97 -35.32
C VAL A 493 -45.23 -15.69 -34.59
N LYS A 494 -46.50 -15.29 -34.71
CA LYS A 494 -46.96 -14.07 -34.05
C LYS A 494 -46.85 -14.17 -32.53
N ALA A 495 -47.35 -15.28 -31.97
CA ALA A 495 -47.32 -15.45 -30.52
C ALA A 495 -45.88 -15.51 -29.99
N PHE A 496 -45.01 -16.25 -30.69
CA PHE A 496 -43.63 -16.36 -30.25
C PHE A 496 -42.91 -15.03 -30.31
N GLN A 497 -43.15 -14.25 -31.37
CA GLN A 497 -42.51 -12.94 -31.49
C GLN A 497 -42.97 -11.99 -30.39
N ASP A 498 -44.28 -11.98 -30.08
CA ASP A 498 -44.77 -11.12 -29.02
C ASP A 498 -44.17 -11.51 -27.66
N ALA A 499 -44.13 -12.81 -27.37
CA ALA A 499 -43.59 -13.27 -26.10
C ALA A 499 -42.09 -12.94 -25.98
N THR A 500 -41.35 -13.12 -27.08
CA THR A 500 -39.92 -12.80 -27.06
C THR A 500 -39.69 -11.31 -26.87
N ALA A 501 -40.51 -10.47 -27.49
CA ALA A 501 -40.36 -9.03 -27.29
C ALA A 501 -40.61 -8.65 -25.84
N VAL A 502 -41.63 -9.25 -25.21
CA VAL A 502 -41.88 -8.95 -23.79
C VAL A 502 -40.72 -9.42 -22.92
N PHE A 503 -40.19 -10.62 -23.20
CA PHE A 503 -39.08 -11.14 -22.41
C PHE A 503 -37.84 -10.27 -22.52
N ASP A 504 -37.53 -9.80 -23.74
CA ASP A 504 -36.37 -8.95 -23.92
C ASP A 504 -36.57 -7.59 -23.26
N SER A 505 -37.81 -7.07 -23.29
CA SER A 505 -38.07 -5.78 -22.67
C SER A 505 -38.00 -5.86 -21.15
N ALA A 506 -38.33 -7.01 -20.57
CA ALA A 506 -38.34 -7.14 -19.11
C ALA A 506 -36.95 -6.97 -18.53
N GLY A 507 -35.97 -7.68 -19.07
CA GLY A 507 -34.61 -7.59 -18.57
C GLY A 507 -34.09 -8.89 -17.96
N ILE A 508 -34.57 -10.02 -18.46
CA ILE A 508 -34.18 -11.33 -17.95
C ILE A 508 -33.75 -12.21 -19.12
N CYS A 509 -33.04 -13.29 -18.79
CA CYS A 509 -32.56 -14.21 -19.80
C CYS A 509 -33.73 -14.94 -20.45
N VAL A 510 -33.62 -15.21 -21.75
CA VAL A 510 -34.73 -15.80 -22.48
C VAL A 510 -34.79 -17.31 -22.32
N PHE A 511 -33.68 -17.96 -21.94
CA PHE A 511 -33.67 -19.41 -21.75
C PHE A 511 -34.66 -19.84 -20.70
N THR A 512 -34.93 -19.00 -19.70
CA THR A 512 -35.91 -19.27 -18.67
C THR A 512 -37.31 -19.51 -19.22
N SER A 513 -37.56 -19.20 -20.48
CA SER A 513 -38.83 -19.51 -21.10
C SER A 513 -39.03 -21.00 -21.33
N PHE A 514 -38.05 -21.85 -21.02
CA PHE A 514 -38.25 -23.28 -21.09
C PHE A 514 -38.99 -23.84 -19.88
N ALA A 515 -39.11 -23.07 -18.80
CA ALA A 515 -39.86 -23.52 -17.63
C ALA A 515 -40.85 -22.46 -17.17
N TRP A 516 -40.52 -21.20 -17.38
CA TRP A 516 -41.39 -20.10 -16.99
C TRP A 516 -42.42 -19.84 -18.08
N THR A 517 -43.28 -18.84 -17.87
CA THR A 517 -44.26 -18.38 -18.83
C THR A 517 -44.65 -16.98 -18.39
N LEU A 518 -45.56 -16.36 -19.16
CA LEU A 518 -46.00 -15.01 -18.83
C LEU A 518 -46.71 -14.97 -17.48
N ALA A 519 -47.39 -16.05 -17.11
CA ALA A 519 -48.10 -16.09 -15.84
C ALA A 519 -47.13 -16.08 -14.66
N ASP A 520 -45.91 -16.57 -14.84
CA ASP A 520 -44.91 -16.55 -13.79
C ASP A 520 -44.02 -15.31 -13.82
N VAL A 521 -44.13 -14.49 -14.86
CA VAL A 521 -43.39 -13.24 -14.94
C VAL A 521 -44.26 -12.04 -14.54
N GLN A 522 -45.58 -12.14 -14.70
CA GLN A 522 -46.47 -11.05 -14.29
C GLN A 522 -46.35 -10.68 -12.81
N PRO A 523 -46.34 -11.60 -11.83
CA PRO A 523 -46.29 -11.15 -10.42
C PRO A 523 -45.05 -10.35 -10.06
N GLN A 524 -43.89 -10.70 -10.59
CA GLN A 524 -42.67 -9.99 -10.23
C GLN A 524 -42.68 -8.56 -10.78
N ILE A 525 -43.10 -8.39 -12.04
CA ILE A 525 -43.18 -7.05 -12.61
C ILE A 525 -44.26 -6.25 -11.91
N ALA A 526 -45.37 -6.90 -11.54
CA ALA A 526 -46.44 -6.19 -10.83
C ALA A 526 -46.00 -5.74 -9.44
N ALA A 527 -45.19 -6.53 -8.75
CA ALA A 527 -44.71 -6.19 -7.42
C ALA A 527 -43.45 -5.33 -7.44
N ALA A 528 -42.82 -5.15 -8.59
CA ALA A 528 -41.63 -4.29 -8.70
C ALA A 528 -41.96 -2.90 -9.21
N CYS A 529 -42.70 -2.80 -10.30
CA CYS A 529 -43.06 -1.51 -10.89
C CYS A 529 -44.40 -1.04 -10.34
N ASP A 530 -44.77 0.18 -10.73
CA ASP A 530 -46.04 0.79 -10.30
C ASP A 530 -46.94 1.01 -11.51
N GLY A 531 -48.24 1.02 -11.26
CA GLY A 531 -49.21 1.11 -12.33
C GLY A 531 -50.00 -0.18 -12.48
N ASP A 532 -50.69 -0.36 -13.60
CA ASP A 532 -51.43 -1.59 -13.86
C ASP A 532 -50.63 -2.43 -14.85
N TRP A 533 -50.11 -3.56 -14.37
CA TRP A 533 -49.35 -4.49 -15.19
C TRP A 533 -50.08 -5.83 -15.17
N SER A 534 -51.02 -5.98 -16.08
CA SER A 534 -51.78 -7.21 -16.26
C SER A 534 -51.42 -7.85 -17.59
N MET A 535 -52.04 -9.00 -17.87
CA MET A 535 -51.69 -9.78 -19.05
C MET A 535 -52.00 -9.03 -20.35
N ASP A 536 -53.16 -8.36 -20.39
CA ASP A 536 -53.55 -7.62 -21.58
C ASP A 536 -52.58 -6.49 -21.87
N LYS A 537 -52.12 -5.82 -20.81
CA LYS A 537 -51.14 -4.75 -20.96
C LYS A 537 -49.85 -5.28 -21.56
N LEU A 538 -49.39 -6.45 -21.10
CA LEU A 538 -48.14 -7.02 -21.63
C LEU A 538 -48.28 -7.41 -23.10
N ALA A 539 -49.42 -8.00 -23.48
CA ALA A 539 -49.65 -8.34 -24.88
C ALA A 539 -49.68 -7.09 -25.76
N THR A 540 -50.36 -6.05 -25.29
CA THR A 540 -50.42 -4.79 -26.04
C THR A 540 -49.02 -4.17 -26.18
N VAL A 541 -48.23 -4.23 -25.12
CA VAL A 541 -46.87 -3.67 -25.15
C VAL A 541 -46.02 -4.40 -26.19
N GLY A 542 -46.09 -5.74 -26.20
CA GLY A 542 -45.31 -6.49 -27.17
C GLY A 542 -45.70 -6.18 -28.61
N GLU A 543 -47.01 -6.14 -28.86
CA GLU A 543 -47.49 -5.82 -30.21
C GLU A 543 -47.08 -4.41 -30.63
N ARG A 544 -47.16 -3.45 -29.71
CA ARG A 544 -46.80 -2.07 -30.02
C ARG A 544 -45.31 -1.94 -30.33
N ILE A 545 -44.47 -2.64 -29.57
CA ILE A 545 -43.03 -2.59 -29.82
C ILE A 545 -42.72 -3.15 -31.21
N TRP A 546 -43.31 -4.29 -31.55
CA TRP A 546 -43.05 -4.87 -32.87
C TRP A 546 -43.53 -3.97 -33.99
N ASN A 547 -44.72 -3.37 -33.83
CA ASN A 547 -45.26 -2.50 -34.86
C ASN A 547 -44.39 -1.25 -35.05
N MET A 548 -43.91 -0.67 -33.94
CA MET A 548 -43.09 0.54 -34.05
C MET A 548 -41.75 0.24 -34.72
N GLU A 549 -41.12 -0.89 -34.37
CA GLU A 549 -39.88 -1.27 -35.04
C GLU A 549 -40.11 -1.47 -36.53
N ARG A 550 -41.21 -2.15 -36.90
CA ARG A 550 -41.49 -2.37 -38.32
C ARG A 550 -41.75 -1.05 -39.05
N GLN A 551 -42.46 -0.12 -38.40
CA GLN A 551 -42.75 1.16 -39.04
C GLN A 551 -41.46 1.95 -39.27
N PHE A 552 -40.55 1.96 -38.30
CA PHE A 552 -39.27 2.65 -38.51
C PHE A 552 -38.48 1.99 -39.63
N ASN A 553 -38.47 0.65 -39.68
CA ASN A 553 -37.75 -0.04 -40.73
C ASN A 553 -38.34 0.28 -42.10
N ASN A 554 -39.67 0.39 -42.18
CA ASN A 554 -40.34 0.74 -43.42
C ASN A 554 -39.98 2.17 -43.85
N ALA A 555 -39.92 3.10 -42.89
CA ALA A 555 -39.59 4.48 -43.22
C ALA A 555 -38.12 4.65 -43.59
N ALA A 556 -37.28 3.65 -43.34
CA ALA A 556 -35.86 3.76 -43.66
C ALA A 556 -35.54 3.45 -45.12
N GLY A 557 -36.48 2.87 -45.86
CA GLY A 557 -36.24 2.57 -47.27
C GLY A 557 -36.30 1.10 -47.62
N LEU A 558 -36.74 0.28 -46.69
CA LEU A 558 -36.89 -1.16 -46.91
C LEU A 558 -38.36 -1.52 -46.98
N GLY A 559 -38.74 -2.31 -47.98
CA GLY A 559 -40.12 -2.68 -48.17
C GLY A 559 -40.35 -4.17 -48.28
N ALA A 560 -41.36 -4.55 -49.07
CA ALA A 560 -41.76 -5.95 -49.19
C ALA A 560 -40.97 -6.72 -50.23
N GLN A 561 -40.09 -6.07 -50.98
CA GLN A 561 -39.29 -6.77 -51.97
C GLN A 561 -38.02 -7.38 -51.40
N ASP A 562 -37.75 -7.17 -50.10
CA ASP A 562 -36.61 -7.77 -49.44
C ASP A 562 -36.98 -9.01 -48.64
N ASP A 563 -38.26 -9.36 -48.55
CA ASP A 563 -38.70 -10.55 -47.82
C ASP A 563 -38.66 -11.74 -48.79
N ASN A 564 -37.43 -12.23 -49.01
CA ASN A 564 -37.22 -13.33 -49.94
C ASN A 564 -36.08 -14.20 -49.41
N LEU A 565 -35.78 -15.26 -50.14
CA LEU A 565 -34.75 -16.23 -49.81
C LEU A 565 -33.91 -16.54 -51.04
N PRO A 566 -32.69 -17.04 -50.84
CA PRO A 566 -31.87 -17.39 -52.00
C PRO A 566 -32.49 -18.54 -52.78
N PRO A 567 -32.22 -18.62 -54.08
CA PRO A 567 -32.86 -19.67 -54.91
C PRO A 567 -32.50 -21.09 -54.51
N ARG A 568 -31.35 -21.31 -53.88
CA ARG A 568 -30.93 -22.66 -53.55
C ARG A 568 -31.87 -23.29 -52.52
N LEU A 569 -32.31 -22.52 -51.55
CA LEU A 569 -33.18 -23.06 -50.50
C LEU A 569 -34.56 -23.38 -51.04
N THR A 570 -35.06 -22.59 -51.98
CA THR A 570 -36.42 -22.73 -52.48
C THR A 570 -36.50 -23.45 -53.82
N SER A 571 -35.38 -23.97 -54.33
CA SER A 571 -35.38 -24.66 -55.61
C SER A 571 -34.65 -25.99 -55.63
N GLU A 572 -33.70 -26.22 -54.73
CA GLU A 572 -32.88 -27.44 -54.76
C GLU A 572 -33.31 -28.40 -53.67
N PRO A 573 -33.72 -29.61 -54.00
CA PRO A 573 -34.18 -30.55 -52.98
C PRO A 573 -33.04 -31.07 -52.12
N ALA A 574 -33.42 -31.63 -50.97
CA ALA A 574 -32.46 -32.22 -50.06
C ALA A 574 -31.88 -33.51 -50.64
N LYS A 575 -30.69 -33.87 -50.15
CA LYS A 575 -29.96 -35.02 -50.68
C LYS A 575 -29.82 -36.19 -49.73
N SER A 576 -30.18 -36.02 -48.45
CA SER A 576 -30.08 -37.11 -47.48
C SER A 576 -30.99 -36.82 -46.30
N GLY A 577 -31.23 -37.84 -45.50
CA GLY A 577 -31.95 -37.69 -44.25
C GLY A 577 -33.41 -38.04 -44.34
N PRO A 578 -34.18 -37.67 -43.31
CA PRO A 578 -35.62 -37.97 -43.32
C PRO A 578 -36.46 -36.92 -44.00
N ALA A 579 -35.85 -35.88 -44.56
CA ALA A 579 -36.57 -34.81 -45.25
C ALA A 579 -36.31 -34.84 -46.75
N LYS A 580 -36.30 -36.05 -47.33
CA LYS A 580 -35.97 -36.24 -48.73
C LYS A 580 -37.02 -35.58 -49.63
N GLY A 581 -36.54 -34.93 -50.69
CA GLY A 581 -37.41 -34.34 -51.69
C GLY A 581 -38.31 -33.25 -51.16
N MET A 582 -37.79 -32.38 -50.29
CA MET A 582 -38.57 -31.31 -49.70
C MET A 582 -37.87 -29.99 -49.90
N VAL A 583 -38.63 -28.97 -50.30
CA VAL A 583 -38.13 -27.61 -50.47
C VAL A 583 -39.04 -26.66 -49.70
N ASN A 584 -38.54 -25.46 -49.46
CA ASN A 584 -39.30 -24.48 -48.70
C ASN A 584 -40.47 -23.96 -49.52
N ARG A 585 -41.57 -23.68 -48.83
CA ARG A 585 -42.84 -23.26 -49.43
C ARG A 585 -43.30 -21.94 -48.82
N LEU A 586 -42.37 -20.98 -48.78
CA LEU A 586 -42.63 -19.67 -48.18
C LEU A 586 -43.73 -18.91 -48.92
N ALA A 587 -43.88 -19.14 -50.22
CA ALA A 587 -44.87 -18.40 -51.01
C ALA A 587 -46.31 -18.75 -50.63
N GLU A 588 -46.53 -19.81 -49.86
CA GLU A 588 -47.86 -20.20 -49.42
C GLU A 588 -48.17 -19.80 -47.99
N MET A 589 -47.25 -19.11 -47.31
CA MET A 589 -47.46 -18.68 -45.94
C MET A 589 -47.40 -17.17 -45.75
N LEU A 590 -46.69 -16.45 -46.62
CA LEU A 590 -46.52 -15.00 -46.44
C LEU A 590 -47.83 -14.21 -46.50
N PRO A 591 -48.74 -14.41 -47.47
CA PRO A 591 -50.00 -13.66 -47.42
C PRO A 591 -50.83 -13.94 -46.17
N GLU A 592 -50.80 -15.18 -45.66
CA GLU A 592 -51.49 -15.47 -44.41
C GLU A 592 -50.89 -14.70 -43.25
N TYR A 593 -49.56 -14.60 -43.20
CA TYR A 593 -48.92 -13.84 -42.13
C TYR A 593 -49.24 -12.36 -42.23
N TYR A 594 -49.31 -11.83 -43.46
CA TYR A 594 -49.67 -10.42 -43.62
C TYR A 594 -51.12 -10.19 -43.21
N GLY A 595 -52.02 -11.12 -43.53
CA GLY A 595 -53.41 -10.97 -43.16
C GLY A 595 -53.66 -11.08 -41.66
N VAL A 596 -52.99 -12.04 -41.00
CA VAL A 596 -53.22 -12.27 -39.57
C VAL A 596 -52.73 -11.09 -38.74
N ARG A 597 -51.54 -10.57 -39.07
CA ARG A 597 -50.99 -9.41 -38.39
C ARG A 597 -51.86 -8.16 -38.54
N GLY A 598 -52.73 -8.12 -39.53
CA GLY A 598 -53.55 -6.95 -39.75
C GLY A 598 -52.90 -5.89 -40.62
N TRP A 599 -51.93 -6.27 -41.44
CA TRP A 599 -51.18 -5.35 -42.27
C TRP A 599 -51.73 -5.32 -43.69
N THR A 600 -51.41 -4.25 -44.40
CA THR A 600 -51.68 -4.15 -45.82
C THR A 600 -50.89 -5.25 -46.56
N PRO A 601 -51.47 -5.83 -47.62
CA PRO A 601 -50.75 -6.87 -48.37
C PRO A 601 -49.36 -6.48 -48.88
N GLU A 602 -49.03 -5.19 -48.93
CA GLU A 602 -47.69 -4.76 -49.25
C GLU A 602 -46.81 -4.60 -48.01
N GLY A 603 -47.34 -4.87 -46.82
CA GLY A 603 -46.55 -4.82 -45.61
C GLY A 603 -46.43 -3.43 -45.00
N THR A 604 -47.56 -2.76 -44.80
CA THR A 604 -47.59 -1.48 -44.11
C THR A 604 -48.70 -1.56 -43.07
N PRO A 605 -48.53 -0.99 -41.90
CA PRO A 605 -49.60 -0.99 -40.90
C PRO A 605 -50.81 -0.20 -41.36
N THR A 606 -52.00 -0.77 -41.15
CA THR A 606 -53.25 -0.13 -41.49
C THR A 606 -53.64 0.88 -40.42
N PRO A 607 -54.42 1.91 -40.78
CA PRO A 607 -54.86 2.88 -39.76
C PRO A 607 -55.67 2.29 -38.64
N GLU A 608 -56.43 1.22 -38.88
CA GLU A 608 -57.20 0.59 -37.80
C GLU A 608 -56.28 -0.03 -36.76
N THR A 609 -55.31 -0.83 -37.20
CA THR A 609 -54.36 -1.44 -36.27
C THR A 609 -53.46 -0.39 -35.64
N LEU A 610 -53.13 0.65 -36.40
CA LEU A 610 -52.31 1.73 -35.87
C LEU A 610 -53.03 2.48 -34.76
N SER A 611 -54.35 2.70 -34.93
CA SER A 611 -55.12 3.41 -33.92
C SER A 611 -55.46 2.52 -32.73
N ARG A 612 -55.57 1.20 -32.94
CA ARG A 612 -55.89 0.30 -31.84
C ARG A 612 -54.79 0.29 -30.79
N LEU A 613 -53.53 0.28 -31.22
CA LEU A 613 -52.40 0.26 -30.30
C LEU A 613 -52.02 1.63 -29.79
N GLY A 614 -52.67 2.69 -30.27
CA GLY A 614 -52.32 4.03 -29.84
C GLY A 614 -51.00 4.52 -30.40
N LEU A 615 -50.49 3.88 -31.44
CA LEU A 615 -49.19 4.25 -32.01
C LEU A 615 -49.25 5.55 -32.82
N SER A 616 -50.45 6.01 -33.18
CA SER A 616 -50.59 7.25 -33.92
C SER A 616 -50.30 8.46 -33.04
N MET B 1 24.50 25.74 -2.54
CA MET B 1 25.39 24.64 -2.88
C MET B 1 25.51 23.62 -1.75
N GLY B 2 25.78 22.36 -2.13
CA GLY B 2 25.73 21.24 -1.21
C GLY B 2 26.65 21.35 -0.02
N TRP B 3 27.67 22.20 -0.12
CA TRP B 3 28.58 22.44 0.99
C TRP B 3 27.90 23.29 2.05
N ASN B 4 28.35 23.11 3.31
CA ASN B 4 27.79 23.84 4.45
C ASN B 4 28.74 24.87 5.03
N ARG B 5 30.01 24.90 4.58
CA ARG B 5 30.98 25.94 4.92
C ARG B 5 31.29 25.99 6.42
N LYS B 6 31.78 24.87 6.95
CA LYS B 6 32.23 24.83 8.34
C LYS B 6 33.11 23.60 8.55
N VAL B 7 34.15 23.77 9.37
CA VAL B 7 35.00 22.66 9.81
C VAL B 7 35.16 22.78 11.32
N LEU B 8 35.51 21.66 11.96
CA LEU B 8 35.51 21.63 13.42
C LEU B 8 36.88 21.90 14.02
N ARG B 9 37.91 21.14 13.62
CA ARG B 9 39.30 21.36 14.04
C ARG B 9 39.44 21.29 15.56
N VAL B 10 39.24 20.09 16.09
CA VAL B 10 39.45 19.86 17.51
C VAL B 10 40.93 19.64 17.78
N ASN B 11 41.35 19.87 19.03
CA ASN B 11 42.74 19.76 19.45
C ASN B 11 42.80 18.79 20.61
N LEU B 12 43.09 17.51 20.32
CA LEU B 12 42.94 16.46 21.32
C LEU B 12 43.90 16.62 22.50
N ALA B 13 44.93 17.45 22.38
CA ALA B 13 45.91 17.59 23.46
C ALA B 13 45.36 18.40 24.63
N GLU B 14 44.49 19.37 24.37
CA GLU B 14 43.92 20.17 25.45
C GLU B 14 42.43 20.48 25.26
N GLY B 15 41.77 19.86 24.29
CA GLY B 15 40.39 20.19 23.99
C GLY B 15 40.26 21.28 22.96
N THR B 16 39.58 22.37 23.32
CA THR B 16 39.55 23.61 22.53
C THR B 16 39.07 23.34 21.09
N CYS B 17 37.81 22.94 20.99
CA CYS B 17 37.17 22.75 19.68
C CYS B 17 36.61 24.09 19.22
N THR B 18 37.19 24.65 18.16
CA THR B 18 36.83 25.99 17.69
C THR B 18 36.47 25.96 16.21
N PRO B 19 35.33 26.52 15.82
CA PRO B 19 34.91 26.45 14.42
C PRO B 19 35.79 27.31 13.52
N GLU B 20 35.65 27.07 12.21
CA GLU B 20 36.50 27.67 11.19
C GLU B 20 35.82 27.56 9.83
N PRO B 21 35.87 28.59 8.99
CA PRO B 21 35.20 28.53 7.70
C PRO B 21 35.92 27.63 6.70
N LEU B 22 35.14 27.09 5.77
CA LEU B 22 35.69 26.27 4.70
C LEU B 22 36.45 27.15 3.72
N ASN B 23 37.36 26.53 2.98
CA ASN B 23 38.22 27.24 2.04
C ASN B 23 37.63 27.09 0.63
N MET B 24 36.98 28.14 0.16
CA MET B 24 36.60 28.21 -1.25
C MET B 24 37.84 28.51 -2.09
N GLN B 25 37.71 28.27 -3.40
CA GLN B 25 38.73 28.19 -4.43
C GLN B 25 39.49 26.86 -4.32
N TRP B 26 39.28 26.08 -3.25
CA TRP B 26 39.66 24.68 -3.22
C TRP B 26 38.47 23.75 -3.41
N ALA B 27 37.26 24.23 -3.12
CA ALA B 27 36.07 23.42 -3.32
C ALA B 27 35.76 23.22 -4.79
N ASP B 28 35.87 24.29 -5.59
CA ASP B 28 35.59 24.22 -7.01
C ASP B 28 36.76 23.71 -7.84
N GLU B 29 37.72 23.02 -7.22
CA GLU B 29 38.80 22.37 -7.93
C GLU B 29 38.93 20.89 -7.61
N TYR B 30 38.36 20.41 -6.50
CA TYR B 30 38.44 19.01 -6.12
C TYR B 30 37.10 18.38 -5.79
N LEU B 31 36.03 19.17 -5.63
CA LEU B 31 34.64 18.81 -5.47
C LEU B 31 34.32 18.23 -4.08
N GLY B 32 35.31 17.90 -3.27
CA GLY B 32 35.05 17.46 -1.91
C GLY B 32 35.00 15.94 -1.77
N SER B 33 35.19 15.50 -0.51
CA SER B 33 34.95 14.15 0.00
C SER B 33 35.94 13.11 -0.49
N ARG B 34 36.76 13.44 -1.46
CA ARG B 34 38.00 12.70 -1.68
C ARG B 34 39.17 13.60 -2.05
N GLY B 35 38.92 14.76 -2.64
CA GLY B 35 39.98 15.64 -3.04
C GLY B 35 40.17 16.80 -2.08
N LEU B 36 39.07 17.28 -1.50
CA LEU B 36 39.17 18.34 -0.51
C LEU B 36 39.86 17.84 0.75
N ALA B 37 39.48 16.65 1.23
CA ALA B 37 40.08 16.11 2.44
C ALA B 37 41.55 15.78 2.25
N THR B 38 41.90 15.16 1.11
CA THR B 38 43.30 14.83 0.89
C THR B 38 44.14 16.08 0.61
N LYS B 39 43.53 17.14 0.04
CA LYS B 39 44.26 18.38 -0.12
C LYS B 39 44.51 19.04 1.23
N TYR B 40 43.49 18.99 2.11
CA TYR B 40 43.67 19.51 3.47
C TYR B 40 44.76 18.75 4.21
N LEU B 41 44.82 17.44 4.02
CA LEU B 41 45.89 16.66 4.63
C LEU B 41 47.25 17.03 4.05
N VAL B 42 47.37 17.01 2.72
CA VAL B 42 48.66 17.20 2.07
C VAL B 42 49.22 18.60 2.32
N SER B 43 48.37 19.61 2.33
CA SER B 43 48.85 20.99 2.41
C SER B 43 49.35 21.40 3.79
N GLU B 44 49.16 20.57 4.83
CA GLU B 44 49.61 20.97 6.15
C GLU B 44 50.38 19.92 6.94
N THR B 45 50.48 18.68 6.49
CA THR B 45 51.33 17.71 7.18
C THR B 45 52.59 17.46 6.35
N ASP B 46 53.41 16.54 6.82
CA ASP B 46 54.60 16.14 6.09
C ASP B 46 54.50 14.68 5.66
N PRO B 47 55.18 14.30 4.58
CA PRO B 47 55.12 12.92 4.11
C PRO B 47 56.13 12.00 4.77
N LYS B 48 56.78 12.42 5.86
CA LYS B 48 57.84 11.63 6.47
C LYS B 48 57.54 11.14 7.87
N VAL B 49 56.49 11.67 8.52
CA VAL B 49 56.17 11.23 9.87
C VAL B 49 55.70 9.78 9.82
N ASP B 50 56.03 9.03 10.87
CA ASP B 50 55.61 7.65 10.96
C ASP B 50 54.09 7.57 11.11
N PRO B 51 53.49 6.43 10.75
CA PRO B 51 52.02 6.33 10.76
C PRO B 51 51.35 6.61 12.10
N LEU B 52 51.71 5.87 13.14
CA LEU B 52 51.08 6.04 14.46
C LEU B 52 52.03 6.84 15.35
N SER B 53 51.57 8.03 15.77
CA SER B 53 52.27 8.98 16.62
C SER B 53 51.36 10.17 16.92
N PRO B 54 51.69 11.02 17.90
CA PRO B 54 50.90 12.25 18.07
C PRO B 54 50.92 13.18 16.87
N ASP B 55 51.98 13.17 16.07
CA ASP B 55 52.11 14.14 14.99
C ASP B 55 51.19 13.84 13.81
N ASN B 56 50.57 12.68 13.76
CA ASN B 56 49.69 12.33 12.64
C ASN B 56 48.37 13.09 12.75
N LYS B 57 47.52 12.91 11.75
CA LYS B 57 46.28 13.65 11.65
C LYS B 57 45.21 12.77 11.01
N MET B 58 43.95 13.05 11.33
CA MET B 58 42.84 12.29 10.76
C MET B 58 41.76 13.27 10.30
N ILE B 59 41.10 12.94 9.18
CA ILE B 59 40.04 13.80 8.66
C ILE B 59 38.82 12.97 8.33
N MET B 60 37.65 13.43 8.78
CA MET B 60 36.36 12.85 8.40
C MET B 60 35.63 13.84 7.50
N ALA B 61 35.12 13.37 6.37
CA ALA B 61 34.56 14.29 5.38
C ALA B 61 33.33 13.70 4.71
N THR B 62 32.51 14.59 4.15
CA THR B 62 31.31 14.25 3.39
C THR B 62 31.32 14.94 2.03
N GLY B 63 30.32 14.66 1.20
CA GLY B 63 30.26 15.22 -0.13
C GLY B 63 29.11 16.19 -0.34
N PRO B 64 29.14 16.90 -1.47
CA PRO B 64 28.06 17.87 -1.75
C PRO B 64 26.69 17.24 -1.91
N LEU B 65 26.60 16.02 -2.44
CA LEU B 65 25.32 15.34 -2.62
C LEU B 65 24.93 14.49 -1.41
N THR B 66 25.73 14.51 -0.35
CA THR B 66 25.46 13.70 0.83
C THR B 66 24.35 14.33 1.66
N GLY B 67 23.32 13.54 1.97
CA GLY B 67 22.21 14.04 2.75
C GLY B 67 21.16 14.80 1.97
N THR B 68 21.03 14.51 0.68
CA THR B 68 20.05 15.17 -0.18
C THR B 68 19.08 14.14 -0.75
N MET B 69 18.25 14.58 -1.69
CA MET B 69 17.23 13.74 -2.30
C MET B 69 17.79 12.76 -3.32
N ALA B 70 19.03 12.94 -3.76
CA ALA B 70 19.60 12.09 -4.79
C ALA B 70 19.73 10.65 -4.30
N SER B 71 19.62 9.72 -5.25
CA SER B 71 19.70 8.31 -4.93
C SER B 71 21.10 7.95 -4.44
N THR B 72 21.16 7.12 -3.39
CA THR B 72 22.41 6.67 -2.77
C THR B 72 23.30 7.81 -2.30
N GLY B 73 22.69 8.90 -1.82
CA GLY B 73 23.46 10.03 -1.33
C GLY B 73 23.69 10.05 0.16
N GLY B 74 24.41 9.06 0.69
CA GLY B 74 24.66 9.00 2.12
C GLY B 74 26.02 8.50 2.53
N ARG B 75 27.05 8.72 1.71
CA ARG B 75 28.37 8.15 1.92
C ARG B 75 29.32 9.17 2.54
N TYR B 76 30.24 8.70 3.37
CA TYR B 76 31.23 9.56 4.01
C TYR B 76 32.59 8.87 3.97
N THR B 77 33.64 9.64 4.25
CA THR B 77 35.01 9.17 4.08
C THR B 77 35.88 9.52 5.29
N VAL B 78 36.92 8.71 5.45
CA VAL B 78 37.95 8.90 6.47
C VAL B 78 39.31 8.88 5.77
N VAL B 79 40.10 9.93 5.98
CA VAL B 79 41.37 10.12 5.29
C VAL B 79 42.48 10.24 6.32
N THR B 80 43.54 9.45 6.14
CA THR B 80 44.69 9.45 7.04
C THR B 80 45.88 8.81 6.30
N LYS B 81 46.94 8.53 7.04
CA LYS B 81 48.11 7.83 6.50
C LYS B 81 48.13 6.44 7.13
N GLY B 82 47.92 5.41 6.31
CA GLY B 82 47.73 4.06 6.79
C GLY B 82 48.96 3.44 7.41
N PRO B 83 48.79 2.85 8.60
CA PRO B 83 49.91 2.16 9.24
C PRO B 83 50.22 0.80 8.64
N LEU B 84 49.27 0.17 7.95
CA LEU B 84 49.52 -1.15 7.39
C LEU B 84 50.46 -1.08 6.19
N THR B 85 50.36 -0.02 5.40
CA THR B 85 51.10 0.10 4.13
C THR B 85 52.22 1.13 4.18
N GLY B 86 51.93 2.33 4.66
CA GLY B 86 52.84 3.46 4.53
C GLY B 86 52.44 4.45 3.46
N ALA B 87 51.31 4.23 2.79
CA ALA B 87 50.77 5.11 1.78
C ALA B 87 49.63 5.93 2.38
N ILE B 88 48.98 6.71 1.53
CA ILE B 88 47.83 7.50 1.96
C ILE B 88 46.57 6.63 1.88
N ALA B 89 45.76 6.67 2.94
CA ALA B 89 44.60 5.80 3.05
C ALA B 89 43.32 6.63 3.09
N CYS B 90 42.35 6.21 2.28
CA CYS B 90 41.03 6.85 2.22
C CYS B 90 39.99 5.73 2.21
N SER B 91 39.20 5.63 3.28
CA SER B 91 38.21 4.59 3.42
C SER B 91 36.81 5.19 3.39
N ASN B 92 35.88 4.48 2.76
CA ASN B 92 34.54 4.99 2.49
C ASN B 92 33.52 4.11 3.19
N SER B 93 32.56 4.74 3.88
CA SER B 93 31.51 4.01 4.58
C SER B 93 30.15 4.64 4.31
N GLY B 94 29.11 3.82 4.40
CA GLY B 94 27.75 4.25 4.17
C GLY B 94 26.97 4.49 5.45
N GLY B 95 25.85 3.80 5.60
CA GLY B 95 25.07 3.95 6.81
C GLY B 95 24.34 5.28 6.88
N PHE B 96 24.03 5.69 8.12
CA PHE B 96 23.25 6.89 8.37
C PHE B 96 24.05 7.96 9.11
N PHE B 97 25.38 7.89 9.07
CA PHE B 97 26.23 8.79 9.85
C PHE B 97 26.58 10.07 9.10
N GLY B 98 26.95 9.96 7.82
CA GLY B 98 27.29 11.14 7.05
C GLY B 98 26.12 12.08 6.87
N ALA B 99 24.91 11.52 6.70
CA ALA B 99 23.71 12.33 6.61
C ALA B 99 23.48 13.10 7.92
N GLU B 100 23.67 12.43 9.06
CA GLU B 100 23.50 13.10 10.34
C GLU B 100 24.53 14.19 10.55
N MET B 101 25.76 13.97 10.09
CA MET B 101 26.78 15.02 10.17
C MET B 101 26.39 16.21 9.29
N LYS B 102 25.84 15.95 8.11
CA LYS B 102 25.47 17.04 7.22
C LYS B 102 24.24 17.81 7.73
N PHE B 103 23.32 17.12 8.41
CA PHE B 103 22.15 17.81 8.96
C PHE B 103 22.48 18.63 10.20
N ALA B 104 23.66 18.45 10.79
CA ALA B 104 24.02 19.17 12.01
C ALA B 104 24.70 20.50 11.74
N GLY B 105 25.09 20.79 10.51
CA GLY B 105 25.70 22.06 10.15
C GLY B 105 27.15 21.98 9.74
N TRP B 106 27.85 20.90 10.07
CA TRP B 106 29.25 20.72 9.68
C TRP B 106 29.34 19.79 8.48
N ASP B 107 30.50 19.83 7.81
CA ASP B 107 30.77 18.84 6.77
C ASP B 107 32.22 18.35 6.78
N MET B 108 32.97 18.58 7.86
CA MET B 108 34.34 18.10 7.96
C MET B 108 34.76 18.18 9.43
N VAL B 109 35.56 17.20 9.85
CA VAL B 109 36.08 17.15 11.21
C VAL B 109 37.55 16.74 11.15
N ILE B 110 38.40 17.48 11.85
CA ILE B 110 39.86 17.27 11.82
C ILE B 110 40.33 16.92 13.22
N PHE B 111 41.01 15.79 13.35
CA PHE B 111 41.58 15.33 14.61
C PHE B 111 43.09 15.44 14.56
N GLU B 112 43.67 16.14 15.52
CA GLU B 112 45.12 16.29 15.63
C GLU B 112 45.55 16.23 17.09
N GLY B 113 46.70 15.64 17.34
CA GLY B 113 47.25 15.54 18.67
C GLY B 113 47.00 14.20 19.32
N ARG B 114 47.13 14.19 20.64
CA ARG B 114 46.86 13.00 21.45
C ARG B 114 46.37 13.44 22.81
N SER B 115 45.34 12.75 23.32
CA SER B 115 44.74 13.09 24.61
C SER B 115 45.33 12.22 25.70
N PRO B 116 45.70 12.81 26.85
CA PRO B 116 46.30 12.00 27.93
C PRO B 116 45.37 10.96 28.52
N THR B 117 44.05 11.14 28.41
CA THR B 117 43.06 10.24 28.96
C THR B 117 42.05 9.88 27.90
N PRO B 118 41.38 8.72 28.00
CA PRO B 118 40.35 8.37 27.03
C PRO B 118 39.18 9.34 27.06
N VAL B 119 38.74 9.75 25.88
CA VAL B 119 37.63 10.71 25.72
C VAL B 119 36.76 10.27 24.56
N TYR B 120 35.58 10.88 24.46
CA TYR B 120 34.73 10.70 23.29
C TYR B 120 34.01 12.02 23.01
N LEU B 121 33.59 12.20 21.76
CA LEU B 121 33.13 13.50 21.26
C LEU B 121 31.63 13.48 21.01
N PHE B 122 30.95 14.57 21.39
CA PHE B 122 29.51 14.70 21.26
C PHE B 122 29.15 16.02 20.59
N ILE B 123 28.26 15.97 19.59
CA ILE B 123 27.91 17.17 18.83
C ILE B 123 26.40 17.37 18.83
N GLU B 124 25.95 18.58 19.18
CA GLU B 124 24.55 19.02 19.02
C GLU B 124 24.51 20.39 18.33
N ASN B 125 24.61 20.38 17.01
CA ASN B 125 24.24 21.44 16.07
C ASN B 125 25.05 22.73 16.18
N GLU B 126 25.59 23.01 17.37
CA GLU B 126 26.55 24.09 17.57
C GLU B 126 27.51 23.69 18.66
N ARG B 127 27.11 22.70 19.45
CA ARG B 127 27.74 22.40 20.73
C ARG B 127 28.49 21.08 20.60
N ALA B 128 29.78 21.15 20.32
CA ALA B 128 30.64 19.98 20.34
C ALA B 128 31.47 20.00 21.60
N GLU B 129 31.43 18.90 22.36
CA GLU B 129 32.16 18.81 23.61
C GLU B 129 32.85 17.46 23.71
N LEU B 130 33.91 17.43 24.51
CA LEU B 130 34.67 16.23 24.80
C LEU B 130 34.33 15.75 26.20
N ARG B 131 34.07 14.45 26.33
CA ARG B 131 33.65 13.87 27.60
C ARG B 131 34.55 12.70 27.97
N ASP B 132 34.70 12.49 29.27
CA ASP B 132 35.50 11.36 29.76
C ASP B 132 34.79 10.05 29.44
N ALA B 133 35.56 9.07 28.99
CA ALA B 133 35.06 7.77 28.59
C ALA B 133 35.91 6.66 29.19
N SER B 134 36.24 6.79 30.47
CA SER B 134 37.03 5.78 31.15
C SER B 134 36.23 4.53 31.47
N TYR B 135 34.90 4.60 31.44
CA TYR B 135 34.05 3.45 31.71
C TYR B 135 33.68 2.67 30.46
N LEU B 136 34.03 3.16 29.27
CA LEU B 136 33.77 2.45 28.03
C LEU B 136 34.97 1.68 27.50
N TRP B 137 36.16 1.95 28.03
CA TRP B 137 37.37 1.29 27.54
C TRP B 137 37.31 -0.21 27.79
N GLY B 138 37.64 -0.99 26.77
CA GLY B 138 37.60 -2.44 26.88
C GLY B 138 36.27 -3.08 26.57
N ARG B 139 35.34 -2.34 25.98
CA ARG B 139 34.04 -2.86 25.59
C ARG B 139 33.93 -2.83 24.07
N SER B 140 33.18 -3.77 23.51
CA SER B 140 33.00 -3.82 22.07
C SER B 140 32.07 -2.69 21.61
N CYS B 141 31.85 -2.64 20.29
CA CYS B 141 31.12 -1.52 19.69
C CYS B 141 29.66 -1.47 20.14
N TRP B 142 29.01 -2.64 20.19
CA TRP B 142 27.57 -2.69 20.44
C TRP B 142 27.24 -2.13 21.82
N GLU B 143 28.01 -2.53 22.84
CA GLU B 143 27.79 -2.02 24.19
C GLU B 143 28.06 -0.53 24.28
N THR B 144 29.05 -0.05 23.52
CA THR B 144 29.35 1.37 23.52
C THR B 144 28.20 2.18 22.96
N GLU B 145 27.64 1.76 21.82
CA GLU B 145 26.50 2.46 21.24
C GLU B 145 25.30 2.43 22.18
N GLU B 146 25.01 1.26 22.75
CA GLU B 146 23.86 1.14 23.65
C GLU B 146 24.04 2.00 24.91
N SER B 147 25.26 2.01 25.46
CA SER B 147 25.51 2.80 26.67
C SER B 147 25.41 4.29 26.40
N ILE B 148 25.94 4.75 25.26
CA ILE B 148 25.84 6.16 24.93
C ILE B 148 24.38 6.57 24.74
N ARG B 149 23.63 5.75 24.01
CA ARG B 149 22.21 6.06 23.76
C ARG B 149 21.41 6.06 25.06
N ALA B 150 21.71 5.12 25.97
CA ALA B 150 20.97 5.07 27.22
C ALA B 150 21.36 6.20 28.16
N GLN B 151 22.64 6.58 28.17
CA GLN B 151 23.09 7.64 29.06
C GLN B 151 22.57 9.00 28.63
N HIS B 152 22.60 9.28 27.33
CA HIS B 152 22.17 10.59 26.85
C HIS B 152 20.66 10.70 26.64
N GLN B 153 19.93 9.60 26.80
CA GLN B 153 18.46 9.56 26.76
C GLN B 153 17.92 10.06 25.42
N ASP B 154 18.38 9.41 24.35
CA ASP B 154 17.91 9.74 23.01
C ASP B 154 18.13 8.55 22.10
N PRO B 155 17.09 7.99 21.49
CA PRO B 155 17.26 6.84 20.60
C PRO B 155 17.56 7.17 19.14
N LEU B 156 17.84 8.43 18.81
CA LEU B 156 18.13 8.85 17.44
C LEU B 156 19.49 9.53 17.35
N ILE B 157 20.47 9.00 18.08
CA ILE B 157 21.85 9.48 18.06
C ILE B 157 22.66 8.54 17.19
N ARG B 158 23.47 9.10 16.29
CA ARG B 158 24.30 8.29 15.41
C ARG B 158 25.72 8.22 15.96
N VAL B 159 26.23 7.00 16.11
CA VAL B 159 27.45 6.72 16.88
C VAL B 159 28.43 5.93 16.02
N SER B 160 29.69 6.34 16.03
CA SER B 160 30.77 5.62 15.37
C SER B 160 31.90 5.38 16.36
N SER B 161 32.41 4.14 16.41
CA SER B 161 33.35 3.78 17.47
C SER B 161 34.21 2.60 17.02
N ILE B 162 35.19 2.28 17.87
CA ILE B 162 36.10 1.17 17.65
C ILE B 162 35.84 0.09 18.70
N GLY B 163 36.49 -1.05 18.53
CA GLY B 163 36.36 -2.17 19.43
C GLY B 163 37.64 -2.46 20.20
N ARG B 164 37.76 -3.70 20.66
CA ARG B 164 38.96 -4.11 21.37
C ARG B 164 40.15 -4.32 20.45
N ALA B 165 39.93 -4.48 19.14
CA ALA B 165 41.03 -4.65 18.21
C ALA B 165 41.68 -3.32 17.83
N GLY B 166 41.13 -2.19 18.26
CA GLY B 166 41.76 -0.91 18.02
C GLY B 166 42.59 -0.48 19.22
N GLU B 167 42.10 -0.78 20.42
CA GLU B 167 42.82 -0.43 21.63
C GLU B 167 44.12 -1.23 21.76
N ASN B 168 44.08 -2.50 21.37
CA ASN B 168 45.29 -3.32 21.34
C ASN B 168 46.19 -3.00 20.16
N GLN B 169 45.73 -2.12 19.25
CA GLN B 169 46.49 -1.67 18.09
C GLN B 169 46.85 -2.84 17.18
N VAL B 170 45.84 -3.63 16.82
CA VAL B 170 45.99 -4.62 15.76
C VAL B 170 46.17 -3.88 14.43
N MET B 171 47.03 -4.42 13.57
CA MET B 171 47.45 -3.69 12.38
C MET B 171 46.33 -3.50 11.37
N PHE B 172 45.24 -4.26 11.46
CA PHE B 172 44.14 -4.15 10.50
C PHE B 172 42.82 -3.90 11.21
N ALA B 173 42.81 -3.01 12.19
CA ALA B 173 41.58 -2.61 12.82
C ALA B 173 40.77 -1.71 11.88
N CYS B 174 39.53 -1.40 12.27
CA CYS B 174 38.63 -0.63 11.41
C CYS B 174 37.66 0.14 12.29
N ILE B 175 36.80 0.92 11.63
CA ILE B 175 35.82 1.78 12.29
C ILE B 175 34.43 1.29 11.88
N VAL B 176 33.59 1.01 12.86
CA VAL B 176 32.28 0.41 12.64
C VAL B 176 31.20 1.38 13.10
N ASN B 177 30.24 1.67 12.22
CA ASN B 177 29.09 2.50 12.58
C ASN B 177 27.80 1.78 12.19
N ASP B 178 26.78 1.93 13.02
CA ASP B 178 25.47 1.30 12.82
C ASP B 178 25.60 -0.22 12.72
N LEU B 179 26.25 -0.82 13.72
CA LEU B 179 26.32 -2.26 13.95
C LEU B 179 27.12 -3.02 12.90
N HIS B 180 26.60 -3.19 11.68
CA HIS B 180 27.28 -4.02 10.70
C HIS B 180 27.88 -3.25 9.53
N ARG B 181 27.64 -1.94 9.44
CA ARG B 181 28.30 -1.14 8.42
C ARG B 181 29.67 -0.71 8.92
N ALA B 182 30.67 -0.78 8.05
CA ALA B 182 32.03 -0.55 8.53
C ALA B 182 32.93 -0.07 7.42
N ALA B 183 33.96 0.67 7.81
CA ALA B 183 35.11 0.92 6.95
C ALA B 183 36.06 -0.28 7.06
N GLY B 184 37.26 -0.12 6.55
CA GLY B 184 38.24 -1.19 6.62
C GLY B 184 39.48 -0.81 5.85
N ARG B 185 40.41 -1.77 5.79
CA ARG B 185 41.64 -1.69 5.01
C ARG B 185 42.60 -0.65 5.59
N SER B 186 43.91 -0.94 5.50
CA SER B 186 45.00 -0.06 5.88
C SER B 186 45.02 0.29 7.37
N GLY B 187 44.14 -0.30 8.19
CA GLY B 187 44.22 -0.13 9.62
C GLY B 187 43.97 1.28 10.16
N VAL B 188 42.91 1.93 9.70
CA VAL B 188 42.55 3.25 10.22
C VAL B 188 42.13 3.17 11.68
N GLY B 189 41.66 2.00 12.12
CA GLY B 189 41.27 1.83 13.51
C GLY B 189 42.43 1.96 14.47
N ALA B 190 43.62 1.52 14.04
CA ALA B 190 44.81 1.69 14.86
C ALA B 190 45.14 3.17 15.05
N VAL B 191 44.99 3.97 13.99
CA VAL B 191 45.23 5.40 14.09
C VAL B 191 44.21 6.05 15.00
N MET B 192 42.95 5.61 14.92
CA MET B 192 41.93 6.15 15.82
C MET B 192 42.23 5.79 17.27
N GLY B 193 42.66 4.55 17.53
CA GLY B 193 42.94 4.11 18.88
C GLY B 193 44.25 4.58 19.46
N SER B 194 45.16 5.07 18.62
CA SER B 194 46.42 5.64 19.13
C SER B 194 46.23 7.02 19.75
N LYS B 195 45.10 7.66 19.55
CA LYS B 195 44.83 8.99 20.09
C LYS B 195 43.99 8.95 21.36
N ASN B 196 43.74 7.76 21.91
CA ASN B 196 42.84 7.57 23.06
C ASN B 196 41.44 8.10 22.77
N LEU B 197 41.01 8.05 21.52
CA LEU B 197 39.68 8.46 21.12
C LEU B 197 38.80 7.23 20.98
N LYS B 198 37.63 7.26 21.62
CA LYS B 198 36.77 6.08 21.67
C LYS B 198 35.61 6.16 20.69
N ALA B 199 34.84 7.24 20.69
CA ALA B 199 33.63 7.29 19.88
C ALA B 199 33.28 8.72 19.53
N VAL B 200 32.49 8.85 18.46
CA VAL B 200 31.91 10.12 18.04
C VAL B 200 30.40 9.94 17.96
N ALA B 201 29.66 10.89 18.52
CA ALA B 201 28.21 10.85 18.56
C ALA B 201 27.63 12.16 18.03
N ILE B 202 26.67 12.03 17.10
CA ILE B 202 26.10 13.18 16.41
C ILE B 202 24.57 13.12 16.50
N ARG B 203 23.96 14.26 16.79
CA ARG B 203 22.52 14.47 16.71
C ARG B 203 22.27 15.79 16.00
N GLY B 204 21.47 15.77 14.93
CA GLY B 204 21.29 16.96 14.12
C GLY B 204 19.85 17.34 13.79
N THR B 205 19.49 18.59 14.05
CA THR B 205 18.12 19.06 13.85
C THR B 205 18.12 20.44 13.18
N LYS B 206 18.88 20.60 12.10
CA LYS B 206 18.91 21.87 11.37
C LYS B 206 18.59 21.75 9.89
N GLY B 207 18.91 20.64 9.26
CA GLY B 207 18.52 20.40 7.89
C GLY B 207 19.52 20.91 6.87
N VAL B 208 19.37 20.43 5.64
CA VAL B 208 20.24 20.80 4.54
C VAL B 208 19.50 21.86 3.72
N SER B 209 19.88 23.11 3.92
CA SER B 209 19.47 24.19 3.04
C SER B 209 20.65 24.54 2.13
N GLY B 210 20.50 25.60 1.35
CA GLY B 210 21.57 26.02 0.48
C GLY B 210 21.73 25.15 -0.74
N ILE B 211 20.73 25.19 -1.62
CA ILE B 211 20.82 24.65 -2.97
C ILE B 211 20.55 25.80 -3.92
N ARG B 212 21.40 25.97 -4.93
CA ARG B 212 21.28 27.12 -5.82
C ARG B 212 19.98 27.09 -6.62
N ASP B 213 19.48 25.91 -6.98
CA ASP B 213 18.25 25.81 -7.76
C ASP B 213 17.48 24.59 -7.24
N PHE B 214 16.39 24.85 -6.49
CA PHE B 214 15.63 23.74 -5.93
C PHE B 214 14.83 22.97 -6.98
N PRO B 215 13.92 23.59 -7.76
CA PRO B 215 13.09 22.78 -8.67
C PRO B 215 13.90 22.06 -9.74
N GLY B 216 14.96 22.67 -10.25
CA GLY B 216 15.82 21.99 -11.19
C GLY B 216 16.48 20.77 -10.58
N PHE B 217 16.94 20.89 -9.33
CA PHE B 217 17.53 19.76 -8.62
C PHE B 217 16.52 18.62 -8.45
N VAL B 218 15.30 18.96 -8.04
CA VAL B 218 14.28 17.94 -7.82
C VAL B 218 13.94 17.23 -9.14
N ARG B 219 13.76 18.01 -10.21
CA ARG B 219 13.44 17.41 -11.50
C ARG B 219 14.59 16.55 -12.02
N ALA B 220 15.83 17.00 -11.83
CA ALA B 220 16.97 16.21 -12.28
C ALA B 220 17.07 14.89 -11.54
N THR B 221 16.87 14.91 -10.22
CA THR B 221 16.91 13.66 -9.45
C THR B 221 15.79 12.71 -9.86
N SER B 222 14.58 13.25 -10.07
CA SER B 222 13.45 12.42 -10.47
C SER B 222 13.67 11.82 -11.85
N GLU B 223 14.26 12.58 -12.77
CA GLU B 223 14.55 12.06 -14.10
C GLU B 223 15.66 11.01 -14.06
N ALA B 224 16.65 11.20 -13.17
CA ALA B 224 17.75 10.25 -13.11
C ALA B 224 17.36 8.94 -12.44
N LYS B 225 16.36 8.96 -11.56
CA LYS B 225 15.96 7.73 -10.89
C LYS B 225 15.33 6.73 -11.87
N LYS B 226 14.70 7.22 -12.94
CA LYS B 226 14.04 6.32 -13.90
C LYS B 226 15.05 5.41 -14.61
N VAL B 227 16.21 5.97 -14.98
CA VAL B 227 17.24 5.19 -15.64
C VAL B 227 17.74 4.09 -14.73
N LEU B 228 17.92 4.39 -13.45
CA LEU B 228 18.33 3.38 -12.49
C LEU B 228 17.25 2.33 -12.27
N ALA B 229 15.98 2.74 -12.33
CA ALA B 229 14.88 1.78 -12.20
C ALA B 229 14.76 0.86 -13.40
N GLY B 230 15.18 1.30 -14.58
CA GLY B 230 15.02 0.51 -15.78
C GLY B 230 15.99 -0.65 -15.98
N ASN B 231 17.21 -0.52 -15.48
CA ASN B 231 18.24 -1.52 -15.77
C ASN B 231 17.97 -2.82 -15.01
N PRO B 232 18.13 -3.98 -15.67
CA PRO B 232 17.89 -5.26 -14.97
C PRO B 232 18.83 -5.50 -13.79
N VAL B 233 20.07 -5.02 -13.85
CA VAL B 233 21.02 -5.30 -12.77
C VAL B 233 20.60 -4.60 -11.48
N THR B 234 20.16 -3.35 -11.57
CA THR B 234 19.80 -2.56 -10.40
C THR B 234 18.29 -2.57 -10.14
N SER B 235 17.57 -3.53 -10.69
CA SER B 235 16.15 -3.65 -10.44
C SER B 235 15.74 -5.03 -9.96
N GLU B 236 16.40 -6.09 -10.43
CA GLU B 236 16.07 -7.45 -10.03
C GLU B 236 17.26 -8.27 -9.54
N GLY B 237 18.48 -7.96 -9.96
CA GLY B 237 19.62 -8.76 -9.57
C GLY B 237 20.18 -8.41 -8.21
N LEU B 238 20.56 -7.15 -8.03
CA LEU B 238 21.11 -6.72 -6.74
C LEU B 238 20.12 -6.85 -5.58
N PRO B 239 18.88 -6.34 -5.64
CA PRO B 239 17.99 -6.48 -4.47
C PRO B 239 17.69 -7.92 -4.09
N LYS B 240 17.70 -8.84 -5.04
CA LYS B 240 17.36 -10.23 -4.78
C LYS B 240 18.57 -11.07 -4.37
N PHE B 241 19.78 -10.74 -4.81
CA PHE B 241 20.91 -11.61 -4.58
C PHE B 241 22.11 -10.97 -3.88
N GLY B 242 22.08 -9.66 -3.58
CA GLY B 242 23.25 -9.09 -2.97
C GLY B 242 24.42 -9.02 -3.95
N THR B 243 25.61 -8.81 -3.39
CA THR B 243 26.84 -8.91 -4.15
C THR B 243 27.36 -10.34 -4.22
N GLN B 244 26.66 -11.28 -3.58
CA GLN B 244 27.06 -12.69 -3.56
C GLN B 244 26.81 -13.38 -4.90
N VAL B 245 26.14 -12.72 -5.84
CA VAL B 245 25.79 -13.34 -7.12
C VAL B 245 27.02 -13.65 -7.97
N LEU B 246 28.16 -13.03 -7.67
CA LEU B 246 29.36 -13.20 -8.47
C LEU B 246 30.13 -14.48 -8.14
N MET B 247 29.73 -15.22 -7.11
CA MET B 247 30.52 -16.36 -6.66
C MET B 247 30.64 -17.42 -7.75
N ASN B 248 29.51 -18.00 -8.17
CA ASN B 248 29.53 -19.00 -9.21
C ASN B 248 30.01 -18.42 -10.55
N VAL B 249 29.67 -17.16 -10.83
CA VAL B 249 30.05 -16.54 -12.10
C VAL B 249 31.57 -16.50 -12.24
N ILE B 250 32.27 -16.09 -11.18
CA ILE B 250 33.73 -16.06 -11.22
C ILE B 250 34.29 -17.46 -11.16
N ASN B 251 33.64 -18.37 -10.43
CA ASN B 251 34.16 -19.73 -10.30
C ASN B 251 34.15 -20.48 -11.62
N GLU B 252 33.12 -20.27 -12.45
CA GLU B 252 33.05 -20.97 -13.73
C GLU B 252 34.18 -20.55 -14.66
N MET B 253 34.59 -19.27 -14.61
CA MET B 253 35.64 -18.77 -15.48
C MET B 253 37.03 -19.24 -15.07
N GLY B 254 37.17 -19.85 -13.90
CA GLY B 254 38.49 -20.31 -13.45
C GLY B 254 39.40 -19.22 -12.93
N ALA B 255 38.84 -18.20 -12.28
CA ALA B 255 39.60 -17.08 -11.74
C ALA B 255 39.28 -16.87 -10.27
N LEU B 256 39.29 -17.95 -9.49
CA LEU B 256 39.02 -17.89 -8.05
C LEU B 256 40.15 -18.56 -7.30
N PRO B 257 40.97 -17.80 -6.57
CA PRO B 257 42.08 -18.42 -5.83
C PRO B 257 41.58 -19.29 -4.70
N THR B 258 42.41 -20.28 -4.33
CA THR B 258 42.04 -21.22 -3.29
C THR B 258 43.32 -21.73 -2.62
N ARG B 259 43.28 -21.84 -1.28
CA ARG B 259 44.37 -22.40 -0.48
C ARG B 259 45.67 -21.61 -0.67
N ASN B 260 45.59 -20.30 -0.42
CA ASN B 260 46.71 -19.37 -0.58
C ASN B 260 47.30 -19.45 -1.99
N HIS B 261 46.42 -19.17 -2.97
CA HIS B 261 46.79 -19.04 -4.38
C HIS B 261 47.48 -20.30 -4.90
N ARG B 262 47.00 -21.47 -4.47
CA ARG B 262 47.51 -22.73 -4.96
C ARG B 262 46.61 -23.37 -6.01
N ASP B 263 45.34 -22.99 -6.05
CA ASP B 263 44.40 -23.48 -7.05
C ASP B 263 43.68 -22.29 -7.67
N VAL B 264 42.92 -22.55 -8.73
CA VAL B 264 42.19 -21.50 -9.43
C VAL B 264 40.72 -21.88 -9.53
N GLN B 265 40.31 -22.94 -8.81
CA GLN B 265 38.92 -23.36 -8.80
C GLN B 265 38.63 -24.03 -7.46
N PHE B 266 37.40 -23.84 -6.97
CA PHE B 266 36.96 -24.40 -5.70
C PHE B 266 35.81 -25.37 -5.96
N GLU B 267 35.92 -26.58 -5.41
CA GLU B 267 34.90 -27.60 -5.64
C GLU B 267 33.64 -27.35 -4.81
N ASP B 268 33.77 -26.76 -3.63
CA ASP B 268 32.65 -26.51 -2.74
C ASP B 268 32.08 -25.10 -2.88
N ALA B 269 32.39 -24.39 -3.96
CA ALA B 269 31.91 -23.03 -4.11
C ALA B 269 30.41 -22.96 -4.29
N SER B 270 29.79 -24.06 -4.74
CA SER B 270 28.33 -24.12 -4.81
C SER B 270 27.68 -24.22 -3.44
N LYS B 271 28.45 -24.47 -2.39
CA LYS B 271 27.92 -24.58 -1.04
C LYS B 271 27.91 -23.26 -0.27
N ILE B 272 28.63 -22.25 -0.76
CA ILE B 272 28.71 -20.96 -0.06
C ILE B 272 28.35 -19.83 -1.01
N SER B 273 27.64 -20.16 -2.10
CA SER B 273 27.23 -19.16 -3.07
C SER B 273 25.95 -18.49 -2.59
N ALA B 274 25.33 -17.70 -3.47
CA ALA B 274 24.12 -16.97 -3.09
C ALA B 274 22.91 -17.89 -2.99
N GLU B 275 22.92 -19.00 -3.73
CA GLU B 275 21.78 -19.92 -3.71
C GLU B 275 21.71 -20.70 -2.40
N ALA B 276 22.85 -20.93 -1.75
CA ALA B 276 22.86 -21.65 -0.48
C ALA B 276 22.25 -20.84 0.66
N MET B 277 22.11 -19.53 0.49
CA MET B 277 21.49 -18.66 1.48
C MET B 277 19.98 -18.57 1.34
N HIS B 278 19.41 -19.23 0.33
CA HIS B 278 17.98 -19.19 0.08
C HIS B 278 17.29 -20.51 0.28
N GLU B 279 18.01 -21.56 0.68
CA GLU B 279 17.47 -22.90 0.83
C GLU B 279 17.06 -23.15 2.28
N LYS B 280 16.03 -23.98 2.47
CA LYS B 280 15.52 -24.26 3.80
C LYS B 280 16.39 -25.31 4.50
N ARG B 281 16.90 -24.94 5.68
CA ARG B 281 17.77 -25.84 6.42
C ARG B 281 17.00 -27.07 6.87
N PRO B 282 17.64 -28.25 6.91
CA PRO B 282 16.90 -29.46 7.31
C PRO B 282 16.38 -29.44 8.74
N SER B 283 17.07 -28.75 9.65
CA SER B 283 16.69 -28.79 11.05
C SER B 283 15.39 -28.05 11.31
N ASP B 284 15.27 -26.83 10.78
CA ASP B 284 14.13 -25.97 11.07
C ASP B 284 13.26 -25.66 9.86
N GLY B 285 13.73 -25.94 8.65
CA GLY B 285 12.94 -25.64 7.46
C GLY B 285 12.79 -24.15 7.20
N LYS B 286 13.85 -23.39 7.38
CA LYS B 286 13.82 -21.96 7.11
C LYS B 286 15.17 -21.52 6.54
N PRO B 287 15.18 -20.57 5.61
CA PRO B 287 16.44 -20.11 5.03
C PRO B 287 17.22 -19.23 5.99
N GLN B 288 18.51 -19.09 5.71
CA GLN B 288 19.36 -18.24 6.53
C GLN B 288 19.05 -16.76 6.32
N LEU B 289 18.83 -16.35 5.08
CA LEU B 289 18.52 -14.96 4.78
C LEU B 289 17.10 -14.63 5.22
N VAL B 290 16.93 -13.44 5.79
CA VAL B 290 15.61 -12.99 6.21
C VAL B 290 15.03 -12.04 5.19
N THR B 291 15.66 -10.87 5.03
CA THR B 291 15.19 -9.81 4.13
C THR B 291 16.42 -9.08 3.59
N ASN B 292 16.17 -7.87 3.06
CA ASN B 292 17.23 -6.97 2.64
C ASN B 292 16.96 -5.58 3.20
N ALA B 293 18.01 -4.80 3.36
CA ALA B 293 17.92 -3.44 3.88
C ALA B 293 18.80 -2.52 3.05
N ALA B 294 18.59 -1.21 3.21
CA ALA B 294 19.24 -0.23 2.38
C ALA B 294 19.91 0.84 3.22
N CYS B 295 20.96 1.44 2.66
CA CYS B 295 21.61 2.59 3.26
C CYS B 295 20.73 3.83 3.10
N PHE B 296 21.26 4.98 3.51
CA PHE B 296 20.48 6.21 3.47
C PHE B 296 20.22 6.64 2.02
N GLY B 297 18.95 6.88 1.71
CA GLY B 297 18.55 7.38 0.41
C GLY B 297 18.65 6.41 -0.74
N CYS B 298 19.21 5.22 -0.53
CA CYS B 298 19.41 4.29 -1.63
C CYS B 298 18.09 3.69 -2.08
N THR B 299 17.94 3.53 -3.39
CA THR B 299 16.75 2.92 -3.99
C THR B 299 17.07 1.58 -4.65
N ILE B 300 18.18 0.95 -4.27
CA ILE B 300 18.56 -0.35 -4.80
C ILE B 300 18.41 -1.44 -3.74
N ALA B 301 18.81 -1.15 -2.49
CA ALA B 301 18.64 -2.04 -1.34
C ALA B 301 19.35 -3.39 -1.56
N CYS B 302 20.67 -3.32 -1.62
CA CYS B 302 21.50 -4.49 -1.84
C CYS B 302 21.99 -5.14 -0.55
N GLY B 303 21.56 -4.66 0.62
CA GLY B 303 22.04 -5.18 1.88
C GLY B 303 21.55 -6.58 2.20
N ARG B 304 22.05 -7.17 3.28
CA ARG B 304 21.68 -8.52 3.68
C ARG B 304 21.31 -8.53 5.16
N ILE B 305 20.38 -9.41 5.51
CA ILE B 305 20.05 -9.72 6.90
C ILE B 305 20.04 -11.23 7.05
N SER B 306 20.77 -11.75 8.03
CA SER B 306 20.93 -13.18 8.20
C SER B 306 20.70 -13.58 9.65
N ALA B 307 20.25 -14.82 9.84
CA ALA B 307 20.06 -15.41 11.15
C ALA B 307 20.92 -16.66 11.27
N ILE B 308 21.64 -16.80 12.38
CA ILE B 308 22.52 -17.93 12.62
C ILE B 308 21.73 -19.06 13.26
N ASP B 309 22.11 -20.29 12.93
CA ASP B 309 21.47 -21.46 13.50
C ASP B 309 21.73 -21.54 15.00
N LYS B 310 20.71 -21.98 15.75
CA LYS B 310 20.82 -22.08 17.20
C LYS B 310 21.37 -23.43 17.67
N THR B 311 21.50 -24.41 16.77
CA THR B 311 21.97 -25.73 17.12
C THR B 311 23.36 -26.04 16.59
N HIS B 312 24.03 -25.07 15.97
CA HIS B 312 25.40 -25.27 15.52
C HIS B 312 26.34 -25.37 16.71
N PHE B 313 27.40 -26.16 16.55
CA PHE B 313 28.29 -26.46 17.67
C PHE B 313 29.10 -25.26 18.14
N THR B 314 29.12 -24.16 17.39
CA THR B 314 29.89 -22.99 17.78
C THR B 314 29.09 -22.00 18.63
N VAL B 315 27.77 -22.05 18.59
CA VAL B 315 26.97 -21.03 19.26
C VAL B 315 25.85 -21.70 20.07
N LYS B 316 25.93 -23.01 20.23
CA LYS B 316 24.87 -23.73 20.96
C LYS B 316 24.93 -23.52 22.46
N ASN B 317 26.05 -23.02 23.00
CA ASN B 317 26.16 -22.72 24.42
C ASN B 317 26.23 -21.22 24.68
N ASN B 318 25.88 -20.40 23.70
CA ASN B 318 25.98 -18.95 23.85
C ASN B 318 24.68 -18.29 23.41
N PRO B 319 23.93 -17.68 24.32
CA PRO B 319 22.64 -17.06 23.97
C PRO B 319 22.71 -15.59 23.58
N LYS B 320 23.90 -15.01 23.44
CA LYS B 320 24.03 -13.60 23.09
C LYS B 320 24.26 -13.38 21.59
N TYR B 321 24.23 -14.44 20.80
CA TYR B 321 24.42 -14.34 19.35
C TYR B 321 23.20 -14.83 18.57
N TRP B 322 22.05 -14.97 19.22
CA TRP B 322 20.90 -15.62 18.62
C TRP B 322 19.96 -14.64 17.91
N GLY B 323 20.32 -13.38 17.81
CA GLY B 323 19.51 -12.40 17.12
C GLY B 323 19.76 -12.38 15.63
N ALA B 324 19.36 -11.29 15.00
CA ALA B 324 19.54 -11.08 13.57
C ALA B 324 20.45 -9.88 13.35
N SER B 325 21.44 -10.03 12.48
CA SER B 325 22.38 -8.97 12.18
C SER B 325 22.82 -9.11 10.72
N GLY B 326 23.90 -8.41 10.37
CA GLY B 326 24.31 -8.34 8.98
C GLY B 326 24.78 -9.68 8.44
N GLY B 327 24.69 -9.81 7.12
CA GLY B 327 24.99 -11.04 6.42
C GLY B 327 26.41 -11.09 5.90
N LEU B 328 26.59 -11.79 4.79
CA LEU B 328 27.91 -12.03 4.20
C LEU B 328 28.01 -11.30 2.86
N GLU B 329 29.01 -10.43 2.74
CA GLU B 329 29.37 -9.89 1.44
C GLU B 329 30.26 -10.88 0.69
N TYR B 330 30.55 -10.58 -0.57
CA TYR B 330 31.30 -11.50 -1.40
C TYR B 330 32.74 -11.65 -0.92
N GLU B 331 33.39 -10.53 -0.61
CA GLU B 331 34.80 -10.56 -0.20
C GLU B 331 34.98 -11.30 1.12
N ALA B 332 34.10 -11.05 2.08
CA ALA B 332 34.18 -11.75 3.36
C ALA B 332 33.98 -13.25 3.19
N ALA B 333 33.03 -13.64 2.35
CA ALA B 333 32.77 -15.05 2.11
C ALA B 333 33.95 -15.73 1.43
N TRP B 334 34.60 -15.02 0.50
CA TRP B 334 35.79 -15.58 -0.14
C TRP B 334 36.93 -15.70 0.86
N ALA B 335 37.16 -14.67 1.67
CA ALA B 335 38.33 -14.64 2.54
C ALA B 335 38.22 -15.66 3.66
N LEU B 336 37.04 -15.77 4.28
CA LEU B 336 36.87 -16.77 5.33
C LEU B 336 36.69 -18.17 4.76
N GLY B 337 36.36 -18.29 3.49
CA GLY B 337 35.95 -19.52 2.84
C GLY B 337 37.07 -20.06 1.96
N ALA B 338 37.01 -19.76 0.66
CA ALA B 338 37.89 -20.39 -0.31
C ALA B 338 39.37 -20.08 -0.08
N ALA B 339 39.67 -18.99 0.62
CA ALA B 339 41.06 -18.69 0.93
C ALA B 339 41.67 -19.72 1.87
N ASN B 340 40.83 -20.43 2.64
CA ASN B 340 41.29 -21.49 3.53
C ASN B 340 40.82 -22.87 3.11
N GLY B 341 39.63 -22.99 2.53
CA GLY B 341 39.12 -24.28 2.10
C GLY B 341 38.01 -24.80 2.97
N VAL B 342 37.22 -23.89 3.55
CA VAL B 342 36.16 -24.24 4.48
C VAL B 342 34.83 -24.22 3.75
N GLY B 343 34.16 -25.36 3.72
CA GLY B 343 32.90 -25.52 3.03
C GLY B 343 31.65 -25.37 3.88
N ASP B 344 31.79 -24.98 5.14
CA ASP B 344 30.63 -24.77 6.01
C ASP B 344 30.13 -23.34 5.87
N LEU B 345 28.83 -23.16 6.09
CA LEU B 345 28.20 -21.85 5.96
C LEU B 345 27.93 -21.19 7.31
N GLU B 346 27.71 -21.96 8.37
CA GLU B 346 27.47 -21.37 9.68
C GLU B 346 28.75 -20.82 10.29
N ALA B 347 29.88 -21.48 10.05
CA ALA B 347 31.15 -21.00 10.59
C ALA B 347 31.53 -19.66 9.98
N LEU B 348 31.26 -19.47 8.70
CA LEU B 348 31.54 -18.18 8.06
C LEU B 348 30.72 -17.06 8.67
N GLN B 349 29.43 -17.33 8.95
CA GLN B 349 28.59 -16.31 9.58
C GLN B 349 29.04 -16.03 11.01
N TYR B 350 29.49 -17.06 11.72
CA TYR B 350 30.00 -16.84 13.08
C TYR B 350 31.27 -15.98 13.06
N ALA B 351 32.17 -16.27 12.13
CA ALA B 351 33.39 -15.47 12.02
C ALA B 351 33.08 -14.04 11.61
N ASN B 352 32.10 -13.86 10.73
CA ASN B 352 31.68 -12.51 10.35
C ASN B 352 31.08 -11.76 11.53
N LEU B 353 30.31 -12.46 12.37
CA LEU B 353 29.77 -11.84 13.57
C LEU B 353 30.88 -11.40 14.51
N LEU B 354 31.91 -12.24 14.67
CA LEU B 354 33.05 -11.87 15.52
C LEU B 354 33.79 -10.66 14.95
N CYS B 355 34.00 -10.63 13.63
CA CYS B 355 34.72 -9.53 13.01
C CYS B 355 33.94 -8.22 13.12
N ASN B 356 32.62 -8.29 12.99
CA ASN B 356 31.81 -7.08 13.16
C ASN B 356 31.72 -6.65 14.62
N GLU B 357 31.75 -7.60 15.55
CA GLU B 357 31.64 -7.24 16.96
C GLU B 357 32.91 -6.58 17.47
N GLN B 358 34.08 -7.15 17.17
CA GLN B 358 35.33 -6.65 17.72
C GLN B 358 36.05 -5.67 16.80
N GLY B 359 35.48 -5.35 15.64
CA GLY B 359 36.06 -4.35 14.77
C GLY B 359 37.36 -4.75 14.09
N MET B 360 37.28 -5.71 13.17
CA MET B 360 38.44 -6.10 12.38
C MET B 360 38.13 -6.05 10.89
N ASP B 361 39.01 -6.60 10.06
CA ASP B 361 38.85 -6.61 8.61
C ASP B 361 38.83 -8.05 8.13
N PRO B 362 37.73 -8.53 7.54
CA PRO B 362 37.66 -9.95 7.14
C PRO B 362 38.71 -10.37 6.12
N ILE B 363 39.06 -9.50 5.17
CA ILE B 363 39.94 -9.91 4.08
C ILE B 363 41.36 -10.14 4.59
N SER B 364 41.91 -9.17 5.32
CA SER B 364 43.26 -9.31 5.84
C SER B 364 43.37 -10.44 6.85
N PHE B 365 42.37 -10.57 7.72
CA PHE B 365 42.37 -11.63 8.71
C PHE B 365 42.32 -13.01 8.05
N GLY B 366 41.45 -13.17 7.04
CA GLY B 366 41.36 -14.44 6.35
C GLY B 366 42.64 -14.78 5.61
N ALA B 367 43.24 -13.80 4.93
CA ALA B 367 44.49 -14.07 4.21
C ALA B 367 45.62 -14.42 5.17
N THR B 368 45.70 -13.75 6.31
CA THR B 368 46.73 -14.06 7.30
C THR B 368 46.53 -15.46 7.89
N VAL B 369 45.26 -15.83 8.14
CA VAL B 369 44.98 -17.18 8.63
C VAL B 369 45.40 -18.22 7.61
N GLY B 370 45.11 -17.97 6.33
CA GLY B 370 45.54 -18.90 5.29
C GLY B 370 47.05 -19.03 5.21
N ALA B 371 47.76 -17.91 5.33
CA ALA B 371 49.23 -17.96 5.32
C ALA B 371 49.77 -18.76 6.51
N ALA B 372 49.17 -18.56 7.69
CA ALA B 372 49.62 -19.30 8.87
C ALA B 372 49.35 -20.79 8.71
N MET B 373 48.21 -21.15 8.12
CA MET B 373 47.91 -22.57 7.92
C MET B 373 48.86 -23.19 6.91
N GLU B 374 49.24 -22.45 5.86
CA GLU B 374 50.23 -22.96 4.92
C GLU B 374 51.59 -23.14 5.58
N LEU B 375 51.99 -22.19 6.44
CA LEU B 375 53.24 -22.34 7.17
C LEU B 375 53.22 -23.56 8.07
N TYR B 376 52.10 -23.81 8.75
CA TYR B 376 52.00 -24.98 9.61
C TYR B 376 52.07 -26.28 8.79
N GLU B 377 51.41 -26.30 7.63
CA GLU B 377 51.44 -27.50 6.79
C GLU B 377 52.83 -27.75 6.22
N THR B 378 53.57 -26.69 5.92
CA THR B 378 54.95 -26.87 5.45
C THR B 378 55.83 -27.47 6.55
N GLY B 379 55.68 -26.99 7.78
CA GLY B 379 56.41 -27.55 8.90
C GLY B 379 57.17 -26.54 9.74
N VAL B 380 57.13 -25.27 9.33
CA VAL B 380 57.84 -24.24 10.08
C VAL B 380 57.20 -24.01 11.44
N LEU B 381 55.87 -23.96 11.48
CA LEU B 381 55.13 -23.81 12.72
C LEU B 381 54.72 -25.16 13.27
N THR B 382 54.91 -25.35 14.56
CA THR B 382 54.62 -26.62 15.23
C THR B 382 53.36 -26.48 16.07
N LYS B 383 52.88 -27.65 16.55
CA LYS B 383 51.67 -27.67 17.36
C LYS B 383 51.87 -26.97 18.70
N GLU B 384 53.06 -27.09 19.28
CA GLU B 384 53.31 -26.50 20.60
C GLU B 384 53.24 -24.98 20.56
N ARG B 385 53.70 -24.36 19.47
CA ARG B 385 53.64 -22.92 19.35
C ARG B 385 52.21 -22.43 19.19
N ILE B 386 51.47 -23.02 18.24
CA ILE B 386 50.09 -22.60 18.01
C ILE B 386 49.19 -23.05 19.15
N GLY B 387 49.40 -24.29 19.63
CA GLY B 387 48.50 -24.85 20.61
C GLY B 387 47.30 -25.55 20.03
N LEU B 388 47.27 -25.77 18.72
CA LEU B 388 46.11 -26.30 18.03
C LEU B 388 46.53 -26.73 16.63
N ASP B 389 45.92 -27.81 16.14
CA ASP B 389 46.10 -28.24 14.76
C ASP B 389 45.42 -27.26 13.83
N ALA B 390 46.09 -26.93 12.72
CA ALA B 390 45.55 -26.01 11.72
C ALA B 390 45.69 -26.58 10.31
N PRO B 391 44.96 -27.64 9.97
CA PRO B 391 44.97 -28.14 8.61
C PRO B 391 43.99 -27.39 7.72
N PHE B 392 44.18 -27.54 6.41
CA PHE B 392 43.27 -26.94 5.44
C PHE B 392 41.87 -27.53 5.58
N GLY B 393 40.87 -26.65 5.63
CA GLY B 393 39.50 -27.08 5.71
C GLY B 393 39.03 -27.50 7.08
N SER B 394 39.48 -26.82 8.14
CA SER B 394 39.07 -27.13 9.51
C SER B 394 38.33 -25.91 10.08
N ALA B 395 37.03 -26.07 10.34
CA ALA B 395 36.23 -24.95 10.80
C ALA B 395 36.51 -24.62 12.26
N ASP B 396 36.79 -25.63 13.09
CA ASP B 396 37.07 -25.39 14.50
C ASP B 396 38.35 -24.56 14.67
N ALA B 397 39.37 -24.82 13.85
CA ALA B 397 40.58 -24.02 13.89
C ALA B 397 40.30 -22.57 13.51
N LEU B 398 39.44 -22.36 12.50
CA LEU B 398 39.09 -21.00 12.10
C LEU B 398 38.37 -20.26 13.22
N ALA B 399 37.41 -20.93 13.87
CA ALA B 399 36.68 -20.28 14.96
C ALA B 399 37.60 -19.98 16.14
N LYS B 400 38.47 -20.93 16.49
CA LYS B 400 39.39 -20.71 17.61
C LYS B 400 40.36 -19.57 17.32
N LEU B 401 40.92 -19.53 16.12
CA LEU B 401 41.84 -18.46 15.76
C LEU B 401 41.13 -17.12 15.72
N ALA B 402 39.88 -17.09 15.27
CA ALA B 402 39.11 -15.84 15.28
C ALA B 402 38.92 -15.34 16.71
N GLU B 403 38.55 -16.24 17.63
CA GLU B 403 38.37 -15.83 19.02
C GLU B 403 39.67 -15.33 19.64
N MET B 404 40.78 -16.04 19.39
CA MET B 404 42.07 -15.63 19.95
C MET B 404 42.52 -14.29 19.37
N THR B 405 42.32 -14.08 18.07
CA THR B 405 42.76 -12.83 17.46
C THR B 405 41.91 -11.64 17.92
N ALA B 406 40.58 -11.83 17.99
CA ALA B 406 39.72 -10.75 18.45
C ALA B 406 39.98 -10.41 19.92
N THR B 407 40.13 -11.43 20.76
CA THR B 407 40.39 -11.20 22.18
C THR B 407 41.84 -10.85 22.48
N GLY B 408 42.75 -11.06 21.53
CA GLY B 408 44.15 -10.72 21.72
C GLY B 408 44.87 -11.54 22.76
N GLU B 409 44.66 -12.86 22.74
CA GLU B 409 45.30 -13.77 23.68
C GLU B 409 45.97 -14.91 22.92
N GLY B 410 47.19 -15.24 23.33
CA GLY B 410 47.91 -16.35 22.73
C GLY B 410 48.48 -16.04 21.36
N PHE B 411 48.49 -17.06 20.48
CA PHE B 411 49.09 -16.94 19.15
C PHE B 411 48.43 -15.87 18.30
N GLY B 412 47.21 -15.45 18.64
CA GLY B 412 46.59 -14.34 17.94
C GLY B 412 47.42 -13.07 17.98
N LYS B 413 48.22 -12.90 19.05
CA LYS B 413 49.12 -11.74 19.11
C LYS B 413 50.10 -11.74 17.95
N GLU B 414 50.54 -12.92 17.51
CA GLU B 414 51.31 -13.00 16.27
C GLU B 414 50.42 -12.77 15.06
N ILE B 415 49.22 -13.37 15.06
CA ILE B 415 48.34 -13.35 13.90
C ILE B 415 47.94 -11.92 13.56
N GLY B 416 47.76 -11.08 14.57
CA GLY B 416 47.41 -9.69 14.36
C GLY B 416 48.52 -8.82 13.81
N LEU B 417 49.71 -9.37 13.56
CA LEU B 417 50.77 -8.56 12.97
C LEU B 417 50.54 -8.30 11.48
N GLY B 418 49.87 -9.20 10.79
CA GLY B 418 49.70 -9.11 9.35
C GLY B 418 50.57 -10.13 8.62
N SER B 419 50.12 -10.48 7.41
CA SER B 419 50.76 -11.57 6.69
C SER B 419 52.19 -11.25 6.31
N LYS B 420 52.46 -10.01 5.92
CA LYS B 420 53.81 -9.63 5.48
C LYS B 420 54.81 -9.74 6.63
N ARG B 421 54.52 -9.11 7.76
CA ARG B 421 55.44 -9.14 8.90
C ARG B 421 55.54 -10.52 9.50
N LEU B 422 54.42 -11.24 9.58
CA LEU B 422 54.45 -12.60 10.12
C LEU B 422 55.29 -13.52 9.25
N CYS B 423 55.18 -13.37 7.92
CA CYS B 423 56.00 -14.18 7.03
C CYS B 423 57.47 -13.79 7.10
N GLU B 424 57.77 -12.49 7.24
CA GLU B 424 59.15 -12.06 7.36
C GLU B 424 59.78 -12.50 8.69
N LYS B 425 58.96 -12.68 9.72
CA LYS B 425 59.50 -13.09 11.01
C LYS B 425 60.06 -14.50 10.98
N TYR B 426 59.49 -15.38 10.15
CA TYR B 426 59.89 -16.79 10.13
C TYR B 426 60.74 -17.14 8.90
N GLY B 427 61.36 -16.15 8.27
CA GLY B 427 62.27 -16.39 7.17
C GLY B 427 61.64 -16.98 5.93
N HIS B 428 60.49 -16.44 5.54
CA HIS B 428 59.80 -16.88 4.33
C HIS B 428 58.97 -15.74 3.76
N PRO B 429 59.58 -14.78 3.07
CA PRO B 429 58.83 -13.64 2.55
C PRO B 429 58.08 -13.91 1.25
N GLU B 430 58.33 -15.04 0.59
CA GLU B 430 57.68 -15.34 -0.68
C GLU B 430 56.27 -15.89 -0.50
N LEU B 431 55.83 -16.14 0.72
CA LEU B 431 54.53 -16.71 0.99
C LEU B 431 53.49 -15.66 1.36
N SER B 432 53.81 -14.39 1.22
CA SER B 432 52.87 -13.30 1.50
C SER B 432 52.30 -12.79 0.19
N MET B 433 50.97 -12.85 0.06
CA MET B 433 50.28 -12.41 -1.15
C MET B 433 49.83 -10.97 -0.94
N SER B 434 50.75 -10.04 -1.16
CA SER B 434 50.45 -8.63 -0.93
C SER B 434 51.30 -7.77 -1.85
N VAL B 435 50.79 -6.57 -2.11
CA VAL B 435 51.52 -5.51 -2.80
C VAL B 435 51.46 -4.28 -1.91
N LYS B 436 52.62 -3.78 -1.50
CA LYS B 436 52.76 -2.65 -0.58
C LYS B 436 52.08 -2.91 0.77
N GLY B 437 51.91 -4.17 1.15
CA GLY B 437 51.44 -4.50 2.48
C GLY B 437 50.00 -4.97 2.58
N GLN B 438 49.18 -4.79 1.54
CA GLN B 438 47.78 -5.19 1.58
C GLN B 438 47.55 -6.44 0.75
N GLU B 439 46.80 -7.38 1.30
CA GLU B 439 46.54 -8.65 0.66
C GLU B 439 45.53 -8.49 -0.48
N PHE B 440 45.57 -9.45 -1.41
CA PHE B 440 44.79 -9.36 -2.63
C PHE B 440 43.31 -9.60 -2.35
N PRO B 441 42.43 -8.91 -3.08
CA PRO B 441 40.99 -9.25 -3.03
C PRO B 441 40.66 -10.52 -3.78
N ALA B 442 39.38 -10.80 -3.95
CA ALA B 442 38.88 -12.11 -4.37
C ALA B 442 39.02 -12.39 -5.86
N TYR B 443 39.83 -11.66 -6.60
CA TYR B 443 40.00 -11.89 -8.03
C TYR B 443 41.43 -12.31 -8.33
N ASP B 444 41.58 -13.37 -9.12
CA ASP B 444 42.89 -13.85 -9.52
C ASP B 444 43.35 -13.12 -10.78
N SER B 445 44.67 -12.98 -10.92
CA SER B 445 45.25 -12.19 -11.99
C SER B 445 46.01 -13.03 -13.02
N ARG B 446 45.76 -14.33 -13.07
CA ARG B 446 46.35 -15.15 -14.12
C ARG B 446 45.42 -15.28 -15.32
N GLY B 447 44.15 -15.57 -15.08
CA GLY B 447 43.16 -15.57 -16.15
C GLY B 447 42.67 -14.22 -16.58
N ILE B 448 42.92 -13.18 -15.77
CA ILE B 448 42.52 -11.81 -16.08
C ILE B 448 43.76 -10.92 -15.93
N GLN B 449 44.04 -10.11 -16.94
CA GLN B 449 45.26 -9.31 -16.96
C GLN B 449 45.03 -7.87 -16.49
N GLY B 450 43.87 -7.30 -16.82
CA GLY B 450 43.57 -5.95 -16.39
C GLY B 450 43.54 -5.82 -14.88
N MET B 451 43.08 -6.86 -14.19
CA MET B 451 43.12 -6.86 -12.74
C MET B 451 44.54 -6.88 -12.21
N GLY B 452 45.44 -7.60 -12.88
CA GLY B 452 46.83 -7.58 -12.47
C GLY B 452 47.46 -6.20 -12.62
N LEU B 453 47.18 -5.54 -13.75
CA LEU B 453 47.70 -4.19 -13.95
C LEU B 453 47.07 -3.20 -12.97
N ALA B 454 45.80 -3.41 -12.61
CA ALA B 454 45.16 -2.52 -11.64
C ALA B 454 45.72 -2.73 -10.24
N TYR B 455 46.03 -3.99 -9.88
CA TYR B 455 46.65 -4.26 -8.59
C TYR B 455 48.03 -3.61 -8.50
N ALA B 456 48.84 -3.76 -9.55
CA ALA B 456 50.24 -3.35 -9.47
C ALA B 456 50.43 -1.84 -9.44
N THR B 457 49.44 -1.06 -9.86
CA THR B 457 49.59 0.40 -10.00
C THR B 457 48.46 1.13 -9.30
N SER B 458 48.18 0.75 -8.05
CA SER B 458 47.15 1.41 -7.26
C SER B 458 47.81 2.24 -6.17
N ASN B 459 47.11 3.28 -5.74
CA ASN B 459 47.71 4.31 -4.88
C ASN B 459 47.63 3.99 -3.39
N ARG B 460 46.93 2.94 -2.98
CA ARG B 460 46.84 2.57 -1.57
C ARG B 460 47.05 1.07 -1.40
N GLY B 461 48.00 0.52 -2.15
CA GLY B 461 48.22 -0.90 -2.13
C GLY B 461 47.22 -1.63 -3.01
N ALA B 462 47.21 -2.95 -2.86
CA ALA B 462 46.36 -3.79 -3.71
C ALA B 462 44.90 -3.57 -3.37
N CYS B 463 44.19 -2.84 -4.23
CA CYS B 463 42.76 -2.63 -4.08
C CYS B 463 42.09 -2.72 -5.44
N HIS B 464 40.96 -3.40 -5.49
CA HIS B 464 40.23 -3.63 -6.73
C HIS B 464 39.14 -2.60 -6.98
N LEU B 465 38.93 -1.66 -6.06
CA LEU B 465 37.90 -0.64 -6.22
C LEU B 465 38.44 0.67 -6.76
N ARG B 466 39.74 0.77 -7.02
CA ARG B 466 40.29 1.97 -7.64
C ARG B 466 40.14 1.92 -9.16
N GLY B 467 40.68 0.87 -9.78
CA GLY B 467 40.43 0.61 -11.19
C GLY B 467 39.79 -0.74 -11.38
N TYR B 468 38.52 -0.76 -11.79
CA TYR B 468 37.71 -1.98 -11.83
C TYR B 468 37.49 -2.35 -13.30
N THR B 469 38.36 -3.22 -13.82
CA THR B 469 38.26 -3.66 -15.21
C THR B 469 37.51 -4.97 -15.36
N VAL B 470 37.00 -5.55 -14.27
CA VAL B 470 36.15 -6.73 -14.38
C VAL B 470 34.83 -6.37 -15.04
N ALA B 471 34.31 -5.17 -14.78
CA ALA B 471 33.01 -4.77 -15.29
C ALA B 471 32.97 -4.63 -16.81
N SER B 472 34.14 -4.62 -17.46
CA SER B 472 34.21 -4.60 -18.92
C SER B 472 34.56 -5.94 -19.53
N GLU B 473 35.19 -6.83 -18.76
CA GLU B 473 35.65 -8.11 -19.28
C GLU B 473 34.80 -9.29 -18.85
N VAL B 474 33.91 -9.12 -17.89
CA VAL B 474 33.03 -10.20 -17.45
C VAL B 474 31.58 -9.79 -17.68
N LEU B 475 31.14 -8.74 -16.98
CA LEU B 475 29.81 -8.22 -17.22
C LEU B 475 29.75 -7.44 -18.53
N GLY B 476 30.79 -6.66 -18.81
CA GLY B 476 30.88 -5.92 -20.07
C GLY B 476 29.80 -4.87 -20.23
N VAL B 477 29.53 -4.10 -19.17
CA VAL B 477 28.43 -3.13 -19.24
C VAL B 477 28.66 -2.02 -20.27
N PRO B 478 29.89 -1.39 -20.40
CA PRO B 478 30.04 -0.47 -21.55
C PRO B 478 30.14 -1.22 -22.87
N VAL B 479 31.11 -2.15 -22.95
CA VAL B 479 31.30 -3.04 -24.08
C VAL B 479 31.86 -4.34 -23.55
N LYS B 480 31.77 -5.40 -24.34
CA LYS B 480 32.33 -6.69 -23.97
C LYS B 480 33.66 -6.87 -24.69
N THR B 481 34.74 -7.02 -23.91
CA THR B 481 36.06 -7.23 -24.45
C THR B 481 36.58 -8.61 -24.04
N ASP B 482 37.83 -8.91 -24.39
CA ASP B 482 38.40 -10.24 -24.20
C ASP B 482 39.34 -10.24 -23.00
N PRO B 483 39.08 -11.05 -21.97
CA PRO B 483 39.96 -11.07 -20.79
C PRO B 483 41.22 -11.90 -20.94
N HIS B 484 41.61 -12.29 -22.16
CA HIS B 484 42.81 -13.09 -22.38
C HIS B 484 43.83 -12.34 -23.22
N VAL B 485 43.67 -11.03 -23.38
CA VAL B 485 44.46 -10.23 -24.32
C VAL B 485 45.06 -9.06 -23.54
N ILE B 486 46.22 -8.60 -23.99
CA ILE B 486 46.93 -7.51 -23.32
C ILE B 486 46.99 -6.26 -24.18
N GLU B 487 46.10 -6.13 -25.14
CA GLU B 487 46.06 -4.98 -26.03
C GLU B 487 44.89 -4.07 -25.65
N GLY B 488 45.16 -2.78 -25.51
CA GLY B 488 44.13 -1.83 -25.16
C GLY B 488 43.73 -1.83 -23.70
N LYS B 489 44.64 -2.19 -22.80
CA LYS B 489 44.32 -2.27 -21.38
C LYS B 489 44.69 -1.02 -20.61
N ALA B 490 45.76 -0.32 -21.02
CA ALA B 490 46.19 0.88 -20.28
C ALA B 490 45.14 1.98 -20.33
N GLU B 491 44.52 2.19 -21.50
CA GLU B 491 43.47 3.20 -21.61
C GLU B 491 42.24 2.81 -20.80
N LEU B 492 41.90 1.51 -20.78
CA LEU B 492 40.83 1.03 -19.93
C LEU B 492 41.08 1.36 -18.46
N VAL B 493 42.29 1.05 -18.00
CA VAL B 493 42.63 1.29 -16.59
C VAL B 493 42.58 2.79 -16.29
N LYS B 494 43.13 3.61 -17.18
CA LYS B 494 43.16 5.05 -16.95
C LYS B 494 41.76 5.64 -16.88
N ALA B 495 40.89 5.27 -17.84
CA ALA B 495 39.54 5.80 -17.86
C ALA B 495 38.76 5.35 -16.63
N PHE B 496 38.89 4.08 -16.24
CA PHE B 496 38.14 3.58 -15.09
C PHE B 496 38.62 4.24 -13.79
N GLN B 497 39.93 4.47 -13.66
CA GLN B 497 40.44 5.14 -12.47
C GLN B 497 39.95 6.58 -12.38
N ASP B 498 39.93 7.29 -13.51
CA ASP B 498 39.40 8.66 -13.49
C ASP B 498 37.92 8.69 -13.12
N ALA B 499 37.13 7.80 -13.72
CA ALA B 499 35.70 7.76 -13.41
C ALA B 499 35.45 7.41 -11.95
N THR B 500 36.22 6.46 -11.42
CA THR B 500 36.07 6.08 -10.01
C THR B 500 36.42 7.25 -9.09
N ALA B 501 37.48 8.00 -9.43
CA ALA B 501 37.84 9.16 -8.61
C ALA B 501 36.73 10.20 -8.58
N VAL B 502 36.13 10.47 -9.75
CA VAL B 502 35.04 11.45 -9.80
C VAL B 502 33.83 10.96 -9.01
N PHE B 503 33.48 9.67 -9.15
CA PHE B 503 32.33 9.14 -8.41
C PHE B 503 32.55 9.18 -6.91
N ASP B 504 33.75 8.83 -6.46
CA ASP B 504 34.05 8.87 -5.02
C ASP B 504 34.02 10.29 -4.49
N SER B 505 34.50 11.25 -5.28
CA SER B 505 34.46 12.64 -4.82
C SER B 505 33.04 13.20 -4.82
N ALA B 506 32.16 12.67 -5.67
CA ALA B 506 30.79 13.20 -5.75
C ALA B 506 30.04 12.97 -4.44
N GLY B 507 30.16 11.79 -3.85
CA GLY B 507 29.48 11.49 -2.60
C GLY B 507 28.34 10.51 -2.76
N ILE B 508 28.44 9.61 -3.73
CA ILE B 508 27.40 8.63 -4.04
C ILE B 508 28.03 7.25 -4.17
N CYS B 509 27.18 6.23 -4.22
CA CYS B 509 27.63 4.85 -4.31
C CYS B 509 28.25 4.57 -5.67
N VAL B 510 29.16 3.59 -5.69
CA VAL B 510 29.80 3.18 -6.94
C VAL B 510 28.96 2.18 -7.73
N PHE B 511 28.12 1.39 -7.05
CA PHE B 511 27.30 0.39 -7.74
C PHE B 511 26.36 1.01 -8.76
N THR B 512 25.96 2.26 -8.58
CA THR B 512 25.11 2.95 -9.55
C THR B 512 25.80 3.15 -10.89
N SER B 513 27.12 2.96 -10.95
CA SER B 513 27.83 2.96 -12.23
C SER B 513 27.47 1.78 -13.11
N PHE B 514 26.78 0.77 -12.59
CA PHE B 514 26.32 -0.31 -13.46
C PHE B 514 25.17 0.10 -14.36
N ALA B 515 24.55 1.26 -14.11
CA ALA B 515 23.48 1.77 -14.96
C ALA B 515 23.63 3.24 -15.33
N TRP B 516 24.36 4.03 -14.55
CA TRP B 516 24.56 5.44 -14.85
C TRP B 516 25.84 5.66 -15.63
N THR B 517 26.09 6.91 -15.98
CA THR B 517 27.34 7.34 -16.60
C THR B 517 27.52 8.81 -16.26
N LEU B 518 28.65 9.38 -16.71
CA LEU B 518 28.93 10.78 -16.42
C LEU B 518 27.87 11.71 -17.00
N ALA B 519 27.21 11.28 -18.09
CA ALA B 519 26.10 12.05 -18.65
C ALA B 519 24.93 12.13 -17.68
N ASP B 520 24.70 11.07 -16.91
CA ASP B 520 23.61 11.04 -15.94
C ASP B 520 24.03 11.55 -14.56
N VAL B 521 25.29 11.90 -14.38
CA VAL B 521 25.77 12.46 -13.12
C VAL B 521 26.00 13.98 -13.22
N GLN B 522 26.36 14.49 -14.40
CA GLN B 522 26.61 15.92 -14.55
C GLN B 522 25.43 16.82 -14.20
N PRO B 523 24.17 16.56 -14.64
CA PRO B 523 23.10 17.54 -14.35
C PRO B 523 22.83 17.76 -12.87
N GLN B 524 22.93 16.72 -12.04
CA GLN B 524 22.64 16.88 -10.62
C GLN B 524 23.70 17.75 -9.94
N ILE B 525 24.98 17.54 -10.27
CA ILE B 525 26.04 18.38 -9.73
C ILE B 525 25.91 19.81 -10.25
N ALA B 526 25.52 19.96 -11.52
CA ALA B 526 25.37 21.29 -12.09
C ALA B 526 24.24 22.06 -11.42
N ALA B 527 23.14 21.38 -11.13
CA ALA B 527 22.01 22.03 -10.45
C ALA B 527 22.21 22.16 -8.95
N ALA B 528 23.18 21.45 -8.37
CA ALA B 528 23.38 21.48 -6.94
C ALA B 528 24.51 22.39 -6.49
N CYS B 529 25.52 22.61 -7.32
CA CYS B 529 26.71 23.36 -6.93
C CYS B 529 26.83 24.64 -7.75
N ASP B 530 27.75 25.51 -7.33
CA ASP B 530 27.98 26.80 -7.95
C ASP B 530 29.28 26.78 -8.73
N GLY B 531 29.23 27.20 -9.99
CA GLY B 531 30.37 27.20 -10.87
C GLY B 531 29.97 26.70 -12.24
N ASP B 532 30.95 26.26 -13.02
CA ASP B 532 30.72 25.70 -14.35
C ASP B 532 31.17 24.25 -14.33
N TRP B 533 30.23 23.35 -14.02
CA TRP B 533 30.54 21.93 -13.88
C TRP B 533 30.17 21.21 -15.18
N SER B 534 31.04 21.35 -16.17
CA SER B 534 30.89 20.68 -17.44
C SER B 534 31.67 19.36 -17.43
N MET B 535 31.73 18.71 -18.60
CA MET B 535 32.42 17.42 -18.68
C MET B 535 33.93 17.58 -18.60
N ASP B 536 34.46 18.63 -19.26
CA ASP B 536 35.90 18.86 -19.26
C ASP B 536 36.41 19.11 -17.85
N LYS B 537 35.66 19.87 -17.06
CA LYS B 537 36.06 20.11 -15.68
C LYS B 537 36.07 18.81 -14.87
N LEU B 538 35.09 17.93 -15.10
CA LEU B 538 35.05 16.67 -14.36
C LEU B 538 36.24 15.78 -14.71
N ALA B 539 36.58 15.68 -16.00
CA ALA B 539 37.76 14.90 -16.38
C ALA B 539 39.04 15.49 -15.81
N THR B 540 39.16 16.82 -15.83
CA THR B 540 40.33 17.47 -15.28
C THR B 540 40.41 17.25 -13.77
N VAL B 541 39.27 17.27 -13.08
CA VAL B 541 39.25 17.01 -11.64
C VAL B 541 39.74 15.60 -11.33
N GLY B 542 39.26 14.62 -12.09
CA GLY B 542 39.72 13.25 -11.87
C GLY B 542 41.21 13.09 -12.07
N GLU B 543 41.73 13.64 -13.17
CA GLU B 543 43.16 13.54 -13.44
C GLU B 543 43.99 14.27 -12.36
N ARG B 544 43.52 15.44 -11.92
CA ARG B 544 44.24 16.20 -10.91
C ARG B 544 44.28 15.47 -9.58
N ILE B 545 43.15 14.86 -9.19
CA ILE B 545 43.12 14.11 -7.93
C ILE B 545 44.10 12.95 -7.98
N TRP B 546 44.10 12.19 -9.08
CA TRP B 546 45.00 11.06 -9.18
C TRP B 546 46.46 11.50 -9.15
N ASN B 547 46.79 12.57 -9.89
CA ASN B 547 48.18 13.03 -9.93
C ASN B 547 48.66 13.55 -8.58
N MET B 548 47.80 14.28 -7.86
CA MET B 548 48.21 14.78 -6.55
C MET B 548 48.38 13.66 -5.54
N GLU B 549 47.51 12.63 -5.59
CA GLU B 549 47.71 11.46 -4.74
C GLU B 549 49.03 10.77 -5.06
N ARG B 550 49.35 10.62 -6.34
CA ARG B 550 50.63 10.00 -6.72
C ARG B 550 51.81 10.83 -6.24
N GLN B 551 51.71 12.15 -6.32
CA GLN B 551 52.81 13.01 -5.88
C GLN B 551 53.05 12.85 -4.38
N PHE B 552 51.98 12.86 -3.58
CA PHE B 552 52.14 12.67 -2.14
C PHE B 552 52.70 11.30 -1.82
N ASN B 553 52.22 10.28 -2.52
CA ASN B 553 52.71 8.92 -2.29
C ASN B 553 54.19 8.79 -2.63
N ASN B 554 54.61 9.41 -3.73
CA ASN B 554 56.00 9.31 -4.18
C ASN B 554 56.93 10.09 -3.28
N ALA B 555 56.47 11.23 -2.73
CA ALA B 555 57.34 12.01 -1.86
C ALA B 555 57.63 11.29 -0.55
N ALA B 556 56.74 10.40 -0.11
CA ALA B 556 56.89 9.75 1.18
C ALA B 556 58.00 8.68 1.20
N GLY B 557 58.46 8.23 0.05
CA GLY B 557 59.53 7.24 0.01
C GLY B 557 59.29 6.08 -0.93
N LEU B 558 58.01 5.79 -1.21
CA LEU B 558 57.68 4.71 -2.12
C LEU B 558 58.04 5.09 -3.55
N GLY B 559 58.66 4.16 -4.27
CA GLY B 559 59.10 4.44 -5.63
C GLY B 559 58.60 3.43 -6.64
N ALA B 560 59.26 3.36 -7.80
CA ALA B 560 58.87 2.43 -8.85
C ALA B 560 59.28 0.99 -8.53
N GLN B 561 60.09 0.78 -7.48
CA GLN B 561 60.46 -0.58 -7.10
C GLN B 561 59.30 -1.33 -6.46
N ASP B 562 58.26 -0.63 -6.03
CA ASP B 562 57.13 -1.23 -5.33
C ASP B 562 56.03 -1.71 -6.25
N ASP B 563 56.21 -1.57 -7.57
CA ASP B 563 55.21 -2.03 -8.53
C ASP B 563 55.58 -3.42 -9.03
N ASN B 564 55.51 -4.38 -8.12
CA ASN B 564 55.85 -5.76 -8.42
C ASN B 564 54.76 -6.69 -7.93
N LEU B 565 54.91 -7.97 -8.27
CA LEU B 565 54.02 -9.04 -7.85
C LEU B 565 54.84 -10.16 -7.27
N PRO B 566 54.25 -10.98 -6.39
CA PRO B 566 54.98 -12.14 -5.87
C PRO B 566 55.31 -13.11 -6.99
N PRO B 567 56.41 -13.85 -6.86
CA PRO B 567 56.83 -14.73 -7.96
C PRO B 567 55.85 -15.84 -8.29
N ARG B 568 54.96 -16.22 -7.36
CA ARG B 568 54.00 -17.27 -7.67
C ARG B 568 53.02 -16.84 -8.76
N LEU B 569 52.57 -15.59 -8.73
CA LEU B 569 51.61 -15.14 -9.74
C LEU B 569 52.26 -14.95 -11.11
N THR B 570 53.58 -14.84 -11.17
CA THR B 570 54.26 -14.59 -12.43
C THR B 570 55.17 -15.72 -12.88
N SER B 571 55.17 -16.86 -12.18
CA SER B 571 55.97 -17.99 -12.63
C SER B 571 55.28 -19.35 -12.50
N GLU B 572 54.07 -19.41 -11.95
CA GLU B 572 53.37 -20.68 -11.78
C GLU B 572 52.20 -20.78 -12.74
N PRO B 573 52.21 -21.70 -13.69
CA PRO B 573 51.06 -21.84 -14.59
C PRO B 573 49.83 -22.38 -13.87
N ALA B 574 48.66 -22.03 -14.40
CA ALA B 574 47.41 -22.52 -13.85
C ALA B 574 47.27 -24.02 -14.12
N LYS B 575 46.52 -24.70 -13.26
CA LYS B 575 46.43 -26.15 -13.30
C LYS B 575 45.19 -26.66 -14.02
N SER B 576 44.04 -25.99 -13.90
CA SER B 576 42.82 -26.45 -14.52
C SER B 576 41.95 -25.25 -14.86
N GLY B 577 40.92 -25.49 -15.66
CA GLY B 577 39.98 -24.45 -16.03
C GLY B 577 40.24 -23.92 -17.43
N PRO B 578 39.44 -22.93 -17.84
CA PRO B 578 39.64 -22.33 -19.17
C PRO B 578 41.00 -21.66 -19.35
N ALA B 579 41.58 -21.12 -18.27
CA ALA B 579 42.85 -20.40 -18.34
C ALA B 579 44.02 -21.29 -17.98
N LYS B 580 43.96 -22.58 -18.30
CA LYS B 580 45.04 -23.50 -17.98
C LYS B 580 46.27 -23.18 -18.81
N GLY B 581 47.42 -23.10 -18.15
CA GLY B 581 48.67 -22.83 -18.85
C GLY B 581 48.96 -21.37 -19.10
N MET B 582 48.34 -20.46 -18.35
CA MET B 582 48.55 -19.04 -18.56
C MET B 582 49.23 -18.43 -17.33
N VAL B 583 49.94 -17.32 -17.56
CA VAL B 583 50.68 -16.62 -16.53
C VAL B 583 50.56 -15.13 -16.79
N ASN B 584 50.70 -14.33 -15.74
CA ASN B 584 50.55 -12.89 -15.87
C ASN B 584 51.71 -12.28 -16.65
N ARG B 585 51.42 -11.18 -17.35
CA ARG B 585 52.35 -10.52 -18.25
C ARG B 585 52.47 -9.04 -17.91
N LEU B 586 52.72 -8.75 -16.63
CA LEU B 586 52.79 -7.36 -16.17
C LEU B 586 53.93 -6.60 -16.83
N ALA B 587 55.01 -7.30 -17.21
CA ALA B 587 56.17 -6.62 -17.78
C ALA B 587 55.87 -6.02 -19.14
N GLU B 588 54.86 -6.52 -19.84
CA GLU B 588 54.54 -6.06 -21.18
C GLU B 588 53.50 -4.95 -21.20
N MET B 589 52.92 -4.58 -20.05
CA MET B 589 51.92 -3.53 -20.00
C MET B 589 52.29 -2.33 -19.15
N LEU B 590 53.23 -2.47 -18.22
CA LEU B 590 53.60 -1.34 -17.36
C LEU B 590 54.26 -0.18 -18.10
N PRO B 591 55.26 -0.39 -18.99
CA PRO B 591 55.80 0.77 -19.73
C PRO B 591 54.78 1.47 -20.59
N GLU B 592 53.83 0.73 -21.16
CA GLU B 592 52.73 1.35 -21.90
C GLU B 592 51.88 2.23 -20.98
N TYR B 593 51.63 1.77 -19.76
CA TYR B 593 50.87 2.56 -18.80
C TYR B 593 51.61 3.85 -18.45
N TYR B 594 52.91 3.76 -18.20
CA TYR B 594 53.70 4.95 -17.91
C TYR B 594 53.71 5.91 -19.09
N GLY B 595 53.78 5.37 -20.32
CA GLY B 595 53.76 6.23 -21.49
C GLY B 595 52.43 6.94 -21.69
N VAL B 596 51.32 6.23 -21.50
CA VAL B 596 50.02 6.83 -21.77
C VAL B 596 49.59 7.76 -20.64
N ARG B 597 50.08 7.55 -19.42
CA ARG B 597 49.72 8.45 -18.33
C ARG B 597 50.44 9.80 -18.43
N GLY B 598 51.56 9.86 -19.14
CA GLY B 598 52.31 11.09 -19.28
C GLY B 598 53.43 11.27 -18.29
N TRP B 599 53.74 10.25 -17.50
CA TRP B 599 54.79 10.33 -16.49
C TRP B 599 56.13 9.94 -17.11
N THR B 600 57.14 9.80 -16.27
CA THR B 600 58.47 9.38 -16.68
C THR B 600 58.54 7.86 -16.72
N PRO B 601 59.63 7.29 -17.25
CA PRO B 601 59.79 5.83 -17.14
C PRO B 601 59.84 5.32 -15.71
N GLU B 602 60.22 6.15 -14.74
CA GLU B 602 60.28 5.73 -13.34
C GLU B 602 59.01 6.05 -12.57
N GLY B 603 57.98 6.59 -13.21
CA GLY B 603 56.75 6.89 -12.52
C GLY B 603 56.78 8.20 -11.74
N THR B 604 57.24 9.26 -12.39
CA THR B 604 57.26 10.60 -11.79
C THR B 604 56.59 11.56 -12.76
N PRO B 605 55.67 12.40 -12.29
CA PRO B 605 55.03 13.36 -13.19
C PRO B 605 56.02 14.35 -13.77
N THR B 606 55.82 14.67 -15.05
CA THR B 606 56.63 15.60 -15.82
C THR B 606 56.11 17.02 -15.66
N PRO B 607 56.97 18.03 -15.86
CA PRO B 607 56.49 19.42 -15.75
C PRO B 607 55.40 19.79 -16.73
N GLU B 608 55.32 19.12 -17.88
CA GLU B 608 54.30 19.45 -18.87
C GLU B 608 52.90 19.16 -18.34
N THR B 609 52.68 17.94 -17.83
CA THR B 609 51.36 17.60 -17.32
C THR B 609 51.04 18.34 -16.03
N LEU B 610 52.06 18.66 -15.23
CA LEU B 610 51.84 19.45 -14.02
C LEU B 610 51.36 20.86 -14.38
N SER B 611 51.98 21.46 -15.39
CA SER B 611 51.55 22.78 -15.83
C SER B 611 50.19 22.72 -16.50
N ARG B 612 49.88 21.61 -17.19
CA ARG B 612 48.59 21.47 -17.82
C ARG B 612 47.47 21.36 -16.80
N LEU B 613 47.67 20.58 -15.74
CA LEU B 613 46.66 20.39 -14.71
C LEU B 613 46.68 21.48 -13.65
N GLY B 614 47.60 22.42 -13.73
CA GLY B 614 47.67 23.49 -12.75
C GLY B 614 48.07 23.03 -11.36
N LEU B 615 48.95 22.05 -11.27
CA LEU B 615 49.44 21.57 -9.97
C LEU B 615 50.62 22.38 -9.45
N SER B 616 51.10 23.37 -10.22
CA SER B 616 52.20 24.21 -9.78
C SER B 616 51.69 25.53 -9.21
N MET C 35 -23.22 -26.85 21.29
CA MET C 35 -24.37 -26.22 20.63
C MET C 35 -23.92 -25.13 19.65
N TRP C 36 -22.63 -25.11 19.33
CA TRP C 36 -22.04 -24.11 18.46
C TRP C 36 -21.93 -24.63 17.04
N LYS C 37 -22.06 -23.71 16.09
CA LYS C 37 -22.09 -24.05 14.67
C LYS C 37 -21.19 -23.09 13.89
N SER C 38 -20.74 -23.55 12.73
CA SER C 38 -19.83 -22.79 11.88
C SER C 38 -20.21 -22.94 10.42
N LEU C 39 -19.73 -22.00 9.62
CA LEU C 39 -19.92 -22.00 8.18
C LEU C 39 -18.89 -22.91 7.51
N HIS C 40 -19.36 -23.73 6.58
CA HIS C 40 -18.50 -24.55 5.73
C HIS C 40 -18.60 -24.02 4.32
N ILE C 41 -17.45 -23.68 3.74
CA ILE C 41 -17.34 -23.15 2.38
C ILE C 41 -16.71 -24.22 1.50
N ASP C 42 -17.38 -24.57 0.42
CA ASP C 42 -16.89 -25.57 -0.53
C ASP C 42 -16.70 -24.91 -1.89
N PRO C 43 -15.46 -24.65 -2.33
CA PRO C 43 -15.26 -23.88 -3.56
C PRO C 43 -15.33 -24.70 -4.84
N ALA C 44 -15.58 -26.00 -4.76
CA ALA C 44 -15.71 -26.83 -5.94
C ALA C 44 -17.13 -26.84 -6.50
N LYS C 45 -18.05 -26.11 -5.86
CA LYS C 45 -19.46 -26.08 -6.26
C LYS C 45 -19.98 -24.66 -6.36
N CYS C 46 -19.11 -23.71 -6.71
CA CYS C 46 -19.48 -22.31 -6.82
C CYS C 46 -19.43 -21.87 -8.28
N THR C 47 -20.41 -21.04 -8.67
CA THR C 47 -20.51 -20.57 -10.04
C THR C 47 -20.35 -19.06 -10.17
N GLY C 48 -20.15 -18.34 -9.06
CA GLY C 48 -19.97 -16.90 -9.11
C GLY C 48 -21.20 -16.11 -9.51
N CYS C 49 -22.37 -16.50 -9.01
CA CYS C 49 -23.61 -15.80 -9.31
C CYS C 49 -23.87 -14.61 -8.41
N LEU C 50 -23.07 -14.44 -7.35
CA LEU C 50 -23.16 -13.32 -6.42
C LEU C 50 -24.55 -13.21 -5.78
N GLN C 51 -25.14 -14.35 -5.45
CA GLN C 51 -26.39 -14.38 -4.70
C GLN C 51 -26.18 -14.32 -3.19
N CYS C 52 -24.94 -14.49 -2.73
CA CYS C 52 -24.64 -14.34 -1.31
C CYS C 52 -24.66 -12.88 -0.90
N GLU C 53 -24.03 -12.02 -1.71
CA GLU C 53 -23.77 -10.65 -1.30
C GLU C 53 -25.03 -9.80 -1.30
N MET C 54 -25.96 -10.05 -2.24
CA MET C 54 -27.22 -9.34 -2.23
C MET C 54 -28.00 -9.63 -0.95
N ALA C 55 -28.05 -10.90 -0.55
CA ALA C 55 -28.76 -11.26 0.67
C ALA C 55 -28.07 -10.69 1.91
N CYS C 56 -26.74 -10.78 1.97
CA CYS C 56 -26.02 -10.29 3.13
C CYS C 56 -26.13 -8.78 3.27
N SER C 57 -26.15 -8.05 2.15
CA SER C 57 -26.30 -6.60 2.21
C SER C 57 -27.73 -6.18 2.51
N TYR C 58 -28.70 -6.91 1.98
CA TYR C 58 -30.10 -6.56 2.22
C TYR C 58 -30.49 -6.84 3.67
N GLU C 59 -29.94 -7.90 4.27
CA GLU C 59 -30.30 -8.23 5.65
C GLU C 59 -29.84 -7.18 6.64
N HIS C 60 -28.81 -6.41 6.30
CA HIS C 60 -28.20 -5.47 7.25
C HIS C 60 -28.45 -4.00 6.91
N THR C 61 -28.53 -3.64 5.62
CA THR C 61 -28.67 -2.24 5.25
C THR C 61 -30.07 -1.85 4.79
N GLY C 62 -30.79 -2.74 4.12
CA GLY C 62 -32.10 -2.44 3.59
C GLY C 62 -32.16 -2.14 2.11
N VAL C 63 -31.02 -2.01 1.45
CA VAL C 63 -30.96 -1.79 0.00
C VAL C 63 -30.02 -2.83 -0.60
N ILE C 64 -30.33 -3.25 -1.83
CA ILE C 64 -29.50 -4.25 -2.49
C ILE C 64 -28.20 -3.59 -2.92
N ASN C 65 -27.08 -4.11 -2.41
CA ASN C 65 -25.79 -3.46 -2.63
C ASN C 65 -24.65 -4.44 -2.41
N PRO C 66 -24.23 -5.19 -3.44
CA PRO C 66 -23.18 -6.20 -3.25
C PRO C 66 -21.82 -5.64 -2.83
N SER C 67 -21.65 -4.33 -2.78
CA SER C 67 -20.39 -3.73 -2.37
C SER C 67 -20.31 -3.45 -0.88
N LYS C 68 -21.35 -3.81 -0.11
CA LYS C 68 -21.36 -3.62 1.33
C LYS C 68 -21.63 -4.92 2.06
N SER C 69 -21.30 -6.05 1.45
CA SER C 69 -21.43 -7.34 2.09
C SER C 69 -20.18 -7.67 2.87
N ARG C 70 -20.26 -8.70 3.70
CA ARG C 70 -19.16 -9.15 4.55
C ARG C 70 -18.62 -10.50 4.13
N ILE C 71 -19.01 -10.99 2.95
CA ILE C 71 -18.46 -12.17 2.32
C ILE C 71 -18.13 -11.82 0.87
N LYS C 72 -16.97 -12.27 0.40
CA LYS C 72 -16.51 -11.85 -0.93
C LYS C 72 -16.12 -13.06 -1.78
N VAL C 73 -16.35 -12.95 -3.08
CA VAL C 73 -16.06 -14.01 -4.03
C VAL C 73 -14.91 -13.57 -4.91
N PHE C 74 -13.84 -14.35 -4.94
CA PHE C 74 -12.64 -14.05 -5.71
C PHE C 74 -12.54 -15.04 -6.87
N SER C 75 -12.32 -14.52 -8.07
CA SER C 75 -12.24 -15.33 -9.27
C SER C 75 -10.81 -15.34 -9.79
N PHE C 76 -10.23 -16.53 -9.91
CA PHE C 76 -8.90 -16.73 -10.50
C PHE C 76 -9.14 -17.27 -11.90
N GLU C 77 -8.88 -16.41 -12.90
CA GLU C 77 -9.25 -16.72 -14.27
C GLU C 77 -8.31 -17.75 -14.89
N HIS C 78 -7.02 -17.66 -14.59
CA HIS C 78 -6.02 -18.51 -15.25
C HIS C 78 -6.23 -19.99 -14.95
N GLU C 79 -6.78 -20.32 -13.78
CA GLU C 79 -7.07 -21.70 -13.43
C GLU C 79 -8.57 -22.01 -13.44
N GLY C 80 -9.41 -21.03 -13.76
CA GLY C 80 -10.84 -21.24 -13.80
C GLY C 80 -11.46 -21.60 -12.47
N ARG C 81 -11.12 -20.85 -11.43
CA ARG C 81 -11.56 -21.19 -10.07
C ARG C 81 -12.25 -19.99 -9.45
N LYS C 82 -13.25 -20.27 -8.61
CA LYS C 82 -13.93 -19.23 -7.83
C LYS C 82 -14.01 -19.64 -6.38
N VAL C 83 -13.61 -18.75 -5.48
CA VAL C 83 -13.50 -19.06 -4.06
C VAL C 83 -14.11 -17.93 -3.24
N PRO C 84 -15.10 -18.22 -2.39
CA PRO C 84 -15.59 -17.20 -1.45
C PRO C 84 -14.91 -17.28 -0.09
N TYR C 85 -14.76 -16.11 0.52
CA TYR C 85 -14.04 -15.97 1.78
C TYR C 85 -14.76 -14.99 2.70
N THR C 86 -14.61 -15.24 4.00
CA THR C 86 -15.18 -14.43 5.06
C THR C 86 -14.44 -14.74 6.36
N CYS C 87 -14.89 -14.12 7.45
CA CYS C 87 -14.23 -14.28 8.74
C CYS C 87 -14.38 -15.70 9.27
N THR C 88 -13.35 -16.17 9.99
CA THR C 88 -13.33 -17.53 10.53
C THR C 88 -13.56 -17.58 12.04
N GLN C 89 -13.79 -16.44 12.68
CA GLN C 89 -14.15 -16.35 14.09
C GLN C 89 -13.10 -17.03 14.99
N CYS C 90 -11.92 -16.42 14.99
CA CYS C 90 -10.77 -16.95 15.71
C CYS C 90 -11.08 -17.06 17.21
N THR C 91 -10.30 -17.88 17.90
CA THR C 91 -10.37 -17.96 19.35
C THR C 91 -9.26 -17.21 20.04
N GLU C 92 -8.09 -17.07 19.41
CA GLU C 92 -7.09 -16.09 19.86
C GLU C 92 -7.19 -14.83 18.99
N ALA C 93 -8.27 -14.09 19.22
CA ALA C 93 -8.62 -12.98 18.35
C ALA C 93 -7.63 -11.83 18.46
N TRP C 94 -7.16 -11.35 17.30
CA TRP C 94 -6.30 -10.18 17.21
C TRP C 94 -7.10 -8.89 17.20
N CYS C 95 -8.29 -8.93 16.60
CA CYS C 95 -9.16 -7.75 16.57
C CYS C 95 -9.72 -7.44 17.96
N LEU C 96 -9.88 -8.47 18.80
CA LEU C 96 -10.46 -8.27 20.12
C LEU C 96 -9.49 -7.55 21.05
N HIS C 97 -8.20 -7.89 20.98
CA HIS C 97 -7.21 -7.45 21.95
C HIS C 97 -6.57 -6.11 21.62
N SER C 98 -6.89 -5.51 20.48
CA SER C 98 -6.27 -4.27 20.05
C SER C 98 -7.18 -3.05 20.17
N CYS C 99 -8.36 -3.20 20.75
CA CYS C 99 -9.29 -2.09 20.86
C CYS C 99 -9.01 -1.29 22.13
N PRO C 100 -8.77 0.02 22.03
CA PRO C 100 -8.50 0.82 23.23
C PRO C 100 -9.73 1.18 24.05
N VAL C 101 -10.94 0.85 23.59
CA VAL C 101 -12.17 1.22 24.29
C VAL C 101 -12.99 0.01 24.70
N ASP C 102 -12.62 -1.19 24.25
CA ASP C 102 -13.36 -2.43 24.49
C ASP C 102 -14.77 -2.35 23.91
N ALA C 103 -14.84 -2.18 22.60
CA ALA C 103 -16.09 -2.20 21.86
C ALA C 103 -16.28 -3.51 21.08
N ILE C 104 -15.42 -4.49 21.31
CA ILE C 104 -15.57 -5.82 20.74
C ILE C 104 -15.53 -6.80 21.89
N ARG C 105 -16.51 -7.71 21.94
CA ARG C 105 -16.59 -8.75 22.97
C ARG C 105 -17.26 -9.99 22.41
N LEU C 106 -17.04 -11.10 23.12
CA LEU C 106 -17.46 -12.44 22.72
C LEU C 106 -18.94 -12.66 23.00
N ASP C 107 -19.53 -13.62 22.29
CA ASP C 107 -20.85 -14.16 22.60
C ASP C 107 -20.71 -15.61 23.02
N LEU C 108 -21.54 -16.05 23.96
CA LEU C 108 -21.49 -17.43 24.42
C LEU C 108 -22.56 -18.30 23.79
N THR C 109 -23.62 -17.71 23.22
CA THR C 109 -24.65 -18.52 22.57
C THR C 109 -24.17 -19.06 21.23
N THR C 110 -23.56 -18.21 20.41
CA THR C 110 -23.12 -18.60 19.08
C THR C 110 -21.61 -18.63 18.92
N GLY C 111 -20.85 -18.16 19.91
CA GLY C 111 -19.41 -18.13 19.81
C GLY C 111 -18.91 -17.17 18.75
N ALA C 112 -19.50 -15.98 18.71
CA ALA C 112 -19.23 -15.00 17.67
C ALA C 112 -18.73 -13.70 18.27
N LYS C 113 -17.70 -13.13 17.65
CA LYS C 113 -17.24 -11.81 18.03
C LYS C 113 -18.17 -10.75 17.47
N MET C 114 -18.49 -9.75 18.28
CA MET C 114 -19.46 -8.74 17.92
C MET C 114 -18.85 -7.35 18.02
N VAL C 115 -19.42 -6.41 17.28
CA VAL C 115 -19.05 -5.00 17.33
C VAL C 115 -20.25 -4.22 17.84
N PHE C 116 -20.04 -3.44 18.89
CA PHE C 116 -21.10 -2.65 19.51
C PHE C 116 -20.99 -1.23 18.94
N GLU C 117 -21.84 -0.93 17.96
CA GLU C 117 -21.67 0.21 17.09
C GLU C 117 -22.11 1.54 17.71
N ASP C 118 -22.30 1.61 19.02
CA ASP C 118 -22.43 2.88 19.70
C ASP C 118 -21.39 3.08 20.79
N THR C 119 -20.38 2.20 20.85
CA THR C 119 -19.19 2.41 21.65
C THR C 119 -17.95 2.63 20.78
N CYS C 120 -17.92 2.07 19.58
CA CYS C 120 -16.81 2.28 18.66
C CYS C 120 -16.71 3.75 18.26
N VAL C 121 -15.47 4.20 18.07
CA VAL C 121 -15.18 5.59 17.71
C VAL C 121 -14.53 5.69 16.34
N GLY C 122 -14.42 4.58 15.61
CA GLY C 122 -13.85 4.61 14.27
C GLY C 122 -12.38 5.00 14.21
N CYS C 123 -11.56 4.40 15.08
CA CYS C 123 -10.14 4.69 15.07
C CYS C 123 -9.36 3.86 14.05
N LYS C 124 -9.99 2.85 13.46
CA LYS C 124 -9.47 2.04 12.35
C LYS C 124 -8.23 1.25 12.71
N VAL C 125 -7.93 1.07 14.00
CA VAL C 125 -6.80 0.24 14.39
C VAL C 125 -7.09 -1.25 14.20
N CYS C 126 -8.34 -1.66 14.41
CA CYS C 126 -8.70 -3.07 14.34
C CYS C 126 -8.57 -3.64 12.94
N THR C 127 -8.52 -2.80 11.90
CA THR C 127 -8.31 -3.28 10.54
C THR C 127 -6.84 -3.52 10.22
N ILE C 128 -5.92 -3.04 11.05
CA ILE C 128 -4.50 -3.28 10.84
C ILE C 128 -4.04 -4.54 11.57
N ALA C 129 -4.62 -4.84 12.74
CA ALA C 129 -4.16 -5.95 13.55
C ALA C 129 -4.54 -7.31 12.96
N CYS C 130 -5.68 -7.39 12.29
CA CYS C 130 -6.15 -8.66 11.74
C CYS C 130 -5.23 -9.12 10.61
N PRO C 131 -4.65 -10.32 10.69
CA PRO C 131 -3.71 -10.77 9.65
C PRO C 131 -4.38 -11.35 8.42
N PHE C 132 -5.71 -11.49 8.41
CA PHE C 132 -6.40 -12.16 7.31
C PHE C 132 -7.10 -11.20 6.36
N GLY C 133 -7.39 -9.97 6.78
CA GLY C 133 -7.93 -8.98 5.88
C GLY C 133 -9.40 -8.67 6.07
N THR C 134 -10.10 -9.37 6.95
CA THR C 134 -11.52 -9.11 7.21
C THR C 134 -11.63 -7.90 8.13
N ILE C 135 -12.82 -7.72 8.73
CA ILE C 135 -13.26 -6.56 9.53
C ILE C 135 -12.83 -5.24 8.89
N ASN C 136 -13.73 -4.63 8.11
CA ASN C 136 -13.41 -3.47 7.30
C ASN C 136 -14.20 -2.25 7.78
N TYR C 137 -14.00 -1.13 7.10
CA TYR C 137 -14.54 0.16 7.46
C TYR C 137 -15.81 0.44 6.65
N ASN C 138 -16.63 1.35 7.16
CA ASN C 138 -17.86 1.78 6.46
C ASN C 138 -17.97 3.29 6.62
N GLN C 139 -17.57 4.03 5.59
CA GLN C 139 -17.47 5.48 5.69
C GLN C 139 -18.81 6.19 5.63
N ASP C 140 -19.89 5.50 5.25
CA ASP C 140 -21.19 6.15 5.19
C ASP C 140 -21.78 6.33 6.59
N THR C 141 -21.58 5.36 7.48
CA THR C 141 -22.05 5.47 8.85
C THR C 141 -20.95 5.78 9.85
N GLY C 142 -19.71 5.41 9.57
CA GLY C 142 -18.59 5.77 10.40
C GLY C 142 -18.18 4.74 11.43
N LYS C 143 -18.39 3.46 11.13
CA LYS C 143 -18.02 2.38 12.04
C LYS C 143 -17.30 1.30 11.24
N VAL C 144 -17.11 0.13 11.86
CA VAL C 144 -16.49 -1.00 11.17
C VAL C 144 -17.51 -2.13 11.10
N GLN C 145 -17.14 -3.21 10.41
CA GLN C 145 -18.08 -4.30 10.20
C GLN C 145 -17.33 -5.60 9.93
N LYS C 146 -17.93 -6.70 10.38
CA LYS C 146 -17.43 -8.04 10.18
C LYS C 146 -18.60 -9.01 10.27
N CYS C 147 -18.36 -10.28 9.96
CA CYS C 147 -19.40 -11.29 9.98
C CYS C 147 -19.74 -11.65 11.42
N ASP C 148 -21.02 -11.55 11.78
CA ASP C 148 -21.47 -11.79 13.15
C ASP C 148 -22.37 -13.02 13.26
N LEU C 149 -22.36 -13.90 12.24
CA LEU C 149 -23.15 -15.12 12.17
C LEU C 149 -24.66 -14.87 12.20
N CYS C 150 -25.09 -13.62 12.10
CA CYS C 150 -26.50 -13.23 12.05
C CYS C 150 -27.30 -13.80 13.22
N GLU C 151 -26.67 -13.89 14.38
CA GLU C 151 -27.26 -14.49 15.59
C GLU C 151 -27.75 -15.91 15.33
N GLY C 152 -26.92 -16.70 14.68
CA GLY C 152 -27.20 -18.11 14.50
C GLY C 152 -28.19 -18.46 13.42
N ASP C 153 -28.60 -17.50 12.60
CA ASP C 153 -29.50 -17.73 11.48
C ASP C 153 -28.91 -17.09 10.23
N PRO C 154 -27.96 -17.76 9.58
CA PRO C 154 -27.29 -17.16 8.42
C PRO C 154 -28.25 -16.97 7.26
N ALA C 155 -28.12 -15.82 6.59
CA ALA C 155 -28.92 -15.52 5.41
C ALA C 155 -28.21 -15.88 4.11
N CYS C 156 -26.88 -15.90 4.12
CA CYS C 156 -26.13 -16.27 2.92
C CYS C 156 -26.24 -17.75 2.62
N ALA C 157 -26.45 -18.57 3.64
CA ALA C 157 -26.54 -20.02 3.45
C ALA C 157 -27.90 -20.47 2.96
N LYS C 158 -28.91 -19.60 2.99
CA LYS C 158 -30.23 -19.95 2.50
C LYS C 158 -30.44 -19.62 1.03
N ALA C 159 -29.67 -18.68 0.49
CA ALA C 159 -29.85 -18.21 -0.89
C ALA C 159 -28.92 -18.88 -1.88
N CYS C 160 -28.09 -19.83 -1.45
CA CYS C 160 -27.16 -20.49 -2.36
C CYS C 160 -27.82 -21.69 -3.01
N PRO C 161 -27.99 -21.71 -4.33
CA PRO C 161 -28.70 -22.82 -4.98
C PRO C 161 -27.85 -24.07 -5.15
N THR C 162 -26.54 -23.90 -5.28
CA THR C 162 -25.66 -25.04 -5.52
C THR C 162 -25.22 -25.75 -4.25
N ALA C 163 -25.63 -25.26 -3.08
CA ALA C 163 -25.22 -25.79 -1.77
C ALA C 163 -23.72 -25.79 -1.59
N ALA C 164 -23.06 -24.68 -1.96
CA ALA C 164 -21.64 -24.50 -1.73
C ALA C 164 -21.34 -23.84 -0.39
N ILE C 165 -22.36 -23.33 0.30
CA ILE C 165 -22.22 -22.78 1.64
C ILE C 165 -23.18 -23.53 2.55
N THR C 166 -22.65 -24.07 3.65
CA THR C 166 -23.46 -24.86 4.57
C THR C 166 -23.23 -24.36 5.99
N TYR C 167 -24.21 -24.59 6.86
CA TYR C 167 -24.13 -24.23 8.27
C TYR C 167 -24.16 -25.51 9.09
N ILE C 168 -23.00 -25.99 9.51
CA ILE C 168 -22.95 -27.27 10.22
C ILE C 168 -22.41 -27.04 11.62
N ASP C 169 -22.30 -28.10 12.43
CA ASP C 169 -21.82 -27.92 13.79
C ASP C 169 -20.30 -27.69 13.79
N ALA C 170 -19.83 -27.00 14.84
CA ALA C 170 -18.46 -26.52 14.86
C ALA C 170 -17.45 -27.66 14.80
N ASP C 171 -17.66 -28.69 15.61
CA ASP C 171 -16.83 -29.87 15.52
C ASP C 171 -17.27 -30.71 14.31
N TRP C 172 -16.35 -31.57 13.85
CA TRP C 172 -16.64 -32.55 12.80
C TRP C 172 -17.11 -31.88 11.51
N THR C 173 -16.27 -31.00 10.98
CA THR C 173 -16.49 -30.42 9.65
C THR C 173 -15.86 -31.23 8.54
N GLY C 174 -15.06 -32.24 8.88
CA GLY C 174 -14.39 -33.05 7.87
C GLY C 174 -15.02 -34.40 7.65
N LEU C 175 -16.26 -34.59 8.10
CA LEU C 175 -16.92 -35.90 7.92
C LEU C 175 -17.20 -36.18 6.45
N ALA C 176 -17.68 -35.17 5.72
CA ALA C 176 -18.12 -35.37 4.34
C ALA C 176 -16.96 -35.77 3.44
N ARG C 177 -15.81 -35.14 3.61
CA ARG C 177 -14.64 -35.50 2.82
C ARG C 177 -14.04 -36.83 3.28
N MET C 178 -14.07 -37.08 4.60
CA MET C 178 -13.47 -38.30 5.12
C MET C 178 -14.22 -39.54 4.67
N GLN C 179 -15.54 -39.48 4.61
CA GLN C 179 -16.32 -40.63 4.14
C GLN C 179 -16.02 -40.94 2.68
N ALA C 180 -16.00 -39.90 1.84
CA ALA C 180 -15.74 -40.11 0.41
C ALA C 180 -14.33 -40.64 0.18
N TRP C 181 -13.35 -40.11 0.92
CA TRP C 181 -11.98 -40.58 0.74
C TRP C 181 -11.79 -41.98 1.31
N ALA C 182 -12.55 -42.34 2.34
CA ALA C 182 -12.51 -43.71 2.85
C ALA C 182 -13.10 -44.68 1.84
N ALA C 183 -14.18 -44.29 1.17
CA ALA C 183 -14.75 -45.13 0.13
C ALA C 183 -13.81 -45.26 -1.06
N LYS C 184 -13.16 -44.16 -1.46
CA LYS C 184 -12.37 -44.16 -2.70
C LYS C 184 -11.00 -44.78 -2.51
N ALA C 185 -10.28 -44.39 -1.46
CA ALA C 185 -8.88 -44.76 -1.31
C ALA C 185 -8.71 -46.26 -1.14
N ASN C 186 -9.58 -46.89 -0.36
CA ASN C 186 -9.50 -48.35 -0.18
C ASN C 186 -9.96 -49.05 -1.44
N THR C 187 -9.00 -49.46 -2.28
CA THR C 187 -9.34 -50.15 -3.51
C THR C 187 -9.95 -51.51 -3.20
N PRO C 188 -11.02 -51.90 -3.87
CA PRO C 188 -11.64 -53.20 -3.59
C PRO C 188 -10.77 -54.34 -4.10
N ALA C 189 -11.03 -55.53 -3.54
CA ALA C 189 -10.34 -56.73 -3.98
C ALA C 189 -11.00 -57.31 -5.22
N SER C 190 -11.15 -56.49 -6.26
CA SER C 190 -11.80 -56.88 -7.50
C SER C 190 -10.87 -56.58 -8.67
N ALA C 191 -11.00 -57.39 -9.71
CA ALA C 191 -10.14 -57.33 -10.90
C ALA C 191 -8.67 -57.48 -10.52
N ALA C 192 -8.39 -58.32 -9.53
CA ALA C 192 -7.03 -58.55 -9.06
C ALA C 192 -6.90 -59.91 -8.38
N MET D 1 -39.34 14.54 22.95
CA MET D 1 -39.01 14.68 24.36
C MET D 1 -38.51 16.08 24.67
N LYS D 2 -37.73 16.21 25.74
CA LYS D 2 -37.16 17.49 26.14
C LYS D 2 -35.96 17.27 27.06
N HIS D 3 -34.84 17.92 26.78
CA HIS D 3 -33.63 17.79 27.57
C HIS D 3 -33.18 19.17 28.03
N VAL D 4 -32.85 19.29 29.31
CA VAL D 4 -32.40 20.55 29.92
C VAL D 4 -31.01 20.34 30.49
N ILE D 5 -30.08 21.23 30.14
CA ILE D 5 -28.69 21.12 30.54
C ILE D 5 -28.29 22.37 31.31
N LEU D 6 -27.64 22.18 32.45
CA LEU D 6 -27.16 23.27 33.29
C LEU D 6 -25.66 23.42 33.10
N GLY D 7 -25.22 24.66 32.88
CA GLY D 7 -23.81 24.92 32.66
C GLY D 7 -23.42 24.82 31.20
N ASN D 8 -22.67 25.81 30.71
CA ASN D 8 -22.30 25.88 29.30
C ASN D 8 -20.78 25.92 29.15
N GLY D 9 -20.09 25.04 29.87
CA GLY D 9 -18.67 24.85 29.66
C GLY D 9 -18.43 23.88 28.53
N PRO D 10 -17.26 23.24 28.52
CA PRO D 10 -17.02 22.18 27.53
C PRO D 10 -18.01 21.02 27.62
N ALA D 11 -18.39 20.63 28.85
CA ALA D 11 -19.25 19.46 29.01
C ALA D 11 -20.63 19.69 28.43
N GLY D 12 -21.24 20.84 28.75
CA GLY D 12 -22.56 21.13 28.22
C GLY D 12 -22.58 21.26 26.72
N VAL D 13 -21.56 21.91 26.15
CA VAL D 13 -21.51 22.10 24.70
C VAL D 13 -21.35 20.76 23.98
N ILE D 14 -20.43 19.93 24.45
CA ILE D 14 -20.22 18.63 23.81
C ILE D 14 -21.46 17.75 23.95
N ALA D 15 -22.08 17.76 25.13
CA ALA D 15 -23.30 16.97 25.32
C ALA D 15 -24.43 17.43 24.41
N ALA D 16 -24.61 18.75 24.29
CA ALA D 16 -25.68 19.27 23.42
C ALA D 16 -25.43 18.91 21.96
N GLU D 17 -24.19 19.02 21.50
CA GLU D 17 -23.88 18.67 20.11
C GLU D 17 -24.13 17.19 19.86
N THR D 18 -23.73 16.33 20.80
CA THR D 18 -23.94 14.90 20.63
C THR D 18 -25.42 14.54 20.66
N LEU D 19 -26.20 15.20 21.54
CA LEU D 19 -27.64 14.96 21.57
C LEU D 19 -28.31 15.38 20.27
N ARG D 20 -27.92 16.54 19.72
CA ARG D 20 -28.51 16.97 18.45
C ARG D 20 -28.15 16.01 17.33
N ARG D 21 -26.92 15.53 17.31
CA ARG D 21 -26.53 14.56 16.28
C ARG D 21 -27.26 13.23 16.43
N ALA D 22 -27.50 12.77 17.66
CA ALA D 22 -28.10 11.46 17.87
C ALA D 22 -29.60 11.43 17.60
N ALA D 23 -30.36 12.35 18.22
CA ALA D 23 -31.82 12.36 18.09
C ALA D 23 -32.27 13.70 17.53
N PRO D 24 -32.52 13.79 16.20
CA PRO D 24 -32.79 15.08 15.57
C PRO D 24 -34.21 15.60 15.74
N THR D 25 -35.02 15.04 16.63
CA THR D 25 -36.42 15.44 16.78
C THR D 25 -36.77 15.68 18.24
N ASP D 26 -35.92 16.44 18.93
CA ASP D 26 -36.15 16.75 20.34
C ASP D 26 -35.87 18.22 20.60
N ASP D 27 -36.25 18.67 21.79
CA ASP D 27 -35.99 20.02 22.26
C ASP D 27 -34.81 19.98 23.23
N ILE D 28 -33.84 20.87 23.02
CA ILE D 28 -32.64 20.94 23.83
C ILE D 28 -32.50 22.35 24.38
N LEU D 29 -32.36 22.46 25.69
CA LEU D 29 -32.17 23.73 26.37
C LEU D 29 -30.82 23.74 27.06
N LEU D 30 -30.07 24.83 26.90
CA LEU D 30 -28.73 24.97 27.49
C LEU D 30 -28.71 26.23 28.34
N PHE D 31 -28.25 26.11 29.58
CA PHE D 31 -28.31 27.21 30.52
C PHE D 31 -26.93 27.60 31.01
N GLY D 32 -26.80 28.87 31.39
CA GLY D 32 -25.55 29.40 31.94
C GLY D 32 -25.87 30.53 32.90
N SER D 33 -24.83 31.07 33.52
CA SER D 33 -25.02 32.13 34.51
C SER D 33 -24.16 33.35 34.21
N GLU D 34 -22.99 33.13 33.61
CA GLU D 34 -22.08 34.23 33.33
C GLU D 34 -22.55 35.05 32.14
N ASP D 35 -22.11 36.29 32.09
CA ASP D 35 -22.49 37.22 31.01
C ASP D 35 -21.43 37.19 29.92
N ALA D 36 -21.31 36.03 29.28
CA ALA D 36 -20.38 35.82 28.19
C ALA D 36 -20.81 34.61 27.37
N PRO D 37 -20.42 34.51 26.11
CA PRO D 37 -20.67 33.29 25.34
C PRO D 37 -19.89 32.12 25.92
N PRO D 38 -20.27 30.87 25.58
CA PRO D 38 -19.52 29.71 26.07
C PRO D 38 -18.03 29.78 25.79
N TYR D 39 -17.22 29.81 26.84
CA TYR D 39 -15.78 29.99 26.73
C TYR D 39 -15.05 29.02 27.64
N SER D 40 -13.82 28.70 27.26
CA SER D 40 -12.94 27.92 28.12
C SER D 40 -12.18 28.84 29.05
N ARG D 41 -12.15 28.49 30.34
CA ARG D 41 -11.32 29.21 31.30
C ARG D 41 -9.86 28.80 31.21
N MET D 42 -9.56 27.64 30.62
CA MET D 42 -8.19 27.17 30.45
C MET D 42 -7.30 28.18 29.74
N ALA D 43 -7.87 29.00 28.86
CA ALA D 43 -7.10 29.98 28.10
C ALA D 43 -7.13 31.37 28.74
N ILE D 44 -7.32 31.44 30.05
CA ILE D 44 -7.16 32.70 30.78
C ILE D 44 -5.70 33.14 30.89
N PRO D 45 -4.72 32.25 31.20
CA PRO D 45 -3.33 32.74 31.30
C PRO D 45 -2.78 33.40 30.04
N TYR D 46 -3.13 32.91 28.86
CA TYR D 46 -2.61 33.53 27.64
C TYR D 46 -3.26 34.87 27.37
N LEU D 47 -4.42 35.13 27.97
CA LEU D 47 -4.95 36.50 27.99
C LEU D 47 -4.07 37.41 28.82
N LEU D 48 -3.52 36.88 29.92
CA LEU D 48 -2.70 37.69 30.81
C LEU D 48 -1.37 38.06 30.16
N GLU D 49 -0.78 37.13 29.41
CA GLU D 49 0.47 37.40 28.71
C GLU D 49 0.32 38.47 27.64
N GLY D 50 -0.83 38.50 26.97
CA GLY D 50 -1.06 39.43 25.89
C GLY D 50 -1.00 38.84 24.51
N ASN D 51 -0.89 37.51 24.40
CA ASN D 51 -0.79 36.88 23.08
C ASN D 51 -2.08 37.03 22.29
N ILE D 52 -3.24 36.87 22.95
CA ILE D 52 -4.53 36.90 22.29
C ILE D 52 -5.43 37.93 22.97
N ASP D 53 -6.49 38.29 22.26
CA ASP D 53 -7.53 39.14 22.81
C ASP D 53 -8.49 38.30 23.64
N GLU D 54 -9.46 38.96 24.29
CA GLU D 54 -10.48 38.25 25.04
C GLU D 54 -11.33 37.37 24.15
N SER D 55 -11.69 37.87 22.96
CA SER D 55 -12.52 37.14 22.02
C SER D 55 -11.88 35.85 21.52
N GLY D 56 -10.57 35.67 21.73
CA GLY D 56 -9.93 34.43 21.40
C GLY D 56 -10.12 33.31 22.39
N THR D 57 -10.79 33.58 23.51
CA THR D 57 -11.08 32.53 24.48
C THR D 57 -12.39 31.79 24.21
N TRP D 58 -13.13 32.19 23.18
CA TRP D 58 -14.44 31.62 22.94
C TRP D 58 -14.34 30.18 22.45
N LEU D 59 -15.30 29.36 22.87
CA LEU D 59 -15.29 27.93 22.52
C LEU D 59 -15.70 27.70 21.07
N ARG D 60 -16.67 28.46 20.56
CA ARG D 60 -17.13 28.34 19.18
C ARG D 60 -17.14 29.73 18.56
N LYS D 61 -16.32 29.92 17.52
CA LYS D 61 -16.13 31.24 16.93
C LYS D 61 -16.91 31.46 15.64
N SER D 62 -17.42 30.41 15.01
CA SER D 62 -18.19 30.56 13.78
C SER D 62 -19.48 31.31 14.09
N PRO D 63 -19.77 32.41 13.39
CA PRO D 63 -20.92 33.25 13.76
C PRO D 63 -22.25 32.52 13.54
N GLY D 64 -23.13 32.64 14.52
CA GLY D 64 -24.43 31.98 14.46
C GLY D 64 -24.33 30.47 14.44
N HIS D 65 -23.45 29.89 15.26
CA HIS D 65 -23.27 28.45 15.25
C HIS D 65 -24.42 27.72 15.95
N PHE D 66 -24.94 28.29 17.05
CA PHE D 66 -26.01 27.64 17.79
C PHE D 66 -27.39 28.07 17.28
N ASP D 67 -27.54 28.05 15.95
CA ASP D 67 -28.84 28.25 15.32
C ASP D 67 -29.08 27.17 14.27
N ARG D 68 -28.00 26.79 13.57
CA ARG D 68 -28.13 25.78 12.53
C ARG D 68 -28.41 24.40 13.12
N LEU D 69 -28.01 24.16 14.36
CA LEU D 69 -28.31 22.91 15.05
C LEU D 69 -29.58 22.98 15.88
N ARG D 70 -30.27 24.13 15.88
CA ARG D 70 -31.55 24.32 16.56
C ARG D 70 -31.43 24.04 18.06
N ILE D 71 -30.57 24.81 18.71
CA ILE D 71 -30.31 24.71 20.14
C ILE D 71 -30.70 26.02 20.79
N HIS D 72 -31.50 25.95 21.84
CA HIS D 72 -32.03 27.12 22.53
C HIS D 72 -31.08 27.53 23.65
N GLU D 73 -30.75 28.82 23.71
CA GLU D 73 -29.87 29.37 24.73
C GLU D 73 -30.65 30.31 25.63
N MET D 74 -30.55 30.09 26.95
CA MET D 74 -31.24 30.89 27.94
C MET D 74 -30.23 31.41 28.96
N ARG D 75 -30.73 32.19 29.91
CA ARG D 75 -29.90 32.72 31.00
C ARG D 75 -30.67 32.60 32.30
N GLY D 76 -29.94 32.26 33.36
CA GLY D 76 -30.54 32.11 34.68
C GLY D 76 -29.73 31.16 35.52
N ARG D 77 -29.86 31.32 36.84
CA ARG D 77 -29.12 30.52 37.82
C ARG D 77 -30.08 29.62 38.55
N ALA D 78 -29.83 28.31 38.51
CA ALA D 78 -30.68 27.35 39.18
C ALA D 78 -30.50 27.43 40.69
N VAL D 79 -31.62 27.47 41.41
CA VAL D 79 -31.56 27.62 42.85
C VAL D 79 -32.38 26.53 43.54
N SER D 80 -33.36 25.94 42.85
CA SER D 80 -34.14 24.90 43.51
C SER D 80 -34.53 23.82 42.52
N LEU D 81 -34.54 22.58 43.01
CA LEU D 81 -34.89 21.40 42.23
C LEU D 81 -35.97 20.62 42.97
N ASP D 82 -36.98 20.17 42.23
CA ASP D 82 -38.06 19.34 42.77
C ASP D 82 -38.12 18.08 41.92
N SER D 83 -37.54 17.00 42.42
CA SER D 83 -37.39 15.79 41.62
C SER D 83 -38.66 14.94 41.58
N GLU D 84 -39.61 15.18 42.48
CA GLU D 84 -40.81 14.34 42.52
C GLU D 84 -41.70 14.60 41.31
N ARG D 85 -41.96 15.88 41.01
CA ARG D 85 -42.77 16.25 39.87
C ARG D 85 -41.96 16.98 38.79
N ARG D 86 -40.63 16.86 38.85
CA ARG D 86 -39.71 17.29 37.79
C ARG D 86 -39.87 18.79 37.47
N ARG D 87 -39.48 19.60 38.45
CA ARG D 87 -39.59 21.06 38.36
C ARG D 87 -38.26 21.70 38.72
N ILE D 88 -37.93 22.82 38.07
CA ILE D 88 -36.72 23.58 38.35
C ILE D 88 -37.11 25.03 38.57
N LEU D 89 -36.68 25.59 39.70
CA LEU D 89 -36.99 26.96 40.07
C LEU D 89 -35.72 27.78 40.00
N PHE D 90 -35.75 28.83 39.17
CA PHE D 90 -34.63 29.72 38.93
C PHE D 90 -34.74 30.96 39.81
N ASP D 91 -33.63 31.72 39.86
CA ASP D 91 -33.56 32.86 40.76
C ASP D 91 -34.44 34.03 40.33
N ASP D 92 -34.75 34.16 39.04
CA ASP D 92 -35.50 35.30 38.54
C ASP D 92 -36.99 35.20 38.78
N GLY D 93 -37.49 34.10 39.35
CA GLY D 93 -38.88 33.90 39.59
C GLY D 93 -39.57 33.03 38.55
N HIS D 94 -38.95 32.87 37.38
CA HIS D 94 -39.51 32.00 36.35
C HIS D 94 -39.28 30.54 36.74
N PHE D 95 -39.75 29.64 35.88
CA PHE D 95 -39.82 28.23 36.20
C PHE D 95 -39.64 27.40 34.94
N GLU D 96 -39.03 26.22 35.08
CA GLU D 96 -38.86 25.34 33.93
C GLU D 96 -39.18 23.90 34.30
N SER D 97 -39.68 23.15 33.32
CA SER D 97 -39.95 21.73 33.46
C SER D 97 -39.04 20.94 32.54
N TRP D 98 -38.87 19.66 32.85
CA TRP D 98 -37.87 18.85 32.16
C TRP D 98 -38.34 17.39 32.08
N ASP D 99 -37.67 16.65 31.23
CA ASP D 99 -37.82 15.20 31.12
C ASP D 99 -36.54 14.44 31.43
N ARG D 100 -35.40 14.94 30.95
CA ARG D 100 -34.09 14.45 31.32
C ARG D 100 -33.24 15.63 31.74
N LEU D 101 -32.38 15.43 32.72
CA LEU D 101 -31.54 16.49 33.26
C LEU D 101 -30.08 16.07 33.28
N LEU D 102 -29.19 17.00 32.95
CA LEU D 102 -27.75 16.81 33.04
C LEU D 102 -27.17 17.95 33.86
N ILE D 103 -26.34 17.61 34.84
CA ILE D 103 -25.71 18.59 35.73
C ILE D 103 -24.23 18.67 35.38
N ALA D 104 -23.80 19.83 34.90
CA ALA D 104 -22.41 20.07 34.53
C ALA D 104 -21.97 21.44 35.05
N THR D 105 -22.24 21.69 36.33
CA THR D 105 -22.05 23.01 36.92
C THR D 105 -20.62 23.31 37.34
N GLY D 106 -19.71 22.35 37.26
CA GLY D 106 -18.31 22.66 37.52
C GLY D 106 -17.99 22.90 39.00
N SER D 107 -16.91 23.64 39.22
CA SER D 107 -16.37 23.89 40.55
C SER D 107 -16.11 25.38 40.73
N HIS D 108 -15.82 25.76 41.98
CA HIS D 108 -15.57 27.13 42.36
C HIS D 108 -14.40 27.17 43.34
N PRO D 109 -13.64 28.25 43.37
CA PRO D 109 -12.49 28.32 44.27
C PRO D 109 -12.90 28.58 45.73
N VAL D 110 -11.97 28.27 46.63
CA VAL D 110 -12.19 28.39 48.06
C VAL D 110 -11.11 29.31 48.64
N ARG D 111 -11.50 30.15 49.62
CA ARG D 111 -10.60 31.08 50.27
C ARG D 111 -10.25 30.59 51.67
N PRO D 112 -8.97 30.57 52.05
CA PRO D 112 -8.62 30.28 53.43
C PRO D 112 -9.13 31.38 54.36
N PRO D 113 -9.40 31.05 55.62
CA PRO D 113 -9.95 32.05 56.57
C PRO D 113 -8.87 32.88 57.26
N ILE D 114 -8.26 33.79 56.49
CA ILE D 114 -7.21 34.66 56.99
C ILE D 114 -7.83 36.03 57.25
N PRO D 115 -7.51 36.71 58.36
CA PRO D 115 -8.04 38.06 58.58
C PRO D 115 -7.58 39.03 57.51
N GLY D 116 -8.49 39.90 57.10
CA GLY D 116 -8.19 40.87 56.06
C GLY D 116 -8.06 40.28 54.66
N ILE D 117 -8.73 39.15 54.38
CA ILE D 117 -8.64 38.52 53.07
C ILE D 117 -9.63 39.09 52.08
N ASP D 118 -10.51 40.01 52.51
CA ASP D 118 -11.49 40.62 51.63
C ASP D 118 -11.11 42.05 51.23
N LEU D 119 -9.81 42.35 51.27
CA LEU D 119 -9.32 43.65 50.82
C LEU D 119 -9.35 43.72 49.29
N PRO D 120 -9.45 44.93 48.73
CA PRO D 120 -9.55 45.04 47.26
C PRO D 120 -8.36 44.50 46.49
N GLU D 121 -7.18 44.46 47.09
CA GLU D 121 -5.98 44.04 46.36
C GLU D 121 -5.74 42.54 46.43
N VAL D 122 -6.63 41.77 47.02
CA VAL D 122 -6.52 40.31 47.07
C VAL D 122 -7.52 39.72 46.10
N GLN D 123 -7.01 39.07 45.06
CA GLN D 123 -7.87 38.52 44.01
C GLN D 123 -7.48 37.07 43.74
N THR D 124 -8.47 36.29 43.32
CA THR D 124 -8.26 34.95 42.79
C THR D 124 -8.19 35.03 41.26
N CYS D 125 -7.92 33.88 40.64
CA CYS D 125 -7.84 33.79 39.18
C CYS D 125 -8.69 32.62 38.73
N TRP D 126 -9.98 32.84 38.55
CA TRP D 126 -10.88 31.80 38.07
C TRP D 126 -11.74 32.24 36.90
N THR D 127 -12.15 33.50 36.86
CA THR D 127 -13.07 33.96 35.82
C THR D 127 -12.53 35.17 35.05
N LEU D 128 -13.37 35.76 34.19
CA LEU D 128 -12.92 36.85 33.34
C LEU D 128 -12.81 38.17 34.10
N GLU D 129 -13.72 38.41 35.06
CA GLU D 129 -13.63 39.64 35.86
C GLU D 129 -12.36 39.65 36.70
N ASP D 130 -11.98 38.50 37.25
CA ASP D 130 -10.72 38.40 37.98
C ASP D 130 -9.54 38.67 37.08
N ALA D 131 -9.58 38.17 35.83
CA ALA D 131 -8.51 38.44 34.88
C ALA D 131 -8.42 39.92 34.57
N ARG D 132 -9.57 40.58 34.40
CA ARG D 132 -9.55 42.02 34.14
C ARG D 132 -8.98 42.80 35.32
N ALA D 133 -9.35 42.42 36.54
CA ALA D 133 -8.81 43.09 37.72
C ALA D 133 -7.31 42.88 37.84
N ILE D 134 -6.84 41.66 37.59
CA ILE D 134 -5.41 41.37 37.65
C ILE D 134 -4.66 42.17 36.60
N ALA D 135 -5.20 42.24 35.39
CA ALA D 135 -4.57 43.02 34.33
C ALA D 135 -4.53 44.49 34.67
N ARG D 136 -5.59 45.00 35.33
CA ARG D 136 -5.59 46.39 35.77
C ARG D 136 -4.52 46.65 36.82
N PHE D 137 -4.33 45.71 37.74
CA PHE D 137 -3.40 45.94 38.85
C PHE D 137 -1.96 45.58 38.52
N ALA D 138 -1.73 44.57 37.68
CA ALA D 138 -0.37 44.09 37.44
C ALA D 138 0.30 44.89 36.32
N THR D 139 0.58 46.16 36.65
CA THR D 139 1.41 47.05 35.87
C THR D 139 2.86 46.59 35.93
N PRO D 140 3.66 46.83 34.89
CA PRO D 140 5.08 46.45 34.99
C PRO D 140 5.80 47.24 36.06
N GLY D 141 6.69 46.53 36.77
CA GLY D 141 7.39 47.11 37.91
C GLY D 141 6.64 47.03 39.23
N ALA D 142 5.51 46.34 39.28
CA ALA D 142 4.71 46.24 40.49
C ALA D 142 5.23 45.12 41.40
N ARG D 143 4.57 44.95 42.54
CA ARG D 143 4.94 43.95 43.54
C ARG D 143 3.80 42.96 43.69
N VAL D 144 4.12 41.66 43.60
CA VAL D 144 3.13 40.59 43.61
C VAL D 144 3.56 39.54 44.62
N LEU D 145 2.57 39.00 45.33
CA LEU D 145 2.79 37.89 46.25
C LEU D 145 1.70 36.84 46.03
N GLN D 146 2.10 35.58 45.88
CA GLN D 146 1.19 34.51 45.51
C GLN D 146 1.18 33.42 46.58
N LEU D 147 0.02 32.80 46.79
CA LEU D 147 -0.12 31.70 47.72
C LEU D 147 -0.35 30.40 46.95
N GLY D 148 0.38 29.36 47.34
CA GLY D 148 0.19 28.04 46.74
C GLY D 148 1.11 27.76 45.58
N ALA D 149 1.69 26.56 45.54
CA ALA D 149 2.59 26.14 44.48
C ALA D 149 2.13 24.82 43.88
N GLY D 150 0.84 24.70 43.59
CA GLY D 150 0.30 23.50 42.99
C GLY D 150 0.45 23.49 41.48
N PHE D 151 -0.64 23.19 40.77
CA PHE D 151 -0.64 23.11 39.32
C PHE D 151 -1.08 24.44 38.71
N ILE D 152 -2.29 24.89 39.05
CA ILE D 152 -2.77 26.19 38.61
C ILE D 152 -1.89 27.31 39.16
N GLY D 153 -1.34 27.12 40.36
CA GLY D 153 -0.39 28.08 40.89
C GLY D 153 0.85 28.21 40.02
N CYS D 154 1.37 27.08 39.53
CA CYS D 154 2.52 27.13 38.63
C CYS D 154 2.16 27.81 37.31
N ILE D 155 0.97 27.54 36.77
CA ILE D 155 0.55 28.19 35.53
C ILE D 155 0.47 29.71 35.72
N ILE D 156 -0.14 30.15 36.84
CA ILE D 156 -0.31 31.57 37.07
C ILE D 156 1.03 32.26 37.33
N MET D 157 1.92 31.60 38.07
CA MET D 157 3.22 32.24 38.32
C MET D 157 4.03 32.33 37.03
N GLU D 158 3.91 31.34 36.15
CA GLU D 158 4.56 31.45 34.85
C GLU D 158 4.02 32.63 34.05
N ALA D 159 2.70 32.79 34.03
CA ALA D 159 2.10 33.91 33.29
C ALA D 159 2.54 35.25 33.85
N LEU D 160 2.55 35.37 35.19
CA LEU D 160 2.90 36.65 35.81
C LEU D 160 4.38 36.95 35.66
N ALA D 161 5.23 35.92 35.70
CA ALA D 161 6.65 36.13 35.45
C ALA D 161 6.90 36.55 34.01
N ALA D 162 6.13 35.99 33.07
CA ALA D 162 6.24 36.42 31.68
C ALA D 162 5.75 37.85 31.51
N ARG D 163 4.80 38.29 32.33
CA ARG D 163 4.34 39.68 32.26
C ARG D 163 5.43 40.68 32.64
N GLY D 164 6.44 40.25 33.41
CA GLY D 164 7.59 41.09 33.68
C GLY D 164 7.54 41.86 34.98
N VAL D 165 7.25 41.18 36.10
CA VAL D 165 7.25 41.78 37.42
C VAL D 165 8.00 40.86 38.37
N GLU D 166 8.29 41.37 39.57
CA GLU D 166 8.87 40.55 40.62
C GLU D 166 7.81 39.58 41.13
N LEU D 167 8.26 38.47 41.71
CA LEU D 167 7.34 37.43 42.15
C LEU D 167 7.86 36.76 43.42
N THR D 168 6.93 36.39 44.29
CA THR D 168 7.23 35.69 45.53
C THR D 168 6.14 34.66 45.78
N VAL D 169 6.54 33.43 46.07
CA VAL D 169 5.63 32.31 46.24
C VAL D 169 5.76 31.77 47.65
N VAL D 170 4.63 31.60 48.33
CA VAL D 170 4.57 31.03 49.67
C VAL D 170 3.83 29.72 49.59
N GLU D 171 4.48 28.63 50.02
CA GLU D 171 3.92 27.29 49.95
C GLU D 171 3.88 26.68 51.34
N MET D 172 2.72 26.17 51.73
CA MET D 172 2.53 25.57 53.04
C MET D 172 3.13 24.17 53.14
N GLY D 173 3.36 23.50 52.02
CA GLY D 173 3.85 22.14 52.00
C GLY D 173 5.34 22.03 52.09
N ASP D 174 5.88 20.92 51.57
CA ASP D 174 7.30 20.63 51.63
C ASP D 174 8.04 20.88 50.31
N ARG D 175 7.37 20.77 49.18
CA ARG D 175 8.01 20.93 47.88
C ARG D 175 6.97 21.47 46.89
N MET D 176 7.41 21.71 45.66
CA MET D 176 6.49 22.12 44.60
C MET D 176 5.86 20.91 43.93
N VAL D 177 4.69 21.15 43.32
CA VAL D 177 3.78 20.17 42.70
C VAL D 177 3.78 18.84 43.45
N PRO D 178 3.34 18.81 44.71
CA PRO D 178 3.45 17.58 45.51
C PRO D 178 2.52 16.47 45.08
N ARG D 179 1.53 16.74 44.23
CA ARG D 179 0.53 15.74 43.85
C ARG D 179 0.75 15.16 42.46
N MET D 180 1.75 15.63 41.72
CA MET D 180 1.97 15.11 40.38
C MET D 180 3.44 14.87 40.06
N MET D 181 4.34 14.98 41.04
CA MET D 181 5.76 14.83 40.75
C MET D 181 6.45 14.17 41.94
N THR D 182 7.50 13.41 41.64
CA THR D 182 8.39 12.85 42.66
C THR D 182 9.26 13.97 43.25
N PRO D 183 9.81 13.77 44.46
CA PRO D 183 10.61 14.84 45.08
C PRO D 183 11.82 15.29 44.28
N THR D 184 12.46 14.39 43.53
CA THR D 184 13.63 14.77 42.74
C THR D 184 13.26 15.76 41.64
N ALA D 185 12.20 15.45 40.89
CA ALA D 185 11.76 16.35 39.82
C ALA D 185 11.24 17.67 40.38
N GLY D 186 10.59 17.62 41.54
CA GLY D 186 10.19 18.85 42.21
C GLY D 186 11.38 19.72 42.60
N GLY D 187 12.46 19.08 43.06
CA GLY D 187 13.67 19.83 43.36
C GLY D 187 14.29 20.44 42.12
N MET D 188 14.30 19.69 41.01
CA MET D 188 14.82 20.24 39.76
C MET D 188 14.00 21.45 39.30
N ILE D 189 12.68 21.35 39.38
CA ILE D 189 11.81 22.46 38.99
C ILE D 189 12.06 23.66 39.90
N ARG D 190 12.23 23.40 41.20
CA ARG D 190 12.50 24.48 42.14
C ARG D 190 13.81 25.20 41.82
N LYS D 191 14.87 24.44 41.54
CA LYS D 191 16.16 25.07 41.27
C LYS D 191 16.16 25.82 39.94
N TRP D 192 15.49 25.26 38.92
CA TRP D 192 15.37 25.97 37.65
C TRP D 192 14.61 27.29 37.81
N VAL D 193 13.50 27.25 38.56
CA VAL D 193 12.69 28.46 38.76
C VAL D 193 13.47 29.50 39.54
N GLU D 194 14.21 29.07 40.58
CA GLU D 194 15.02 30.02 41.34
C GLU D 194 16.13 30.61 40.48
N ASP D 195 16.70 29.81 39.56
CA ASP D 195 17.70 30.35 38.63
C ASP D 195 17.09 31.39 37.70
N GLN D 196 15.85 31.16 37.24
CA GLN D 196 15.24 32.09 36.30
C GLN D 196 14.86 33.42 36.95
N GLY D 197 14.79 33.48 38.28
CA GLY D 197 14.58 34.75 38.97
C GLY D 197 13.30 34.90 39.75
N VAL D 198 12.79 33.81 40.31
CA VAL D 198 11.58 33.83 41.12
C VAL D 198 11.94 33.31 42.51
N ARG D 199 11.64 34.11 43.54
CA ARG D 199 11.95 33.73 44.91
C ARG D 199 10.85 32.84 45.47
N VAL D 200 11.24 31.70 46.02
CA VAL D 200 10.30 30.74 46.60
C VAL D 200 10.71 30.47 48.05
N VAL D 201 9.77 30.67 48.97
CA VAL D 201 9.95 30.29 50.36
C VAL D 201 9.00 29.13 50.65
N THR D 202 9.54 28.05 51.20
CA THR D 202 8.80 26.83 51.43
C THR D 202 8.63 26.56 52.92
N ASN D 203 7.68 25.68 53.23
CA ASN D 203 7.35 25.28 54.60
C ASN D 203 7.00 26.49 55.46
N ALA D 204 6.09 27.32 54.96
CA ALA D 204 5.62 28.48 55.70
C ALA D 204 4.21 28.82 55.23
N GLY D 205 3.48 29.54 56.10
CA GLY D 205 2.14 29.98 55.78
C GLY D 205 2.01 31.47 56.01
N VAL D 206 0.84 31.99 55.62
CA VAL D 206 0.53 33.40 55.76
C VAL D 206 -0.23 33.61 57.05
N SER D 207 0.31 34.45 57.93
CA SER D 207 -0.36 34.75 59.20
C SER D 207 -1.46 35.79 59.01
N ARG D 208 -1.12 36.99 58.56
CA ARG D 208 -2.18 37.99 58.38
C ARG D 208 -1.74 39.06 57.40
N ILE D 209 -2.72 39.60 56.67
CA ILE D 209 -2.52 40.69 55.72
C ILE D 209 -3.12 41.95 56.33
N ASP D 210 -2.34 43.02 56.38
CA ASP D 210 -2.77 44.28 56.98
C ASP D 210 -2.65 45.41 55.98
N CYS D 211 -3.57 46.37 56.10
CA CYS D 211 -3.65 47.52 55.22
C CYS D 211 -2.91 48.71 55.81
N ARG D 212 -2.34 49.52 54.92
CA ARG D 212 -1.61 50.71 55.33
C ARG D 212 -2.59 51.87 55.50
N ALA D 213 -2.06 53.10 55.58
CA ALA D 213 -2.88 54.25 55.91
C ALA D 213 -3.93 54.55 54.84
N SER D 214 -3.65 54.22 53.58
CA SER D 214 -4.57 54.52 52.50
C SER D 214 -4.61 53.35 51.52
N ASN D 215 -5.68 53.29 50.73
CA ASN D 215 -5.82 52.25 49.71
C ASN D 215 -5.22 52.71 48.38
N ASP D 216 -3.98 53.20 48.44
CA ASP D 216 -3.21 53.54 47.26
C ASP D 216 -1.84 52.88 47.37
N ALA D 217 -1.38 52.69 48.59
CA ALA D 217 -0.12 52.02 48.89
C ALA D 217 -0.33 50.51 48.94
N PRO D 218 0.75 49.73 48.79
CA PRO D 218 0.62 48.27 48.92
C PRO D 218 0.26 47.81 50.33
N LEU D 219 0.14 46.49 50.51
CA LEU D 219 -0.26 45.90 51.77
C LEU D 219 0.96 45.28 52.45
N ASP D 220 0.84 45.04 53.76
CA ASP D 220 1.90 44.40 54.54
C ASP D 220 1.42 43.01 54.93
N VAL D 221 2.09 41.98 54.43
CA VAL D 221 1.72 40.59 54.69
C VAL D 221 2.74 40.02 55.66
N THR D 222 2.27 39.55 56.82
CA THR D 222 3.11 38.93 57.81
C THR D 222 2.94 37.42 57.70
N LEU D 223 4.05 36.71 57.48
CA LEU D 223 4.07 35.27 57.33
C LEU D 223 4.10 34.60 58.70
N SER D 224 4.16 33.27 58.70
CA SER D 224 4.21 32.53 59.96
C SER D 224 5.59 32.59 60.59
N THR D 225 6.65 32.59 59.77
CA THR D 225 8.01 32.60 60.30
C THR D 225 8.35 33.91 60.98
N GLY D 226 7.77 35.03 60.54
CA GLY D 226 7.97 36.29 61.22
C GLY D 226 8.27 37.46 60.31
N GLU D 227 8.93 37.21 59.18
CA GLU D 227 9.27 38.28 58.25
C GLU D 227 8.02 38.84 57.59
N VAL D 228 8.07 40.13 57.25
CA VAL D 228 6.96 40.83 56.63
C VAL D 228 7.36 41.19 55.20
N VAL D 229 6.37 41.16 54.30
CA VAL D 229 6.59 41.48 52.90
C VAL D 229 5.57 42.55 52.49
N VAL D 230 6.06 43.59 51.82
CA VAL D 230 5.21 44.61 51.23
C VAL D 230 4.86 44.16 49.81
N ALA D 231 3.57 44.21 49.47
CA ALA D 231 3.11 43.67 48.21
C ALA D 231 1.91 44.45 47.69
N ASP D 232 1.97 44.85 46.41
CA ASP D 232 0.87 45.59 45.81
C ASP D 232 -0.32 44.68 45.53
N LEU D 233 -0.08 43.50 44.98
CA LEU D 233 -1.15 42.57 44.60
C LEU D 233 -0.86 41.21 45.21
N VAL D 234 -1.93 40.54 45.66
CA VAL D 234 -1.84 39.21 46.25
C VAL D 234 -2.76 38.27 45.47
N ILE D 235 -2.23 37.11 45.09
CA ILE D 235 -2.95 36.11 44.33
C ILE D 235 -3.18 34.90 45.22
N VAL D 236 -4.41 34.41 45.25
CA VAL D 236 -4.79 33.26 46.07
C VAL D 236 -5.15 32.12 45.12
N ALA D 237 -4.47 30.98 45.29
CA ALA D 237 -4.68 29.80 44.47
C ALA D 237 -4.78 28.55 45.34
N ALA D 238 -5.62 28.63 46.38
CA ALA D 238 -5.74 27.57 47.37
C ALA D 238 -6.27 26.27 46.79
N GLY D 239 -7.51 26.28 46.32
CA GLY D 239 -8.12 25.05 45.82
C GLY D 239 -9.55 25.31 45.38
N VAL D 240 -10.18 24.24 44.90
CA VAL D 240 -11.52 24.32 44.34
C VAL D 240 -12.40 23.20 44.90
N ALA D 241 -13.70 23.47 44.94
CA ALA D 241 -14.72 22.55 45.42
C ALA D 241 -15.90 22.54 44.46
N PRO D 242 -16.60 21.41 44.32
CA PRO D 242 -17.68 21.33 43.33
C PRO D 242 -18.85 22.22 43.65
N ASN D 243 -19.58 22.61 42.60
CA ASN D 243 -20.76 23.46 42.74
C ASN D 243 -21.97 22.57 43.05
N ILE D 244 -22.27 22.42 44.33
CA ILE D 244 -23.45 21.69 44.79
C ILE D 244 -24.19 22.58 45.80
N ALA D 245 -25.20 23.29 45.30
CA ALA D 245 -25.91 24.31 46.09
C ALA D 245 -27.42 24.10 46.08
N PHE D 246 -27.90 23.05 45.41
CA PHE D 246 -29.33 22.78 45.35
C PHE D 246 -29.65 21.30 45.48
N LEU D 247 -28.67 20.44 45.73
CA LEU D 247 -28.88 19.01 45.85
C LEU D 247 -28.85 18.53 47.30
N GLU D 248 -28.94 19.45 48.27
CA GLU D 248 -28.78 19.06 49.66
C GLU D 248 -30.03 18.40 50.24
N ALA D 249 -31.22 18.72 49.72
CA ALA D 249 -32.47 18.24 50.25
C ALA D 249 -33.26 17.42 49.22
N THR D 250 -32.55 16.58 48.48
CA THR D 250 -33.11 15.75 47.43
C THR D 250 -32.59 14.34 47.60
N PRO D 251 -33.29 13.32 47.06
CA PRO D 251 -32.79 11.94 47.18
C PRO D 251 -31.56 11.62 46.34
N VAL D 252 -30.94 12.63 45.75
CA VAL D 252 -29.68 12.44 45.02
C VAL D 252 -28.56 12.32 46.04
N HIS D 253 -27.87 11.18 46.05
CA HIS D 253 -26.77 10.97 46.98
C HIS D 253 -25.58 11.83 46.58
N VAL D 254 -24.99 12.51 47.57
CA VAL D 254 -23.90 13.43 47.25
C VAL D 254 -22.79 13.39 48.31
N ALA D 255 -21.63 12.87 47.91
CA ALA D 255 -20.39 12.96 48.65
C ALA D 255 -19.70 14.27 48.29
N LYS D 256 -18.39 14.35 48.51
CA LYS D 256 -17.55 15.44 47.99
C LYS D 256 -17.92 15.78 46.54
N GLY D 257 -18.19 14.77 45.71
CA GLY D 257 -18.76 14.99 44.41
C GLY D 257 -19.99 14.11 44.21
N VAL D 258 -20.71 14.41 43.13
CA VAL D 258 -21.91 13.64 42.80
C VAL D 258 -21.51 12.25 42.35
N LEU D 259 -22.11 11.23 42.96
CA LEU D 259 -21.75 9.84 42.70
C LEU D 259 -22.51 9.31 41.49
N VAL D 260 -21.79 8.58 40.63
CA VAL D 260 -22.34 7.99 39.41
C VAL D 260 -21.76 6.59 39.24
N ASP D 261 -22.34 5.84 38.32
CA ASP D 261 -21.86 4.51 37.97
C ASP D 261 -21.07 4.59 36.66
N ASP D 262 -20.73 3.42 36.10
CA ASP D 262 -19.86 3.38 34.93
C ASP D 262 -20.51 4.05 33.72
N ARG D 263 -21.77 3.75 33.44
CA ARG D 263 -22.55 4.55 32.49
C ARG D 263 -23.18 5.68 33.28
N LEU D 264 -22.74 6.92 33.00
CA LEU D 264 -22.99 8.08 33.84
C LEU D 264 -24.46 8.24 34.19
N GLN D 265 -24.79 8.10 35.48
CA GLN D 265 -26.16 8.22 35.96
C GLN D 265 -26.17 8.30 37.49
N THR D 266 -26.86 9.28 38.06
CA THR D 266 -26.90 9.43 39.50
C THR D 266 -27.98 8.48 40.06
N SER D 267 -28.21 8.55 41.37
CA SER D 267 -29.13 7.61 42.02
C SER D 267 -30.58 8.09 41.99
N VAL D 268 -31.03 8.54 40.83
CA VAL D 268 -32.42 8.83 40.51
C VAL D 268 -32.58 8.49 39.04
N PRO D 269 -33.62 7.76 38.63
CA PRO D 269 -33.80 7.49 37.19
C PRO D 269 -34.22 8.74 36.43
N GLY D 270 -33.31 9.29 35.64
CA GLY D 270 -33.61 10.45 34.82
C GLY D 270 -32.79 11.69 35.12
N ILE D 271 -31.71 11.54 35.89
CA ILE D 271 -30.78 12.64 36.17
C ILE D 271 -29.36 12.13 35.94
N PHE D 272 -28.54 12.94 35.29
CA PHE D 272 -27.20 12.56 34.87
C PHE D 272 -26.22 13.66 35.27
N ALA D 273 -24.93 13.34 35.30
CA ALA D 273 -23.93 14.34 35.66
C ALA D 273 -22.62 14.05 34.96
N ALA D 274 -21.88 15.12 34.67
CA ALA D 274 -20.57 15.01 34.04
C ALA D 274 -19.80 16.30 34.27
N GLY D 275 -18.47 16.22 34.14
CA GLY D 275 -17.62 17.37 34.27
C GLY D 275 -16.70 17.35 35.47
N ASP D 276 -16.61 18.48 36.19
CA ASP D 276 -15.84 18.56 37.42
C ASP D 276 -16.66 18.20 38.65
N VAL D 277 -17.97 18.00 38.50
CA VAL D 277 -18.85 17.72 39.63
C VAL D 277 -19.11 16.24 39.80
N ALA D 278 -18.66 15.41 38.87
CA ALA D 278 -18.96 13.99 38.88
C ALA D 278 -17.85 13.20 39.55
N GLU D 279 -18.24 12.23 40.38
CA GLU D 279 -17.31 11.31 41.04
C GLU D 279 -17.52 9.93 40.43
N ALA D 280 -16.56 9.49 39.64
CA ALA D 280 -16.67 8.31 38.80
C ALA D 280 -15.75 7.19 39.29
N PRO D 281 -16.03 5.94 38.91
CA PRO D 281 -15.16 4.83 39.33
C PRO D 281 -13.77 4.92 38.75
N ASP D 282 -12.81 4.34 39.48
CA ASP D 282 -11.41 4.33 39.11
C ASP D 282 -11.10 3.17 38.17
N LEU D 283 -10.01 3.33 37.41
CA LEU D 283 -9.58 2.29 36.48
C LEU D 283 -8.88 1.14 37.20
N PHE D 284 -8.10 1.43 38.22
CA PHE D 284 -7.24 0.42 38.85
C PHE D 284 -8.01 -0.45 39.84
N THR D 285 -8.58 0.16 40.88
CA THR D 285 -9.31 -0.59 41.91
C THR D 285 -10.82 -0.56 41.69
N GLY D 286 -11.41 0.62 41.61
CA GLY D 286 -12.84 0.74 41.40
C GLY D 286 -13.50 1.74 42.33
N ALA D 287 -12.69 2.53 43.03
CA ALA D 287 -13.21 3.50 43.98
C ALA D 287 -13.64 4.78 43.27
N HIS D 288 -14.26 5.68 44.01
CA HIS D 288 -14.73 6.96 43.49
C HIS D 288 -13.67 8.03 43.74
N LEU D 289 -13.41 8.86 42.74
CA LEU D 289 -12.47 9.96 42.87
C LEU D 289 -12.81 11.05 41.86
N VAL D 290 -12.41 12.28 42.18
CA VAL D 290 -12.75 13.46 41.39
C VAL D 290 -11.48 13.95 40.73
N ALA D 291 -11.51 14.08 39.40
CA ALA D 291 -10.39 14.59 38.62
C ALA D 291 -10.89 15.74 37.75
N ALA D 292 -10.32 16.93 37.95
CA ALA D 292 -10.77 18.14 37.26
C ALA D 292 -9.79 18.44 36.13
N ILE D 293 -10.00 17.78 34.98
CA ILE D 293 -9.21 18.02 33.78
C ILE D 293 -10.15 18.05 32.58
N GLN D 294 -9.60 18.40 31.42
CA GLN D 294 -10.35 18.61 30.19
C GLN D 294 -10.71 17.32 29.44
N PRO D 295 -9.78 16.37 29.21
CA PRO D 295 -10.20 15.13 28.52
C PRO D 295 -11.26 14.36 29.27
N ASN D 296 -11.21 14.37 30.60
CA ASN D 296 -12.25 13.73 31.39
C ASN D 296 -13.61 14.37 31.14
N ALA D 297 -13.65 15.71 31.11
CA ALA D 297 -14.91 16.40 30.84
C ALA D 297 -15.46 16.02 29.48
N ALA D 298 -14.59 16.00 28.46
CA ALA D 298 -15.04 15.67 27.11
C ALA D 298 -15.60 14.25 27.04
N ASP D 299 -14.84 13.27 27.58
CA ASP D 299 -15.26 11.88 27.45
C ASP D 299 -16.52 11.59 28.25
N GLN D 300 -16.60 12.10 29.49
CA GLN D 300 -17.78 11.91 30.31
C GLN D 300 -19.00 12.56 29.69
N ALA D 301 -18.84 13.76 29.11
CA ALA D 301 -19.97 14.42 28.47
C ALA D 301 -20.47 13.61 27.29
N ARG D 302 -19.56 13.08 26.46
CA ARG D 302 -19.98 12.30 25.30
C ARG D 302 -20.72 11.04 25.73
N VAL D 303 -20.20 10.32 26.73
CA VAL D 303 -20.83 9.07 27.16
C VAL D 303 -22.19 9.34 27.80
N ALA D 304 -22.28 10.38 28.63
CA ALA D 304 -23.56 10.71 29.28
C ALA D 304 -24.61 11.13 28.25
N ALA D 305 -24.22 11.93 27.26
CA ALA D 305 -25.17 12.34 26.23
C ALA D 305 -25.60 11.18 25.36
N LEU D 306 -24.70 10.22 25.11
CA LEU D 306 -25.07 9.08 24.29
C LEU D 306 -26.00 8.13 25.04
N ASN D 307 -25.78 7.94 26.34
CA ASN D 307 -26.71 7.12 27.12
C ASN D 307 -28.05 7.81 27.35
N MET D 308 -28.03 9.13 27.46
CA MET D 308 -29.27 9.86 27.74
C MET D 308 -30.22 9.90 26.55
N ALA D 309 -29.70 9.78 25.32
CA ALA D 309 -30.55 9.84 24.14
C ALA D 309 -31.35 8.57 23.91
N GLY D 310 -30.93 7.44 24.48
CA GLY D 310 -31.66 6.20 24.33
C GLY D 310 -30.80 5.00 23.99
N HIS D 311 -29.55 5.24 23.60
CA HIS D 311 -28.63 4.17 23.23
C HIS D 311 -28.02 3.57 24.50
N GLU D 312 -26.98 2.76 24.33
CA GLU D 312 -26.33 2.07 25.46
C GLU D 312 -24.82 2.14 25.26
N ALA D 313 -24.15 3.00 26.03
CA ALA D 313 -22.71 3.17 25.95
C ALA D 313 -22.10 3.01 27.33
N ARG D 314 -20.82 2.63 27.35
CA ARG D 314 -20.12 2.29 28.58
C ARG D 314 -18.82 3.07 28.67
N LEU D 315 -18.38 3.33 29.90
CA LEU D 315 -17.15 4.06 30.18
C LEU D 315 -16.16 3.13 30.87
N LYS D 316 -14.89 3.20 30.45
CA LYS D 316 -13.86 2.29 30.95
C LYS D 316 -13.32 2.69 32.31
N GLY D 317 -13.19 3.98 32.58
CA GLY D 317 -12.64 4.44 33.84
C GLY D 317 -12.11 5.85 33.69
N VAL D 318 -11.52 6.34 34.77
CA VAL D 318 -10.93 7.66 34.80
C VAL D 318 -9.43 7.54 35.07
N LEU D 319 -8.67 8.53 34.62
CA LEU D 319 -7.23 8.56 34.76
C LEU D 319 -6.77 10.01 34.85
N ALA D 320 -5.68 10.23 35.57
CA ALA D 320 -5.13 11.56 35.75
C ALA D 320 -3.90 11.71 34.87
N ILE D 321 -3.95 12.66 33.94
CA ILE D 321 -2.84 12.94 33.03
C ILE D 321 -2.54 14.43 33.11
N ASN D 322 -1.26 14.80 33.16
CA ASN D 322 -0.90 16.19 33.32
C ASN D 322 0.32 16.53 32.49
N VAL D 323 0.30 17.72 31.88
CA VAL D 323 1.44 18.31 31.19
C VAL D 323 1.57 19.75 31.67
N LEU D 324 2.81 20.20 31.86
CA LEU D 324 3.07 21.50 32.47
C LEU D 324 4.26 22.16 31.79
N ASP D 325 4.10 23.45 31.48
CA ASP D 325 5.16 24.28 30.94
C ASP D 325 5.44 25.40 31.94
N THR D 326 6.70 25.49 32.37
CA THR D 326 7.12 26.54 33.30
C THR D 326 8.44 27.16 32.81
N LEU D 327 8.32 28.38 32.28
CA LEU D 327 9.45 29.22 31.90
C LEU D 327 10.42 28.51 30.97
N GLY D 328 9.90 27.66 30.09
CA GLY D 328 10.71 26.93 29.15
C GLY D 328 11.04 25.50 29.51
N LEU D 329 10.47 24.97 30.59
CA LEU D 329 10.67 23.57 30.98
C LEU D 329 9.34 22.83 30.86
N ILE D 330 9.37 21.67 30.19
CA ILE D 330 8.18 20.89 29.90
C ILE D 330 8.25 19.58 30.67
N SER D 331 7.24 19.32 31.50
CA SER D 331 7.20 18.12 32.32
C SER D 331 5.81 17.49 32.23
N SER D 332 5.73 16.18 32.52
CA SER D 332 4.47 15.47 32.35
C SER D 332 4.40 14.28 33.30
N SER D 333 3.17 13.88 33.62
CA SER D 333 2.94 12.76 34.52
C SER D 333 1.67 12.02 34.11
N PHE D 334 1.71 10.69 34.29
CA PHE D 334 0.62 9.79 33.93
C PHE D 334 0.40 8.80 35.06
N GLY D 335 -0.84 8.72 35.55
CA GLY D 335 -1.26 7.56 36.34
C GLY D 335 -0.67 7.52 37.73
N GLN D 336 -0.43 6.29 38.21
CA GLN D 336 0.08 6.03 39.56
C GLN D 336 1.59 6.15 39.58
N TRP D 337 2.06 7.39 39.60
CA TRP D 337 3.49 7.66 39.49
C TRP D 337 4.26 7.28 40.75
N TRP D 338 3.58 7.09 41.88
CA TRP D 338 4.25 6.82 43.15
C TRP D 338 4.53 5.35 43.37
N GLY D 339 4.26 4.50 42.39
CA GLY D 339 4.57 3.09 42.52
C GLY D 339 3.57 2.40 43.44
N GLU D 340 3.99 1.21 43.88
CA GLU D 340 3.15 0.42 44.76
C GLU D 340 4.03 -0.51 45.59
N GLU D 341 3.42 -1.14 46.59
CA GLU D 341 4.17 -1.95 47.56
C GLU D 341 4.80 -3.15 46.88
N ARG D 342 6.09 -3.37 47.17
CA ARG D 342 6.87 -4.39 46.48
C ARG D 342 6.43 -5.81 46.82
N GLU D 343 5.79 -6.00 47.98
CA GLU D 343 5.40 -7.35 48.38
C GLU D 343 4.28 -7.92 47.53
N ARG D 344 3.64 -7.12 46.70
CA ARG D 344 2.60 -7.58 45.79
C ARG D 344 3.11 -7.80 44.36
N GLY D 345 4.42 -7.67 44.14
CA GLY D 345 5.02 -8.07 42.89
C GLY D 345 5.45 -6.96 41.96
N GLY D 346 5.66 -5.75 42.45
CA GLY D 346 5.98 -4.62 41.60
C GLY D 346 7.46 -4.46 41.32
N ALA D 347 7.76 -3.48 40.47
CA ALA D 347 9.13 -3.15 40.09
C ALA D 347 9.11 -1.74 39.49
N GLY D 348 10.29 -1.15 39.36
CA GLY D 348 10.37 0.19 38.83
C GLY D 348 11.76 0.47 38.29
N VAL D 349 11.86 1.61 37.60
CA VAL D 349 13.14 2.07 37.06
C VAL D 349 13.12 3.59 37.01
N GLU D 350 14.28 4.20 37.24
CA GLU D 350 14.42 5.64 37.26
C GLU D 350 15.77 6.02 36.66
N HIS D 351 15.74 6.89 35.64
CA HIS D 351 16.95 7.37 34.99
C HIS D 351 16.98 8.89 35.09
N VAL D 352 18.10 9.41 35.58
CA VAL D 352 18.21 10.82 35.96
C VAL D 352 19.53 11.38 35.43
N ASP D 353 19.48 12.61 34.91
CA ASP D 353 20.66 13.34 34.47
C ASP D 353 20.49 14.78 34.89
N GLU D 354 21.35 15.24 35.81
CA GLU D 354 21.11 16.50 36.50
C GLU D 354 21.57 17.69 35.68
N ALA D 355 22.80 17.66 35.18
CA ALA D 355 23.39 18.81 34.49
C ALA D 355 22.71 19.12 33.16
N ALA D 356 21.95 18.18 32.60
CA ALA D 356 21.26 18.40 31.34
C ALA D 356 19.74 18.44 31.49
N TYR D 357 19.23 18.38 32.71
CA TYR D 357 17.80 18.49 33.00
C TYR D 357 16.99 17.38 32.32
N ARG D 358 17.28 16.13 32.71
CA ARG D 358 16.58 14.99 32.15
C ARG D 358 16.17 14.04 33.25
N TYR D 359 14.98 13.46 33.12
CA TYR D 359 14.44 12.54 34.11
C TYR D 359 13.40 11.65 33.45
N LEU D 360 13.32 10.41 33.93
CA LEU D 360 12.29 9.48 33.47
C LEU D 360 12.12 8.38 34.52
N SER D 361 10.88 7.93 34.71
CA SER D 361 10.61 6.87 35.67
C SER D 361 9.45 6.02 35.17
N LEU D 362 9.58 4.70 35.35
CA LEU D 362 8.56 3.74 34.97
C LEU D 362 8.25 2.83 36.15
N GLN D 363 6.98 2.44 36.28
CA GLN D 363 6.52 1.57 37.35
C GLN D 363 5.65 0.45 36.78
N PHE D 364 5.89 -0.77 37.24
CA PHE D 364 5.19 -1.97 36.77
C PHE D 364 4.63 -2.67 38.00
N LYS D 365 3.30 -2.76 38.10
CA LYS D 365 2.71 -3.49 39.22
C LYS D 365 2.84 -4.99 39.03
N ASP D 366 2.26 -5.52 37.95
CA ASP D 366 2.40 -6.94 37.63
C ASP D 366 2.24 -7.08 36.12
N ASP D 367 3.37 -7.12 35.41
CA ASP D 367 3.45 -7.32 33.97
C ASP D 367 2.76 -6.22 33.16
N VAL D 368 2.29 -5.16 33.80
CA VAL D 368 1.59 -4.08 33.12
C VAL D 368 2.13 -2.75 33.62
N LEU D 369 2.24 -1.79 32.72
CA LEU D 369 2.68 -0.45 33.11
C LEU D 369 1.60 0.25 33.91
N ILE D 370 2.00 0.98 34.95
CA ILE D 370 1.03 1.61 35.84
C ILE D 370 1.21 3.12 35.96
N GLY D 371 2.41 3.67 35.81
CA GLY D 371 2.58 5.11 35.92
C GLY D 371 3.84 5.54 35.21
N ALA D 372 3.94 6.85 35.00
CA ALA D 372 5.11 7.42 34.34
C ALA D 372 5.24 8.88 34.70
N THR D 373 6.48 9.38 34.61
CA THR D 373 6.80 10.76 34.94
C THR D 373 8.05 11.16 34.17
N SER D 374 8.00 12.32 33.52
CA SER D 374 9.12 12.70 32.68
C SER D 374 9.31 14.21 32.68
N ILE D 375 10.54 14.62 32.39
CA ILE D 375 10.91 16.01 32.20
C ILE D 375 11.61 16.14 30.85
N GLY D 376 11.12 17.05 30.01
CA GLY D 376 11.76 17.34 28.74
C GLY D 376 11.42 16.40 27.60
N LEU D 377 10.61 15.37 27.83
CA LEU D 377 10.22 14.45 26.77
C LEU D 377 8.92 14.94 26.15
N THR D 378 8.94 15.17 24.83
CA THR D 378 7.79 15.72 24.13
C THR D 378 7.36 14.94 22.90
N GLU D 379 8.21 14.08 22.34
CA GLU D 379 7.90 13.36 21.12
C GLU D 379 7.33 11.99 21.47
N HIS D 380 6.14 11.69 20.94
CA HIS D 380 5.43 10.43 21.18
C HIS D 380 5.18 10.20 22.68
N VAL D 381 4.69 11.23 23.37
CA VAL D 381 4.48 11.15 24.81
C VAL D 381 3.02 10.74 25.05
N GLY D 382 2.28 10.55 23.97
CA GLY D 382 0.90 10.13 24.09
C GLY D 382 0.74 8.63 24.18
N ALA D 383 1.76 7.88 23.76
CA ALA D 383 1.66 6.42 23.76
C ALA D 383 1.69 5.84 25.16
N LEU D 384 2.13 6.61 26.16
CA LEU D 384 2.06 6.16 27.54
C LEU D 384 0.61 5.99 27.98
N ARG D 385 -0.27 6.88 27.56
CA ARG D 385 -1.69 6.73 27.85
C ARG D 385 -2.25 5.48 27.18
N GLY D 386 -1.81 5.19 25.95
CA GLY D 386 -2.25 3.97 25.29
C GLY D 386 -1.78 2.72 25.99
N LEU D 387 -0.57 2.76 26.56
CA LEU D 387 -0.06 1.60 27.29
C LEU D 387 -0.72 1.43 28.64
N ILE D 388 -1.09 2.53 29.31
CA ILE D 388 -1.62 2.46 30.67
C ILE D 388 -3.11 2.18 30.65
N HIS D 389 -3.86 2.92 29.82
CA HIS D 389 -5.32 2.82 29.80
C HIS D 389 -5.77 1.43 29.39
N GLY D 390 -5.45 1.02 28.16
CA GLY D 390 -5.65 -0.36 27.76
C GLY D 390 -4.52 -1.21 28.31
N ARG D 391 -4.81 -2.07 29.27
CA ARG D 391 -3.76 -2.77 30.00
C ARG D 391 -3.08 -3.80 29.12
N VAL D 392 -1.99 -3.40 28.47
CA VAL D 392 -1.29 -4.28 27.55
C VAL D 392 -0.42 -5.25 28.34
N ARG D 393 -0.55 -6.54 28.03
CA ARG D 393 0.28 -7.57 28.65
C ARG D 393 1.63 -7.56 27.95
N LEU D 394 2.63 -6.98 28.61
CA LEU D 394 3.94 -6.79 27.97
C LEU D 394 4.66 -8.11 27.76
N GLY D 395 4.69 -8.96 28.79
CA GLY D 395 5.41 -10.21 28.66
C GLY D 395 6.91 -9.97 28.67
N GLU D 396 7.60 -10.64 27.73
CA GLU D 396 9.06 -10.58 27.66
C GLU D 396 9.59 -9.15 27.56
N TRP D 397 8.89 -8.28 26.84
CA TRP D 397 9.29 -6.89 26.68
C TRP D 397 9.45 -6.16 27.99
N LYS D 398 8.77 -6.62 29.06
CA LYS D 398 8.97 -6.03 30.38
C LYS D 398 10.45 -5.96 30.74
N GLU D 399 11.18 -7.08 30.55
CA GLU D 399 12.60 -7.08 30.87
C GLU D 399 13.34 -6.04 30.04
N ARG D 400 12.99 -5.91 28.76
CA ARG D 400 13.63 -4.92 27.92
C ARG D 400 13.32 -3.51 28.43
N LEU D 401 12.09 -3.27 28.86
CA LEU D 401 11.74 -1.96 29.35
C LEU D 401 12.42 -1.65 30.68
N LEU D 402 12.96 -2.67 31.35
CA LEU D 402 13.70 -2.40 32.57
C LEU D 402 15.14 -1.98 32.28
N HIS D 403 15.64 -2.23 31.07
CA HIS D 403 17.03 -1.88 30.75
C HIS D 403 17.13 -0.61 29.93
N SER D 404 16.13 -0.30 29.12
CA SER D 404 16.11 0.93 28.33
C SER D 404 14.68 1.40 28.23
N PRO D 405 14.27 2.33 29.09
CA PRO D 405 12.86 2.74 29.16
C PRO D 405 12.42 3.69 28.06
N LEU D 406 13.18 3.85 26.99
CA LEU D 406 12.85 4.79 25.93
C LEU D 406 12.30 4.10 24.69
N GLN D 407 11.79 2.88 24.83
CA GLN D 407 11.24 2.11 23.72
C GLN D 407 9.81 1.69 24.03
N PHE D 408 9.00 2.64 24.52
CA PHE D 408 7.61 2.32 24.82
C PHE D 408 6.75 2.25 23.56
N VAL D 409 7.04 3.08 22.55
CA VAL D 409 6.29 3.02 21.30
C VAL D 409 6.57 1.71 20.58
N ASP D 410 7.82 1.23 20.63
CA ASP D 410 8.16 -0.03 20.00
C ASP D 410 7.42 -1.20 20.68
N ALA D 411 7.36 -1.18 22.02
CA ALA D 411 6.61 -2.21 22.74
C ALA D 411 5.13 -2.14 22.42
N TYR D 412 4.58 -0.93 22.33
CA TYR D 412 3.16 -0.78 22.00
C TYR D 412 2.86 -1.33 20.61
N ILE D 413 3.72 -1.04 19.64
CA ILE D 413 3.53 -1.56 18.29
C ILE D 413 3.63 -3.08 18.28
N ALA D 414 4.63 -3.64 18.96
CA ALA D 414 4.84 -5.08 18.91
C ALA D 414 3.90 -5.87 19.80
N ARG D 415 3.13 -5.21 20.67
CA ARG D 415 2.23 -5.94 21.56
C ARG D 415 0.75 -5.69 21.31
N SER D 416 0.36 -4.50 20.81
CA SER D 416 -1.06 -4.21 20.75
C SER D 416 -1.52 -3.51 19.47
N GLN D 417 -0.66 -3.36 18.46
CA GLN D 417 -1.14 -2.76 17.22
C GLN D 417 -0.89 -3.65 16.01
N GLN D 418 0.33 -4.21 15.90
CA GLN D 418 0.67 -5.10 14.80
C GLN D 418 1.50 -6.28 15.31
N PRO D 419 0.93 -7.18 16.11
CA PRO D 419 1.74 -8.29 16.66
C PRO D 419 2.25 -9.26 15.60
N MET D 420 1.61 -9.34 14.43
CA MET D 420 1.96 -10.32 13.41
C MET D 420 2.87 -9.77 12.34
N ALA D 421 3.33 -8.52 12.47
CA ALA D 421 4.24 -7.94 11.49
C ALA D 421 5.70 -8.32 11.73
N LEU D 422 5.98 -9.08 12.78
CA LEU D 422 7.34 -9.44 13.17
C LEU D 422 7.56 -10.94 13.19
N VAL D 423 6.67 -11.73 12.57
CA VAL D 423 6.67 -13.17 12.79
C VAL D 423 7.72 -13.89 11.94
N ARG D 424 8.24 -13.25 10.90
CA ARG D 424 9.16 -13.85 9.93
C ARG D 424 8.54 -15.04 9.21
N MET E 35 -16.22 8.78 -1.42
CA MET E 35 -15.15 9.27 -2.28
C MET E 35 -13.88 9.55 -1.49
N TRP E 36 -13.93 9.30 -0.18
CA TRP E 36 -12.78 9.52 0.68
C TRP E 36 -11.73 8.43 0.46
N LYS E 37 -10.49 8.78 0.73
CA LYS E 37 -9.36 7.87 0.57
C LYS E 37 -8.46 7.96 1.80
N SER E 38 -7.57 6.98 1.92
CA SER E 38 -6.68 6.89 3.07
C SER E 38 -5.39 6.18 2.65
N LEU E 39 -4.38 6.34 3.50
CA LEU E 39 -3.08 5.71 3.29
C LEU E 39 -3.06 4.29 3.82
N HIS E 40 -2.52 3.38 3.03
CA HIS E 40 -2.34 1.99 3.39
C HIS E 40 -0.85 1.72 3.53
N ILE E 41 -0.45 1.16 4.67
CA ILE E 41 0.93 0.88 5.02
C ILE E 41 1.14 -0.62 5.04
N ASP E 42 2.12 -1.09 4.28
CA ASP E 42 2.48 -2.51 4.25
C ASP E 42 3.91 -2.67 4.76
N PRO E 43 4.11 -3.12 5.99
CA PRO E 43 5.45 -3.11 6.59
C PRO E 43 6.32 -4.30 6.22
N ALA E 44 5.91 -5.15 5.30
CA ALA E 44 6.75 -6.25 4.84
C ALA E 44 7.55 -5.88 3.61
N LYS E 45 7.42 -4.65 3.10
CA LYS E 45 8.10 -4.22 1.89
C LYS E 45 9.03 -3.03 2.13
N CYS E 46 9.14 -2.54 3.36
CA CYS E 46 9.94 -1.35 3.64
C CYS E 46 11.40 -1.74 3.84
N THR E 47 12.29 -0.88 3.32
CA THR E 47 13.73 -1.10 3.43
C THR E 47 14.43 -0.05 4.27
N GLY E 48 13.70 0.90 4.85
CA GLY E 48 14.31 1.91 5.71
C GLY E 48 15.24 2.88 5.02
N CYS E 49 14.85 3.38 3.85
CA CYS E 49 15.66 4.34 3.12
C CYS E 49 15.41 5.79 3.54
N LEU E 50 14.36 6.04 4.32
CA LEU E 50 13.96 7.36 4.80
C LEU E 50 13.73 8.35 3.65
N GLN E 51 13.37 7.85 2.46
CA GLN E 51 13.13 8.72 1.32
C GLN E 51 11.82 9.49 1.44
N CYS E 52 10.88 9.00 2.24
CA CYS E 52 9.57 9.61 2.42
C CYS E 52 9.58 10.76 3.43
N GLU E 53 10.44 10.69 4.46
CA GLU E 53 10.54 11.79 5.41
C GLU E 53 11.10 13.05 4.75
N MET E 54 12.05 12.88 3.83
CA MET E 54 12.62 14.02 3.12
C MET E 54 11.54 14.78 2.36
N ALA E 55 10.66 14.06 1.65
CA ALA E 55 9.61 14.71 0.89
C ALA E 55 8.57 15.35 1.81
N CYS E 56 8.16 14.62 2.86
CA CYS E 56 7.16 15.17 3.79
C CYS E 56 7.67 16.40 4.52
N SER E 57 8.97 16.51 4.76
CA SER E 57 9.51 17.71 5.38
C SER E 57 9.78 18.83 4.38
N TYR E 58 10.22 18.50 3.16
CA TYR E 58 10.48 19.53 2.16
C TYR E 58 9.21 20.23 1.74
N GLU E 59 8.09 19.50 1.65
CA GLU E 59 6.86 20.15 1.23
C GLU E 59 6.36 21.16 2.26
N HIS E 60 6.51 20.86 3.55
CA HIS E 60 5.89 21.67 4.58
C HIS E 60 6.81 22.70 5.22
N THR E 61 8.13 22.49 5.20
CA THR E 61 9.07 23.45 5.77
C THR E 61 9.92 24.15 4.72
N GLY E 62 10.31 23.46 3.65
CA GLY E 62 11.15 24.03 2.62
C GLY E 62 12.60 23.60 2.64
N VAL E 63 13.02 22.86 3.67
CA VAL E 63 14.38 22.36 3.78
C VAL E 63 14.32 20.86 4.02
N ILE E 64 15.37 20.15 3.61
CA ILE E 64 15.40 18.70 3.80
C ILE E 64 15.73 18.40 5.25
N ASN E 65 14.79 17.74 5.95
CA ASN E 65 14.95 17.52 7.38
C ASN E 65 14.13 16.33 7.86
N PRO E 66 14.71 15.12 7.91
CA PRO E 66 13.92 13.94 8.26
C PRO E 66 13.52 13.85 9.73
N SER E 67 13.75 14.90 10.51
CA SER E 67 13.34 14.94 11.91
C SER E 67 12.14 15.85 12.14
N LYS E 68 11.66 16.53 11.11
CA LYS E 68 10.45 17.35 11.20
C LYS E 68 9.32 16.78 10.37
N SER E 69 9.43 15.53 9.95
CA SER E 69 8.37 14.90 9.17
C SER E 69 7.22 14.49 10.09
N ARG E 70 6.10 14.16 9.46
CA ARG E 70 4.90 13.73 10.17
C ARG E 70 4.61 12.25 9.99
N ILE E 71 5.52 11.51 9.36
CA ILE E 71 5.47 10.06 9.28
C ILE E 71 6.82 9.52 9.73
N LYS E 72 6.82 8.52 10.61
CA LYS E 72 8.05 8.02 11.18
C LYS E 72 8.26 6.56 10.81
N VAL E 73 9.50 6.08 10.97
CA VAL E 73 9.85 4.69 10.69
C VAL E 73 10.59 4.14 11.89
N PHE E 74 10.11 3.01 12.42
CA PHE E 74 10.72 2.36 13.57
C PHE E 74 11.38 1.06 13.12
N SER E 75 12.56 0.77 13.68
CA SER E 75 13.34 -0.40 13.28
C SER E 75 13.52 -1.32 14.47
N PHE E 76 13.20 -2.60 14.26
CA PHE E 76 13.38 -3.66 15.26
C PHE E 76 14.54 -4.52 14.80
N GLU E 77 15.63 -4.49 15.56
CA GLU E 77 16.89 -5.10 15.13
C GLU E 77 16.96 -6.58 15.48
N HIS E 78 16.37 -6.98 16.60
CA HIS E 78 16.44 -8.39 17.02
C HIS E 78 15.75 -9.31 16.04
N GLU E 79 14.75 -8.81 15.31
CA GLU E 79 14.07 -9.57 14.27
C GLU E 79 14.32 -9.06 12.87
N GLY E 80 14.82 -7.83 12.73
CA GLY E 80 15.11 -7.28 11.41
C GLY E 80 13.90 -6.83 10.65
N ARG E 81 13.08 -5.96 11.25
CA ARG E 81 11.86 -5.47 10.60
C ARG E 81 11.79 -3.96 10.74
N LYS E 82 11.04 -3.34 9.83
CA LYS E 82 10.84 -1.89 9.89
C LYS E 82 9.37 -1.57 9.64
N VAL E 83 8.84 -0.66 10.46
CA VAL E 83 7.41 -0.34 10.46
C VAL E 83 7.23 1.17 10.41
N PRO E 84 6.67 1.72 9.33
CA PRO E 84 6.26 3.13 9.35
C PRO E 84 5.01 3.34 10.19
N TYR E 85 4.80 4.60 10.56
CA TYR E 85 3.83 4.97 11.60
C TYR E 85 3.34 6.38 11.33
N THR E 86 2.02 6.55 11.26
CA THR E 86 1.39 7.84 11.00
C THR E 86 -0.03 7.84 11.55
N CYS E 87 -0.80 8.89 11.23
CA CYS E 87 -2.11 9.11 11.82
C CYS E 87 -3.19 8.37 11.03
N THR E 88 -4.21 7.89 11.74
CA THR E 88 -5.28 7.10 11.16
C THR E 88 -6.55 7.89 10.87
N GLN E 89 -6.60 9.17 11.25
CA GLN E 89 -7.74 10.06 10.98
C GLN E 89 -9.04 9.50 11.55
N CYS E 90 -9.09 9.48 12.89
CA CYS E 90 -10.24 8.94 13.61
C CYS E 90 -11.52 9.71 13.26
N THR E 91 -12.67 9.08 13.54
CA THR E 91 -13.97 9.67 13.29
C THR E 91 -14.44 10.54 14.46
N GLU E 92 -14.28 10.03 15.67
CA GLU E 92 -14.61 10.73 16.91
C GLU E 92 -13.34 11.12 17.67
N ALA E 93 -12.36 11.64 16.93
CA ALA E 93 -10.99 11.82 17.41
C ALA E 93 -10.93 12.56 18.73
N TRP E 94 -10.03 12.09 19.61
CA TRP E 94 -9.86 12.71 20.91
C TRP E 94 -9.28 14.13 20.77
N CYS E 95 -8.42 14.33 19.78
CA CYS E 95 -7.74 15.62 19.63
C CYS E 95 -8.73 16.74 19.30
N LEU E 96 -9.73 16.46 18.47
CA LEU E 96 -10.70 17.48 18.09
C LEU E 96 -11.54 17.90 19.28
N HIS E 97 -11.96 16.95 20.10
CA HIS E 97 -12.82 17.26 21.24
C HIS E 97 -12.04 17.87 22.40
N SER E 98 -10.76 17.55 22.53
CA SER E 98 -10.00 18.02 23.68
C SER E 98 -9.56 19.47 23.55
N CYS E 99 -9.56 20.02 22.34
CA CYS E 99 -9.03 21.36 22.13
C CYS E 99 -9.92 22.40 22.80
N PRO E 100 -9.37 23.31 23.60
CA PRO E 100 -10.19 24.29 24.30
C PRO E 100 -10.48 25.57 23.55
N VAL E 101 -9.95 25.76 22.33
CA VAL E 101 -10.02 27.07 21.70
C VAL E 101 -10.50 26.89 20.26
N ASP E 102 -10.84 25.65 19.89
CA ASP E 102 -11.39 25.32 18.58
C ASP E 102 -10.39 25.67 17.46
N ALA E 103 -9.29 24.95 17.46
CA ALA E 103 -8.24 25.13 16.45
C ALA E 103 -8.04 23.92 15.57
N ILE E 104 -8.88 22.88 15.69
CA ILE E 104 -8.81 21.70 14.84
C ILE E 104 -10.17 21.50 14.21
N ARG E 105 -10.21 21.34 12.89
CA ARG E 105 -11.50 21.23 12.22
C ARG E 105 -11.43 20.20 11.11
N LEU E 106 -12.59 19.64 10.77
CA LEU E 106 -12.69 18.58 9.77
C LEU E 106 -12.89 19.16 8.38
N ASP E 107 -12.19 18.58 7.40
CA ASP E 107 -12.31 18.97 6.00
C ASP E 107 -13.25 18.00 5.30
N LEU E 108 -14.34 18.53 4.76
CA LEU E 108 -15.39 17.67 4.21
C LEU E 108 -14.98 17.02 2.89
N THR E 109 -14.11 17.68 2.12
CA THR E 109 -13.74 17.17 0.80
C THR E 109 -12.94 15.88 0.91
N THR E 110 -11.95 15.84 1.80
CA THR E 110 -11.04 14.71 1.90
C THR E 110 -11.14 13.95 3.22
N GLY E 111 -11.92 14.41 4.19
CA GLY E 111 -12.09 13.70 5.43
C GLY E 111 -10.86 13.65 6.32
N ALA E 112 -10.23 14.80 6.55
CA ALA E 112 -9.05 14.88 7.38
C ALA E 112 -9.22 16.00 8.40
N LYS E 113 -8.59 15.82 9.56
CA LYS E 113 -8.58 16.84 10.60
C LYS E 113 -7.39 17.76 10.38
N MET E 114 -7.64 19.05 10.31
CA MET E 114 -6.63 20.04 9.98
C MET E 114 -6.48 21.04 11.11
N VAL E 115 -5.23 21.39 11.39
CA VAL E 115 -4.89 22.37 12.40
C VAL E 115 -4.71 23.72 11.74
N PHE E 116 -5.41 24.73 12.25
CA PHE E 116 -5.32 26.09 11.75
C PHE E 116 -4.34 26.84 12.65
N GLU E 117 -3.10 27.00 12.19
CA GLU E 117 -2.04 27.54 13.05
C GLU E 117 -2.08 29.05 13.09
N ASP E 118 -3.25 29.61 13.37
CA ASP E 118 -3.40 31.02 13.68
C ASP E 118 -4.30 31.27 14.88
N THR E 119 -5.17 30.31 15.23
CA THR E 119 -5.93 30.34 16.47
C THR E 119 -5.34 29.47 17.56
N CYS E 120 -4.42 28.57 17.21
CA CYS E 120 -3.78 27.72 18.21
C CYS E 120 -2.90 28.56 19.13
N VAL E 121 -2.86 28.15 20.40
CA VAL E 121 -2.08 28.86 21.42
C VAL E 121 -0.98 28.01 22.02
N GLY E 122 -0.81 26.77 21.56
CA GLY E 122 0.25 25.92 22.06
C GLY E 122 0.11 25.53 23.51
N CYS E 123 -1.09 25.13 23.92
CA CYS E 123 -1.33 24.67 25.29
C CYS E 123 -0.94 23.21 25.50
N LYS E 124 -0.70 22.46 24.43
CA LYS E 124 -0.18 21.10 24.44
C LYS E 124 -1.10 20.08 25.10
N VAL E 125 -2.37 20.41 25.33
CA VAL E 125 -3.27 19.44 25.95
C VAL E 125 -3.68 18.37 24.94
N CYS E 126 -3.54 18.63 23.65
CA CYS E 126 -3.90 17.68 22.61
C CYS E 126 -2.83 16.63 22.36
N THR E 127 -1.67 16.75 22.99
CA THR E 127 -0.56 15.83 22.76
C THR E 127 -0.50 14.70 23.76
N ILE E 128 -1.15 14.84 24.93
CA ILE E 128 -1.25 13.75 25.89
C ILE E 128 -2.57 13.01 25.79
N ALA E 129 -3.56 13.56 25.09
CA ALA E 129 -4.86 12.94 24.94
C ALA E 129 -5.02 12.21 23.62
N CYS E 130 -3.92 11.74 23.04
CA CYS E 130 -3.97 10.91 21.84
C CYS E 130 -3.32 9.58 22.16
N PRO E 131 -4.09 8.48 22.21
CA PRO E 131 -3.53 7.20 22.68
C PRO E 131 -2.41 6.64 21.83
N PHE E 132 -2.28 7.06 20.57
CA PHE E 132 -1.18 6.60 19.74
C PHE E 132 -0.05 7.61 19.65
N GLY E 133 -0.30 8.86 20.02
CA GLY E 133 0.75 9.87 20.09
C GLY E 133 1.32 10.26 18.75
N THR E 134 0.48 10.74 17.84
CA THR E 134 0.91 11.11 16.49
C THR E 134 0.95 12.61 16.27
N ILE E 135 0.04 13.37 16.88
CA ILE E 135 0.10 14.84 16.84
C ILE E 135 1.19 15.28 17.79
N ASN E 136 2.14 16.08 17.30
CA ASN E 136 3.32 16.42 18.09
C ASN E 136 3.51 17.93 18.14
N TYR E 137 4.52 18.35 18.90
CA TYR E 137 4.77 19.75 19.20
C TYR E 137 6.04 20.21 18.48
N ASN E 138 5.97 21.36 17.82
CA ASN E 138 7.10 21.97 17.13
C ASN E 138 7.45 23.26 17.86
N GLN E 139 8.69 23.33 18.34
CA GLN E 139 9.16 24.45 19.16
C GLN E 139 9.80 25.56 18.34
N ASP E 140 10.17 25.30 17.09
CA ASP E 140 10.73 26.35 16.24
C ASP E 140 9.70 27.44 15.99
N THR E 141 8.45 27.06 15.74
CA THR E 141 7.37 28.01 15.59
C THR E 141 6.46 28.10 16.81
N GLY E 142 6.50 27.09 17.68
CA GLY E 142 5.71 27.12 18.90
C GLY E 142 4.27 26.66 18.72
N LYS E 143 4.06 25.67 17.85
CA LYS E 143 2.71 25.20 17.53
C LYS E 143 2.74 23.67 17.54
N VAL E 144 1.69 23.04 17.00
CA VAL E 144 1.63 21.60 16.88
C VAL E 144 1.52 21.22 15.41
N GLN E 145 1.71 19.94 15.13
CA GLN E 145 1.68 19.46 13.76
C GLN E 145 1.25 18.00 13.71
N LYS E 146 0.58 17.65 12.62
CA LYS E 146 0.07 16.30 12.36
C LYS E 146 -0.16 16.16 10.86
N CYS E 147 -0.38 14.93 10.41
CA CYS E 147 -0.60 14.68 8.98
C CYS E 147 -1.99 15.17 8.57
N ASP E 148 -2.04 15.93 7.47
CA ASP E 148 -3.29 16.50 6.97
C ASP E 148 -3.63 16.02 5.56
N LEU E 149 -3.06 14.89 5.13
CA LEU E 149 -3.29 14.26 3.83
C LEU E 149 -2.88 15.14 2.66
N CYS E 150 -2.23 16.28 2.91
CA CYS E 150 -1.74 17.21 1.88
C CYS E 150 -2.87 17.67 0.96
N GLU E 151 -4.09 17.70 1.47
CA GLU E 151 -5.29 18.09 0.72
C GLU E 151 -5.46 17.22 -0.53
N GLY E 152 -5.56 15.92 -0.30
CA GLY E 152 -5.82 14.97 -1.37
C GLY E 152 -4.71 14.81 -2.39
N ASP E 153 -3.46 14.89 -1.95
CA ASP E 153 -2.32 14.73 -2.85
C ASP E 153 -1.10 14.36 -2.02
N PRO E 154 -1.01 13.12 -1.51
CA PRO E 154 0.14 12.75 -0.68
C PRO E 154 1.44 12.77 -1.49
N ALA E 155 2.49 13.30 -0.87
CA ALA E 155 3.82 13.30 -1.46
C ALA E 155 4.71 12.19 -0.91
N CYS E 156 4.32 11.54 0.18
CA CYS E 156 5.06 10.39 0.68
C CYS E 156 4.80 9.15 -0.15
N ALA E 157 3.62 9.05 -0.77
CA ALA E 157 3.28 7.89 -1.59
C ALA E 157 3.88 7.94 -2.98
N LYS E 158 4.34 9.11 -3.42
CA LYS E 158 4.96 9.26 -4.73
C LYS E 158 6.45 9.02 -4.71
N ALA E 159 7.10 9.20 -3.56
CA ALA E 159 8.55 9.04 -3.46
C ALA E 159 8.98 7.66 -2.98
N CYS E 160 8.06 6.79 -2.63
CA CYS E 160 8.41 5.45 -2.16
C CYS E 160 8.64 4.53 -3.34
N PRO E 161 9.84 3.94 -3.49
CA PRO E 161 10.09 3.06 -4.63
C PRO E 161 9.50 1.67 -4.49
N THR E 162 9.47 1.14 -3.27
CA THR E 162 9.04 -0.25 -3.06
C THR E 162 7.53 -0.41 -2.95
N ALA E 163 6.77 0.68 -3.04
CA ALA E 163 5.31 0.67 -2.94
C ALA E 163 4.82 0.09 -1.61
N ALA E 164 5.43 0.53 -0.51
CA ALA E 164 4.96 0.19 0.82
C ALA E 164 4.03 1.23 1.40
N ILE E 165 3.76 2.31 0.67
CA ILE E 165 2.73 3.29 1.02
C ILE E 165 1.84 3.48 -0.18
N THR E 166 0.53 3.32 0.00
CA THR E 166 -0.41 3.52 -1.11
C THR E 166 -1.53 4.43 -0.65
N TYR E 167 -2.20 5.05 -1.63
CA TYR E 167 -3.33 5.96 -1.39
C TYR E 167 -4.55 5.33 -2.05
N ILE E 168 -5.38 4.63 -1.27
CA ILE E 168 -6.49 3.86 -1.80
C ILE E 168 -7.77 4.29 -1.09
N ASP E 169 -8.89 3.65 -1.46
CA ASP E 169 -10.17 4.03 -0.89
C ASP E 169 -10.31 3.50 0.54
N ALA E 170 -11.08 4.21 1.35
CA ALA E 170 -11.16 3.90 2.77
C ALA E 170 -11.79 2.53 3.01
N ASP E 171 -12.91 2.26 2.36
CA ASP E 171 -13.49 0.93 2.41
C ASP E 171 -12.61 -0.04 1.62
N TRP E 172 -12.63 -1.30 2.03
CA TRP E 172 -11.90 -2.38 1.36
C TRP E 172 -10.40 -2.08 1.28
N THR E 173 -9.77 -1.98 2.46
CA THR E 173 -8.32 -1.90 2.56
C THR E 173 -7.68 -3.25 2.85
N GLY E 174 -8.47 -4.33 2.86
CA GLY E 174 -7.93 -5.63 3.16
C GLY E 174 -8.16 -6.65 2.05
N LEU E 175 -8.45 -6.17 0.83
CA LEU E 175 -8.76 -7.08 -0.27
C LEU E 175 -7.57 -7.91 -0.68
N ALA E 176 -6.36 -7.34 -0.62
CA ALA E 176 -5.16 -8.08 -1.02
C ALA E 176 -4.89 -9.24 -0.09
N ARG E 177 -5.01 -9.01 1.23
CA ARG E 177 -4.80 -10.09 2.19
C ARG E 177 -5.86 -11.16 2.07
N MET E 178 -7.11 -10.76 1.84
CA MET E 178 -8.19 -11.73 1.62
C MET E 178 -7.90 -12.59 0.40
N GLN E 179 -7.45 -11.98 -0.69
CA GLN E 179 -7.15 -12.75 -1.89
C GLN E 179 -6.00 -13.72 -1.67
N ALA E 180 -4.94 -13.26 -1.01
CA ALA E 180 -3.79 -14.13 -0.76
C ALA E 180 -4.17 -15.31 0.13
N TRP E 181 -4.93 -15.05 1.19
CA TRP E 181 -5.29 -16.13 2.10
C TRP E 181 -6.35 -17.05 1.51
N ALA E 182 -7.21 -16.54 0.62
CA ALA E 182 -8.14 -17.41 -0.09
C ALA E 182 -7.40 -18.34 -1.05
N ALA E 183 -6.36 -17.84 -1.71
CA ALA E 183 -5.55 -18.70 -2.56
C ALA E 183 -4.76 -19.72 -1.74
N LYS E 184 -4.30 -19.32 -0.55
CA LYS E 184 -3.42 -20.20 0.22
C LYS E 184 -4.19 -21.28 0.98
N ALA E 185 -5.22 -20.89 1.73
CA ALA E 185 -5.92 -21.85 2.60
C ALA E 185 -6.70 -22.87 1.78
N ASN E 186 -7.47 -22.41 0.80
CA ASN E 186 -8.31 -23.31 0.01
C ASN E 186 -7.47 -24.10 -0.98
N THR E 187 -7.00 -25.27 -0.55
CA THR E 187 -6.14 -26.08 -1.41
C THR E 187 -6.93 -26.57 -2.62
N PRO E 188 -6.27 -26.74 -3.78
CA PRO E 188 -6.93 -27.31 -4.94
C PRO E 188 -7.05 -28.83 -4.82
N ALA E 189 -7.96 -29.37 -5.62
CA ALA E 189 -8.19 -30.82 -5.66
C ALA E 189 -7.22 -31.50 -6.62
N SER E 190 -5.93 -31.24 -6.44
CA SER E 190 -4.87 -31.81 -7.26
C SER E 190 -3.79 -32.38 -6.36
N ALA E 191 -2.92 -33.19 -6.96
CA ALA E 191 -1.86 -33.92 -6.26
C ALA E 191 -2.43 -34.80 -5.14
N ALA E 192 -3.64 -35.30 -5.35
CA ALA E 192 -4.32 -36.13 -4.35
C ALA E 192 -5.37 -36.99 -5.03
FE1 SF4 F . -26.87 -18.96 -19.31
FE2 SF4 F . -27.88 -17.93 -16.99
FE3 SF4 F . -28.70 -16.92 -19.39
FE4 SF4 F . -26.16 -16.44 -18.50
S1 SF4 F . -28.10 -15.73 -17.55
S2 SF4 F . -26.77 -17.08 -20.60
S3 SF4 F . -25.70 -18.40 -17.43
S4 SF4 F . -29.04 -19.04 -18.60
C1 T7R G . -26.15 -13.29 -30.05
C2 T7R G . -29.42 -16.50 -25.88
C3 T7R G . -30.55 -14.32 -25.91
C4 T7R G . -25.13 -14.21 -30.72
C5 T7R G . -31.17 -13.22 -26.58
C6 T7R G . -25.23 -15.67 -30.28
O2 T7R G . -27.37 -19.47 -30.19
O3 T7R G . -25.52 -20.36 -28.46
O4 T7R G . -27.83 -15.38 -24.48
O5 T7R G . -25.28 -12.14 -25.07
O6 T7R G . -23.99 -12.61 -22.89
C10 T7R G . -22.73 -15.89 -30.53
C14 T7R G . -20.64 -15.25 -29.55
C15 T7R G . -19.45 -15.79 -28.94
C19 T7R G . -18.28 -13.93 -30.00
C24 T7R G . -20.49 -14.21 -30.46
C28 T7R G . -22.84 -14.48 -31.16
C8 T7R G . -24.10 -16.44 -30.24
N12 T7R G . -21.90 -15.81 -29.32
N17 T7R G . -18.32 -14.96 -29.11
N20 T7R G . -17.06 -13.32 -30.14
N23 T7R G . -19.32 -13.57 -30.72
N25 T7R G . -21.59 -13.78 -31.16
O16 T7R G . -19.34 -16.87 -28.31
O29 T7R G . -23.83 -13.69 -30.47
O31 T7R G . -25.30 -10.54 -28.79
O32 T7R G . -26.09 -9.56 -31.00
O33 T7R G . -27.79 -10.58 -29.33
O34 T7R G . -26.19 -12.03 -30.73
P30 T7R G . -26.35 -10.59 -29.92
S7 T7R G . -26.81 -16.33 -29.76
S9 T7R G . -24.11 -18.16 -29.75
C11 T7R G . -25.61 -15.14 -25.28
C41 T7R G . -26.69 -16.14 -24.90
C61 T7R G . -26.99 -17.09 -26.05
C7 T7R G . -32.04 -12.54 -24.40
C9 T7R G . -30.66 -14.37 -24.51
C27 T7R G . -29.02 -16.16 -24.43
C81 T7R G . -28.26 -17.24 -26.52
N1 T7R G . -29.82 -15.29 -26.62
W1 T7R G . -26.32 -18.89 -28.91
N2 T7R G . -31.89 -12.35 -25.75
N3 T7R G . -32.89 -11.70 -23.75
N4 T7R G . -31.42 -13.51 -23.76
N5 T7R G . -30.06 -15.38 -23.82
O1 T7R G . -31.11 -12.95 -27.80
O7 T7R G . -23.06 -13.47 -25.13
O8 T7R G . -25.17 -14.46 -24.10
P1 T7R G . -24.30 -13.07 -24.29
S71 T7R G . -25.58 -17.86 -26.64
S91 T7R G . -28.52 -18.42 -27.81
MG MG H . -25.06 -11.66 -27.02
C BEZ I . -29.50 -21.62 -30.23
O1 BEZ I . -29.75 -20.55 -30.81
O2 BEZ I . -28.65 -22.39 -30.73
C1 BEZ I . -30.22 -21.98 -28.98
C2 BEZ I . -29.88 -23.15 -28.30
C3 BEZ I . -30.55 -23.49 -27.13
C4 BEZ I . -31.55 -22.66 -26.64
C5 BEZ I . -31.89 -21.50 -27.33
C6 BEZ I . -31.22 -21.16 -28.49
C1 T7R J . 35.61 -1.82 1.73
C2 T7R J . 31.26 -0.96 -2.59
C3 T7R J . 32.38 1.23 -2.50
C4 T7R J . 35.62 -3.28 2.15
C5 T7R J . 33.55 2.05 -2.52
C6 T7R J . 34.67 -4.17 1.35
O2 T7R J . 33.55 -6.07 -2.38
O3 T7R J . 31.27 -6.85 -1.19
O4 T7R J . 30.13 -0.19 -0.62
O5 T7R J . 31.43 0.91 3.18
O6 T7R J . 29.04 0.94 4.12
C10 T7R J . 34.31 -5.58 3.42
C14 T7R J . 33.26 -5.60 5.57
C15 T7R J . 32.26 -6.26 6.35
C19 T7R J . 33.71 -5.83 8.27
C24 T7R J . 34.46 -5.27 6.19
C28 T7R J . 35.44 -4.72 4.00
C8 T7R J . 34.10 -5.25 1.96
N12 T7R J . 33.09 -5.35 4.21
N17 T7R J . 32.51 -6.21 7.74
N20 T7R J . 33.84 -5.97 9.62
N23 T7R J . 34.72 -5.42 7.52
N25 T7R J . 35.48 -4.75 5.44
O16 T7R J . 31.24 -6.87 5.93
O29 T7R J . 35.36 -3.36 3.55
O31 T7R J . 35.40 0.49 3.87
O32 T7R J . 37.93 0.62 3.61
O33 T7R J . 36.38 1.34 1.66
O34 T7R J . 36.73 -1.12 2.31
P30 T7R J . 36.61 0.42 2.90
S7 T7R J . 34.28 -3.70 -0.32
S9 T7R J . 33.02 -6.37 1.11
C11 T7R J . 30.50 -1.35 1.41
C41 T7R J . 29.98 -1.47 -0.02
C61 T7R J . 30.68 -2.58 -0.77
C7 T7R J . 32.05 3.95 -2.88
C9 T7R J . 31.14 1.86 -2.59
C27 T7R J . 30.02 -0.22 -2.05
C81 T7R J . 31.30 -2.33 -1.96
N1 T7R J . 32.48 -0.17 -2.36
W1 T7R J . 32.41 -5.53 -1.16
N2 T7R J . 33.29 3.43 -2.69
N3 T7R J . 31.97 5.28 -3.19
N4 T7R J . 30.96 3.21 -2.80
N5 T7R J . 29.99 1.12 -2.55
O1 T7R J . 34.74 1.69 -2.35
O7 T7R J . 30.51 -1.15 4.44
O8 T7R J . 29.62 -0.51 2.15
P1 T7R J . 30.17 0.10 3.59
S71 T7R J . 30.64 -4.10 0.07
S91 T7R J . 32.05 -3.68 -2.79
MG MG K . 33.33 0.31 3.56
C BEZ L . 33.29 -6.90 -5.18
O1 BEZ L . 33.15 -8.04 -4.67
O2 BEZ L . 34.35 -6.27 -4.96
C1 BEZ L . 32.21 -6.30 -6.01
C2 BEZ L . 31.01 -6.98 -6.19
C3 BEZ L . 30.01 -6.41 -6.97
C4 BEZ L . 30.20 -5.17 -7.57
C5 BEZ L . 31.40 -4.50 -7.38
C6 BEZ L . 32.40 -5.06 -6.60
FE1 SF4 M . 24.19 -1.16 -1.55
FE2 SF4 M . 22.64 1.08 -1.89
FE3 SF4 M . 25.36 1.22 -2.21
FE4 SF4 M . 24.28 0.88 0.29
S1 SF4 M . 24.03 2.68 -1.08
S2 SF4 M . 26.05 -0.25 -0.62
S3 SF4 M . 22.48 -0.44 -0.20
S4 SF4 M . 23.89 0.01 -3.48
FE1 SF4 N . -23.46 -11.99 6.03
FE2 SF4 N . -22.17 -13.42 7.98
FE3 SF4 N . -23.65 -14.72 6.09
FE4 SF4 N . -24.89 -13.22 8.00
S1 SF4 N . -23.65 -15.11 8.32
S2 SF4 N . -25.35 -13.23 5.77
S3 SF4 N . -23.40 -11.52 8.26
S4 SF4 N . -21.76 -13.48 5.74
FE1 SF4 O . -11.01 -11.14 14.44
FE2 SF4 O . -12.21 -12.56 12.43
FE3 SF4 O . -9.96 -13.53 13.64
FE4 SF4 O . -9.80 -11.34 12.00
S1 SF4 O . -10.39 -13.46 11.40
S2 SF4 O . -8.81 -11.60 14.04
S3 SF4 O . -11.77 -10.32 12.45
S4 SF4 O . -11.99 -13.18 14.62
FE1 SF4 P . -13.87 0.62 16.79
FE2 SF4 P . -11.23 1.28 17.05
FE3 SF4 P . -11.95 -1.10 15.89
FE4 SF4 P . -12.30 -0.71 18.58
S1 SF4 P . -10.31 -0.77 17.45
S2 SF4 P . -13.79 -1.63 17.12
S3 SF4 P . -12.85 1.49 18.63
S4 SF4 P . -12.38 0.99 15.10
FE1 SF4 Q . -21.20 -19.35 -5.22
FE2 SF4 Q . -23.49 -20.19 -3.96
FE3 SF4 Q . -23.63 -18.33 -5.97
FE4 SF4 Q . -22.55 -17.66 -3.55
S1 SF4 Q . -24.70 -18.27 -3.96
S2 SF4 Q . -21.70 -17.16 -5.60
S3 SF4 Q . -21.52 -19.60 -2.97
S4 SF4 Q . -22.93 -20.49 -6.16
PA FAD R . -16.76 24.66 33.92
O1A FAD R . -16.25 25.07 32.59
O2A FAD R . -16.36 25.58 35.07
O5B FAD R . -18.32 24.50 33.90
C5B FAD R . -19.15 25.26 34.81
C4B FAD R . -20.02 26.21 34.04
O4B FAD R . -21.35 26.25 34.63
C3B FAD R . -19.53 27.66 34.03
O3B FAD R . -19.77 28.28 32.76
C2B FAD R . -20.36 28.31 35.14
O2B FAD R . -20.53 29.70 34.94
C1B FAD R . -21.68 27.57 34.97
N9A FAD R . -22.50 27.54 36.19
C8A FAD R . -22.06 27.68 37.47
N7A FAD R . -23.01 27.62 38.37
C5A FAD R . -24.16 27.44 37.62
C6A FAD R . -25.52 27.30 37.99
N6A FAD R . -25.96 27.33 39.24
N1A FAD R . -26.41 27.13 36.99
C2A FAD R . -25.98 27.10 35.73
N3A FAD R . -24.73 27.23 35.26
C4A FAD R . -23.87 27.39 36.27
N1 FAD R . -8.70 26.19 35.15
C2 FAD R . -8.54 27.51 35.44
O2 FAD R . -9.42 28.16 36.01
N3 FAD R . -7.37 28.15 35.09
C4 FAD R . -6.30 27.59 34.44
O4 FAD R . -5.31 28.27 34.19
C4X FAD R . -6.48 26.18 34.13
N5 FAD R . -5.51 25.57 33.53
C5X FAD R . -5.67 24.23 33.23
C6 FAD R . -4.65 23.56 32.57
C7 FAD R . -4.76 22.21 32.25
C7M FAD R . -3.62 21.52 31.54
C8 FAD R . -5.93 21.51 32.58
C8M FAD R . -6.08 20.05 32.25
C9 FAD R . -6.96 22.18 33.23
C9A FAD R . -6.84 23.53 33.56
N10 FAD R . -7.87 24.24 34.22
C10 FAD R . -7.71 25.57 34.53
C1' FAD R . -9.12 23.57 34.61
C2' FAD R . -10.13 23.44 33.47
O2' FAD R . -10.00 24.55 32.57
C3' FAD R . -11.55 23.43 34.04
O3' FAD R . -11.48 23.29 35.46
C4' FAD R . -12.45 22.33 33.49
O4' FAD R . -11.75 21.63 32.46
C5' FAD R . -13.78 22.85 32.99
O5' FAD R . -14.73 21.76 32.94
P FAD R . -16.24 21.98 33.28
O1P FAD R . -17.07 22.38 32.05
O2P FAD R . -16.80 20.79 33.95
O3P FAD R . -16.22 23.20 34.27
FE1 SF4 S . 3.46 13.98 5.08
FE2 SF4 S . 0.86 13.24 5.46
FE3 SF4 S . 2.39 11.97 3.57
FE4 SF4 S . 1.59 14.55 3.17
S1 SF4 S . 0.25 12.73 3.32
S2 SF4 S . 3.67 13.70 2.83
S3 SF4 S . 1.67 15.37 5.30
S4 SF4 S . 2.70 11.97 5.82
FE1 SF4 T . -4.63 11.05 17.30
FE2 SF4 T . -4.90 11.43 14.61
FE3 SF4 T . -6.42 12.89 16.35
FE4 SF4 T . -6.89 10.21 16.02
S1 SF4 T . -7.13 11.85 14.45
S2 SF4 T . -6.77 11.35 17.99
S3 SF4 T . -4.76 9.44 15.70
S4 SF4 T . -4.16 12.95 16.12
FE1 SF4 U . -5.65 23.13 20.41
FE2 SF4 U . -3.11 24.01 19.91
FE3 SF4 U . -3.53 21.39 20.56
FE4 SF4 U . -3.86 23.33 22.45
S1 SF4 U . -1.92 22.76 21.40
S2 SF4 U . -5.26 21.59 22.04
S3 SF4 U . -4.69 25.03 21.20
S4 SF4 U . -4.28 22.48 18.71
FE1 SF4 V . 9.95 2.89 3.76
FE2 SF4 V . 11.59 4.32 2.09
FE3 SF4 V . 9.54 5.58 3.42
FE4 SF4 V . 8.99 3.84 1.38
S1 SF4 V . 10.10 5.82 1.23
S2 SF4 V . 7.96 3.94 3.41
S3 SF4 V . 10.64 2.29 1.68
S4 SF4 V . 11.36 4.58 4.35
#